data_6TJ9
#
_entry.id   6TJ9
#
_cell.length_a   89.760
_cell.length_b   102.080
_cell.length_c   133.130
_cell.angle_alpha   90.000
_cell.angle_beta   90.000
_cell.angle_gamma   90.000
#
_symmetry.space_group_name_H-M   'P 21 21 21'
#
loop_
_entity.id
_entity.type
_entity.pdbx_description
1 polymer 'Transketolase 1'
2 non-polymer 5-O-phosphono-D-xylulose
3 non-polymer '2-[3-[(4-azanyl-2-methoxy-pyrimidin-5-yl)methyl]-4-methyl-1,3-thiazol-5-yl]ethyl phosphono hydrogen phosphate'
4 non-polymer 'CALCIUM ION'
5 non-polymer 1,2-ETHANEDIOL
6 non-polymer 'SODIUM ION'
7 water water
#
_entity_poly.entity_id   1
_entity_poly.type   'polypeptide(L)'
_entity_poly.pdbx_seq_one_letter_code
;MSSRKELANAIRALSMDAVQKAKSGHPGAPMGMADIAEVLWRDFLKHNPQNPSWADRDRFVLSNGHGSMLIYSLLHLTGY
DLPMEELKNFRQLHSKTPGHPEVGYTAGVETTTGPLGQGIANAVGMAIAEKTLAAQFNRPGHDIVDHYTYAFMGDGCMME
GISHEVCSLAGTLKLGKLIAFYDDNGISIDGHVEGWFTDDTAMRFEAYGWHVIRDIDGHDAASIKRAVEEARAVTDKPSL
LMCKTIIGFGSPNKAGTHDSHGAPLGDAEIALTREQLGWKYAPFEIPSEIYAQWDAKEAGQAKESAWNEKFAAYAKAYPQ
EAAEFTRRMKGEMPSDFDAKAKEFIAKLQANPAKIASRKASQNAIEAFGPLLPEFLGGSADLAPSNLTLWSGSKAINEDA
AGNYIHYGVREFGMTAIANGISLHGGFLPYTSTFLMFVEYARNAVRMAALMKQRQVMVYTHDSIGLGEDGPTHQPVEQVA
SLRVTPNMSTWRPCDQVESAVAWKYGVERQDGPTALILSRQNLAQQERTEEQLANIARGGYVLKDCAGQPELIFIATGSE
VELAVAAYEKLTAEGVKARVVSMPSTDAFDKQDAAYRESVLPKAVTARVAVEAGIADYWYKYVGLNGAIVGMTTFGESAP
AELLFEEFGFTVDNVVAKAKELLHHHHHH
;
_entity_poly.pdbx_strand_id   A,B
#
loop_
_chem_comp.id
_chem_comp.type
_chem_comp.name
_chem_comp.formula
5SP saccharide 5-O-phosphono-D-xylulose 'C5 H11 O8 P'
CA non-polymer 'CALCIUM ION' 'Ca 2'
EDO non-polymer 1,2-ETHANEDIOL 'C2 H6 O2'
NA non-polymer 'SODIUM ION' 'Na 1'
NDQ non-polymer '2-[3-[(4-azanyl-2-methoxy-pyrimidin-5-yl)methyl]-4-methyl-1,3-thiazol-5-yl]ethyl phosphono hydrogen phosphate' 'C12 H19 N4 O8 P2 S 1'
#
# COMPACT_ATOMS: atom_id res chain seq x y z
N SER A 2 -11.35 36.13 -29.61
CA SER A 2 -10.69 34.95 -30.14
C SER A 2 -11.66 33.78 -30.10
N SER A 3 -11.42 32.81 -30.97
CA SER A 3 -12.22 31.59 -30.95
C SER A 3 -11.90 30.75 -29.72
N ARG A 4 -12.83 29.87 -29.38
CA ARG A 4 -12.58 28.97 -28.26
C ARG A 4 -11.39 28.09 -28.52
N LYS A 5 -11.20 27.66 -29.77
N LYS A 5 -11.22 27.63 -29.76
CA LYS A 5 -10.02 26.83 -30.09
CA LYS A 5 -10.05 26.81 -30.07
C LYS A 5 -8.73 27.63 -29.90
C LYS A 5 -8.77 27.58 -29.81
N GLU A 6 -8.72 28.92 -30.27
N GLU A 6 -8.71 28.84 -30.26
CA GLU A 6 -7.54 29.74 -30.03
CA GLU A 6 -7.52 29.66 -30.00
C GLU A 6 -7.26 29.91 -28.53
C GLU A 6 -7.27 29.81 -28.51
N LEU A 7 -8.32 30.05 -27.73
CA LEU A 7 -8.16 30.16 -26.28
C LEU A 7 -7.59 28.88 -25.69
N ALA A 8 -8.10 27.73 -26.14
CA ALA A 8 -7.55 26.45 -25.71
C ALA A 8 -6.11 26.27 -26.18
N ASN A 9 -5.80 26.75 -27.38
CA ASN A 9 -4.44 26.62 -27.88
C ASN A 9 -3.43 27.39 -27.07
N ALA A 10 -3.84 28.40 -26.31
CA ALA A 10 -2.94 29.07 -25.41
C ALA A 10 -2.41 28.10 -24.35
N ILE A 11 -3.26 27.21 -23.86
CA ILE A 11 -2.80 26.16 -22.96
C ILE A 11 -1.80 25.25 -23.65
N ARG A 12 -2.11 24.86 -24.87
CA ARG A 12 -1.22 23.98 -25.62
C ARG A 12 0.16 24.61 -25.77
N ALA A 13 0.20 25.87 -26.18
CA ALA A 13 1.47 26.55 -26.40
C ALA A 13 2.25 26.67 -25.10
N LEU A 14 1.63 27.18 -24.03
CA LEU A 14 2.35 27.34 -22.78
C LEU A 14 2.87 25.99 -22.29
N SER A 15 2.06 24.96 -22.45
CA SER A 15 2.44 23.65 -21.93
C SER A 15 3.61 23.06 -22.72
N MET A 16 3.52 23.02 -24.05
CA MET A 16 4.62 22.44 -24.81
C MET A 16 5.89 23.26 -24.63
N ASP A 17 5.77 24.59 -24.58
CA ASP A 17 6.95 25.44 -24.47
C ASP A 17 7.57 25.32 -23.09
N ALA A 18 6.76 25.24 -22.03
CA ALA A 18 7.34 25.15 -20.69
C ALA A 18 8.04 23.81 -20.50
N VAL A 19 7.46 22.72 -21.02
CA VAL A 19 8.11 21.41 -20.99
C VAL A 19 9.42 21.47 -21.77
N GLN A 20 9.40 22.12 -22.92
CA GLN A 20 10.61 22.18 -23.75
C GLN A 20 11.71 22.93 -23.03
N LYS A 21 11.38 24.05 -22.40
CA LYS A 21 12.40 24.84 -21.70
C LYS A 21 12.97 24.08 -20.52
N ALA A 22 12.14 23.33 -19.81
CA ALA A 22 12.62 22.51 -18.70
C ALA A 22 13.37 21.27 -19.17
N LYS A 23 13.22 20.89 -20.42
N LYS A 23 13.22 20.91 -20.43
CA LYS A 23 13.74 19.64 -20.94
CA LYS A 23 13.74 19.65 -20.95
C LYS A 23 13.18 18.43 -20.21
C LYS A 23 13.22 18.48 -20.12
N SER A 24 11.98 18.59 -19.65
CA SER A 24 11.40 17.60 -18.75
C SER A 24 9.92 17.88 -18.64
N GLY A 25 9.12 16.81 -18.60
CA GLY A 25 7.70 16.91 -18.31
C GLY A 25 6.84 16.30 -19.38
N HIS A 26 5.56 16.62 -19.30
CA HIS A 26 4.49 15.82 -19.92
C HIS A 26 3.61 16.74 -20.76
N PRO A 27 3.85 16.81 -22.07
CA PRO A 27 3.04 17.69 -22.91
C PRO A 27 1.74 17.07 -23.37
N GLY A 28 1.65 15.74 -23.37
CA GLY A 28 0.56 15.07 -24.07
C GLY A 28 -0.81 15.34 -23.47
N ALA A 29 -0.96 15.10 -22.17
CA ALA A 29 -2.27 15.28 -21.55
C ALA A 29 -2.71 16.74 -21.55
N PRO A 30 -1.85 17.72 -21.27
CA PRO A 30 -2.30 19.11 -21.37
C PRO A 30 -2.81 19.43 -22.77
N MET A 31 -2.10 18.96 -23.79
CA MET A 31 -2.53 19.23 -25.15
C MET A 31 -3.83 18.50 -25.47
N GLY A 32 -4.00 17.30 -24.95
CA GLY A 32 -5.20 16.54 -25.20
C GLY A 32 -6.43 17.08 -24.50
N MET A 33 -6.25 17.69 -23.31
N MET A 33 -6.27 17.69 -23.31
CA MET A 33 -7.37 18.13 -22.48
CA MET A 33 -7.42 18.13 -22.53
C MET A 33 -7.68 19.61 -22.61
C MET A 33 -7.62 19.64 -22.53
N ALA A 34 -6.93 20.37 -23.40
CA ALA A 34 -7.06 21.83 -23.37
C ALA A 34 -8.45 22.31 -23.75
N ASP A 35 -9.12 21.67 -24.72
CA ASP A 35 -10.45 22.13 -25.11
C ASP A 35 -11.46 21.88 -24.00
N ILE A 36 -11.35 20.75 -23.31
CA ILE A 36 -12.22 20.46 -22.18
C ILE A 36 -12.01 21.47 -21.07
N ALA A 37 -10.74 21.77 -20.77
CA ALA A 37 -10.41 22.74 -19.73
C ALA A 37 -10.95 24.12 -20.07
N GLU A 38 -10.86 24.53 -21.33
CA GLU A 38 -11.35 25.84 -21.73
C GLU A 38 -12.85 25.95 -21.45
N VAL A 39 -13.62 24.93 -21.81
CA VAL A 39 -15.06 24.99 -21.56
C VAL A 39 -15.32 24.98 -20.05
N LEU A 40 -14.72 24.04 -19.33
CA LEU A 40 -15.02 23.94 -17.89
C LEU A 40 -14.67 25.22 -17.17
N TRP A 41 -13.44 25.70 -17.36
CA TRP A 41 -12.99 26.85 -16.60
C TRP A 41 -13.68 28.12 -17.05
N ARG A 42 -13.86 28.35 -18.34
CA ARG A 42 -14.43 29.63 -18.75
C ARG A 42 -15.93 29.69 -18.58
N ASP A 43 -16.65 28.57 -18.75
CA ASP A 43 -18.10 28.62 -18.74
C ASP A 43 -18.75 28.16 -17.44
N PHE A 44 -18.07 27.37 -16.64
CA PHE A 44 -18.72 26.77 -15.48
C PHE A 44 -18.05 27.02 -14.15
N LEU A 45 -16.73 26.96 -14.06
CA LEU A 45 -16.07 26.93 -12.76
C LEU A 45 -16.30 28.23 -11.98
N LYS A 46 -16.71 28.08 -10.73
CA LYS A 46 -16.96 29.20 -9.84
C LYS A 46 -15.75 29.37 -8.92
N HIS A 47 -15.00 30.44 -9.12
CA HIS A 47 -13.73 30.60 -8.40
C HIS A 47 -13.32 32.06 -8.45
N ASN A 48 -12.46 32.43 -7.51
CA ASN A 48 -11.92 33.78 -7.45
C ASN A 48 -10.41 33.75 -7.40
N PRO A 49 -9.72 34.07 -8.50
CA PRO A 49 -8.25 34.08 -8.47
C PRO A 49 -7.66 34.96 -7.38
N GLN A 50 -8.38 36.00 -6.96
N GLN A 50 -8.38 36.02 -6.97
CA GLN A 50 -7.90 36.90 -5.93
CA GLN A 50 -7.86 36.88 -5.93
C GLN A 50 -8.03 36.33 -4.53
C GLN A 50 -7.90 36.23 -4.56
N ASN A 51 -8.76 35.23 -4.35
CA ASN A 51 -8.83 34.53 -3.07
C ASN A 51 -9.02 33.05 -3.31
N PRO A 52 -7.92 32.33 -3.49
CA PRO A 52 -7.99 30.87 -3.67
C PRO A 52 -8.53 30.13 -2.48
N SER A 53 -8.70 30.77 -1.33
CA SER A 53 -9.22 30.11 -0.14
C SER A 53 -10.70 30.40 0.09
N TRP A 54 -11.38 31.04 -0.85
CA TRP A 54 -12.82 31.31 -0.70
C TRP A 54 -13.55 30.02 -0.33
N ALA A 55 -14.30 30.05 0.77
CA ALA A 55 -14.86 28.82 1.33
C ALA A 55 -15.80 28.11 0.38
N ASP A 56 -16.53 28.86 -0.44
CA ASP A 56 -17.59 28.29 -1.28
C ASP A 56 -17.20 28.14 -2.75
N ARG A 57 -15.91 28.25 -3.06
CA ARG A 57 -15.46 28.04 -4.43
C ARG A 57 -15.74 26.59 -4.87
N ASP A 58 -15.90 26.40 -6.17
CA ASP A 58 -15.81 25.06 -6.71
C ASP A 58 -14.38 24.56 -6.51
N ARG A 59 -14.23 23.24 -6.39
CA ARG A 59 -12.92 22.60 -6.31
C ARG A 59 -12.63 21.86 -7.61
N PHE A 60 -11.44 22.07 -8.17
CA PHE A 60 -10.96 21.34 -9.34
C PHE A 60 -9.77 20.48 -8.94
N VAL A 61 -9.76 19.23 -9.41
CA VAL A 61 -8.68 18.30 -9.12
C VAL A 61 -8.16 17.67 -10.42
N LEU A 62 -6.86 17.71 -10.61
CA LEU A 62 -6.16 17.09 -11.74
C LEU A 62 -5.61 15.74 -11.25
N SER A 63 -6.39 14.66 -11.41
CA SER A 63 -5.94 13.36 -10.95
C SER A 63 -4.81 12.81 -11.81
N ASN A 64 -4.83 13.11 -13.10
CA ASN A 64 -3.74 12.81 -14.02
C ASN A 64 -2.70 13.92 -13.90
N GLY A 65 -2.06 13.97 -12.73
CA GLY A 65 -1.25 15.10 -12.28
C GLY A 65 0.03 15.31 -13.04
N HIS A 66 0.49 14.29 -13.77
CA HIS A 66 1.63 14.49 -14.65
C HIS A 66 1.37 15.60 -15.64
N GLY A 67 0.10 15.84 -15.98
CA GLY A 67 -0.26 16.95 -16.86
C GLY A 67 -0.27 18.30 -16.17
N SER A 68 0.72 18.53 -15.30
CA SER A 68 0.77 19.71 -14.44
C SER A 68 0.76 21.02 -15.22
N MET A 69 1.35 21.07 -16.41
CA MET A 69 1.30 22.33 -17.15
C MET A 69 -0.12 22.71 -17.52
N LEU A 70 -1.06 21.78 -17.56
CA LEU A 70 -2.46 22.16 -17.78
C LEU A 70 -2.95 23.07 -16.66
N ILE A 71 -2.75 22.66 -15.41
N ILE A 71 -2.77 22.65 -15.41
CA ILE A 71 -3.24 23.48 -14.31
CA ILE A 71 -3.24 23.46 -14.30
C ILE A 71 -2.44 24.77 -14.18
C ILE A 71 -2.44 24.76 -14.17
N TYR A 72 -1.12 24.72 -14.39
CA TYR A 72 -0.36 25.96 -14.33
C TYR A 72 -0.80 26.95 -15.41
N SER A 73 -1.08 26.44 -16.62
CA SER A 73 -1.58 27.33 -17.67
C SER A 73 -2.90 27.95 -17.26
N LEU A 74 -3.82 27.14 -16.73
CA LEU A 74 -5.13 27.65 -16.34
C LEU A 74 -5.02 28.70 -15.25
N LEU A 75 -4.20 28.44 -14.23
CA LEU A 75 -4.04 29.38 -13.13
C LEU A 75 -3.41 30.67 -13.61
N HIS A 76 -2.41 30.58 -14.47
CA HIS A 76 -1.80 31.78 -15.01
C HIS A 76 -2.79 32.57 -15.86
N LEU A 77 -3.46 31.90 -16.79
CA LEU A 77 -4.32 32.60 -17.74
C LEU A 77 -5.51 33.25 -17.04
N THR A 78 -6.05 32.61 -16.01
CA THR A 78 -7.25 33.14 -15.35
C THR A 78 -6.94 34.20 -14.30
N GLY A 79 -5.68 34.47 -14.01
CA GLY A 79 -5.32 35.59 -13.18
C GLY A 79 -4.89 35.28 -11.76
N TYR A 80 -4.60 34.03 -11.44
CA TYR A 80 -4.01 33.71 -10.15
C TYR A 80 -2.60 34.30 -10.07
N ASP A 81 -2.07 34.35 -8.84
CA ASP A 81 -0.71 34.83 -8.61
C ASP A 81 0.31 33.76 -9.02
N LEU A 82 0.45 33.61 -10.33
CA LEU A 82 1.37 32.62 -10.91
C LEU A 82 1.90 33.23 -12.19
N PRO A 83 2.93 34.07 -12.07
CA PRO A 83 3.40 34.84 -13.22
C PRO A 83 4.09 33.97 -14.27
N MET A 84 4.25 34.56 -15.45
CA MET A 84 4.90 33.88 -16.55
C MET A 84 6.28 33.38 -16.16
N GLU A 85 7.02 34.14 -15.34
N GLU A 85 7.02 34.18 -15.37
CA GLU A 85 8.36 33.70 -14.96
CA GLU A 85 8.34 33.75 -14.89
C GLU A 85 8.33 32.40 -14.17
C GLU A 85 8.26 32.36 -14.27
N GLU A 86 7.24 32.11 -13.46
CA GLU A 86 7.12 30.80 -12.82
C GLU A 86 6.91 29.69 -13.86
N LEU A 87 6.13 29.94 -14.90
N LEU A 87 6.12 29.95 -14.90
CA LEU A 87 5.97 28.94 -15.94
CA LEU A 87 5.98 28.95 -15.96
C LEU A 87 7.27 28.70 -16.68
C LEU A 87 7.32 28.67 -16.63
N LYS A 88 8.13 29.73 -16.80
CA LYS A 88 9.46 29.59 -17.37
C LYS A 88 10.43 28.88 -16.43
N ASN A 89 10.00 28.61 -15.20
N ASN A 89 10.00 28.59 -15.20
CA ASN A 89 10.79 27.90 -14.20
CA ASN A 89 10.78 27.86 -14.22
C ASN A 89 10.13 26.56 -13.83
C ASN A 89 10.06 26.59 -13.79
N PHE A 90 9.27 26.04 -14.70
CA PHE A 90 8.67 24.73 -14.50
C PHE A 90 9.75 23.71 -14.19
N ARG A 91 9.51 22.92 -13.14
CA ARG A 91 10.39 21.82 -12.74
C ARG A 91 11.76 22.28 -12.24
N GLN A 92 11.92 23.57 -11.91
CA GLN A 92 13.17 24.10 -11.39
C GLN A 92 13.10 24.28 -9.89
N LEU A 93 14.27 24.20 -9.25
CA LEU A 93 14.34 24.22 -7.80
C LEU A 93 13.63 25.44 -7.21
N HIS A 94 12.73 25.17 -6.27
CA HIS A 94 11.98 26.16 -5.50
C HIS A 94 11.02 26.99 -6.33
N SER A 95 10.69 26.57 -7.55
CA SER A 95 9.68 27.29 -8.29
C SER A 95 8.29 26.99 -7.76
N LYS A 96 7.33 27.81 -8.17
CA LYS A 96 5.92 27.58 -7.90
C LYS A 96 5.28 26.62 -8.89
N THR A 97 6.10 25.98 -9.74
CA THR A 97 5.61 25.09 -10.79
C THR A 97 6.37 23.77 -10.74
N PRO A 98 6.23 23.01 -9.65
CA PRO A 98 6.86 21.70 -9.58
C PRO A 98 6.26 20.73 -10.60
N GLY A 99 7.00 19.67 -10.87
CA GLY A 99 6.63 18.75 -11.93
C GLY A 99 5.30 18.07 -11.78
N HIS A 100 4.86 17.82 -10.55
CA HIS A 100 3.50 17.42 -10.24
C HIS A 100 2.93 18.49 -9.31
N PRO A 101 1.66 18.82 -9.41
CA PRO A 101 1.16 19.96 -8.63
C PRO A 101 1.15 19.63 -7.15
N GLU A 102 1.47 20.65 -6.36
N GLU A 102 1.43 20.66 -6.35
CA GLU A 102 1.55 20.55 -4.91
CA GLU A 102 1.56 20.51 -4.89
C GLU A 102 0.64 21.60 -4.28
C GLU A 102 0.77 21.59 -4.17
N VAL A 103 -0.18 21.15 -3.33
CA VAL A 103 -0.96 22.10 -2.54
C VAL A 103 -0.02 22.87 -1.62
N GLY A 104 -0.27 24.16 -1.47
CA GLY A 104 0.57 25.04 -0.71
C GLY A 104 1.68 25.74 -1.51
N TYR A 105 2.09 25.16 -2.66
CA TYR A 105 3.22 25.71 -3.43
C TYR A 105 2.76 26.76 -4.41
N THR A 106 1.48 26.77 -4.67
CA THR A 106 1.01 27.38 -5.88
C THR A 106 -0.41 27.82 -5.62
N ALA A 107 -0.70 29.10 -5.85
CA ALA A 107 -2.04 29.62 -5.66
C ALA A 107 -3.02 28.87 -6.53
N GLY A 108 -4.09 28.35 -5.91
CA GLY A 108 -5.15 27.67 -6.63
C GLY A 108 -5.03 26.18 -6.77
N VAL A 109 -3.90 25.57 -6.42
CA VAL A 109 -3.78 24.12 -6.47
C VAL A 109 -4.45 23.52 -5.23
N GLU A 110 -5.38 22.59 -5.43
CA GLU A 110 -6.22 22.14 -4.33
C GLU A 110 -5.69 20.92 -3.59
N THR A 111 -4.82 20.15 -4.23
CA THR A 111 -4.30 18.90 -3.71
C THR A 111 -2.99 18.61 -4.44
N THR A 112 -2.19 17.72 -3.86
CA THR A 112 -0.97 17.24 -4.48
C THR A 112 -1.28 15.95 -5.18
N THR A 113 -1.06 15.90 -6.49
CA THR A 113 -1.30 14.68 -7.26
C THR A 113 -0.01 14.24 -7.95
N GLY A 114 -0.06 13.14 -8.71
N GLY A 114 -0.16 13.24 -8.79
CA GLY A 114 1.14 12.51 -9.24
CA GLY A 114 0.95 12.50 -9.33
C GLY A 114 1.13 11.00 -9.08
C GLY A 114 0.64 11.03 -9.19
N PRO A 115 0.68 10.55 -7.93
CA PRO A 115 0.39 9.11 -7.71
C PRO A 115 -1.02 8.85 -8.23
N LEU A 116 -1.11 8.01 -9.25
CA LEU A 116 -2.36 7.85 -9.97
C LEU A 116 -3.48 7.34 -9.08
N GLY A 117 -4.68 7.80 -9.39
CA GLY A 117 -5.88 7.42 -8.68
C GLY A 117 -6.17 8.24 -7.42
N GLN A 118 -5.16 8.83 -6.80
CA GLN A 118 -5.44 9.52 -5.55
C GLN A 118 -6.16 10.85 -5.76
N GLY A 119 -6.00 11.51 -6.90
CA GLY A 119 -6.75 12.73 -7.13
C GLY A 119 -8.24 12.51 -7.16
N ILE A 120 -8.71 11.49 -7.89
CA ILE A 120 -10.14 11.23 -7.91
C ILE A 120 -10.61 10.88 -6.50
N ALA A 121 -9.81 10.15 -5.73
CA ALA A 121 -10.18 9.87 -4.34
C ALA A 121 -10.31 11.17 -3.53
N ASN A 122 -9.34 12.07 -3.68
CA ASN A 122 -9.42 13.35 -2.98
C ASN A 122 -10.68 14.11 -3.38
N ALA A 123 -11.01 14.08 -4.68
CA ALA A 123 -12.20 14.76 -5.17
C ALA A 123 -13.46 14.17 -4.54
N VAL A 124 -13.52 12.84 -4.43
CA VAL A 124 -14.65 12.22 -3.75
C VAL A 124 -14.76 12.76 -2.33
N GLY A 125 -13.63 12.87 -1.62
CA GLY A 125 -13.66 13.45 -0.29
C GLY A 125 -14.11 14.89 -0.24
N MET A 126 -13.66 15.70 -1.20
CA MET A 126 -14.11 17.08 -1.28
C MET A 126 -15.61 17.16 -1.52
N ALA A 127 -16.13 16.26 -2.34
CA ALA A 127 -17.57 16.25 -2.60
C ALA A 127 -18.36 15.76 -1.38
N ILE A 128 -17.84 14.77 -0.67
CA ILE A 128 -18.45 14.36 0.59
C ILE A 128 -18.46 15.52 1.56
N ALA A 129 -17.35 16.24 1.65
CA ALA A 129 -17.27 17.38 2.55
C ALA A 129 -18.31 18.44 2.21
N GLU A 130 -18.44 18.79 0.92
CA GLU A 130 -19.40 19.81 0.54
C GLU A 130 -20.82 19.36 0.90
N LYS A 131 -21.15 18.11 0.61
CA LYS A 131 -22.50 17.63 0.85
C LYS A 131 -22.83 17.65 2.33
N THR A 132 -21.88 17.19 3.15
CA THR A 132 -22.08 17.11 4.58
C THR A 132 -22.13 18.50 5.19
N LEU A 133 -21.24 19.38 4.76
CA LEU A 133 -21.20 20.74 5.30
C LEU A 133 -22.47 21.49 4.93
N ALA A 134 -22.96 21.31 3.71
CA ALA A 134 -24.23 21.92 3.31
C ALA A 134 -25.37 21.42 4.18
N ALA A 135 -25.43 20.12 4.41
CA ALA A 135 -26.48 19.56 5.24
C ALA A 135 -26.40 20.09 6.68
N GLN A 136 -25.19 20.24 7.21
CA GLN A 136 -25.01 20.73 8.57
C GLN A 136 -25.37 22.21 8.69
N PHE A 137 -24.98 23.04 7.71
CA PHE A 137 -25.04 24.49 7.89
C PHE A 137 -26.14 25.19 7.11
N ASN A 138 -26.57 24.68 5.97
CA ASN A 138 -27.56 25.44 5.21
C ASN A 138 -28.88 25.48 5.98
N ARG A 139 -29.60 26.57 5.82
CA ARG A 139 -30.88 26.78 6.48
C ARG A 139 -31.84 27.35 5.46
N PRO A 140 -33.15 27.30 5.74
CA PRO A 140 -34.11 27.77 4.74
C PRO A 140 -33.85 29.24 4.41
N GLY A 141 -33.70 29.53 3.13
CA GLY A 141 -33.38 30.87 2.70
C GLY A 141 -31.91 31.23 2.75
N HIS A 142 -31.05 30.30 3.19
CA HIS A 142 -29.63 30.59 3.45
C HIS A 142 -28.77 29.38 3.05
N ASP A 143 -28.53 29.21 1.76
N ASP A 143 -28.56 29.22 1.75
CA ASP A 143 -27.72 28.08 1.29
CA ASP A 143 -27.71 28.16 1.22
C ASP A 143 -26.27 28.52 1.10
C ASP A 143 -26.29 28.71 1.12
N ILE A 144 -25.57 28.66 2.23
CA ILE A 144 -24.20 29.18 2.26
C ILE A 144 -23.17 28.20 1.72
N VAL A 145 -23.51 26.92 1.63
CA VAL A 145 -22.62 25.92 1.03
C VAL A 145 -23.29 25.39 -0.22
N ASP A 146 -22.67 25.65 -1.37
CA ASP A 146 -23.23 25.19 -2.64
C ASP A 146 -22.11 25.27 -3.69
N HIS A 147 -21.35 24.18 -3.86
CA HIS A 147 -20.30 24.20 -4.85
C HIS A 147 -20.06 22.80 -5.39
N TYR A 148 -19.49 22.78 -6.59
CA TYR A 148 -19.18 21.56 -7.33
C TYR A 148 -17.74 21.13 -7.09
N THR A 149 -17.51 19.85 -7.36
CA THR A 149 -16.18 19.25 -7.37
C THR A 149 -15.98 18.64 -8.75
N TYR A 150 -15.01 19.17 -9.49
CA TYR A 150 -14.70 18.71 -10.83
C TYR A 150 -13.35 18.03 -10.82
N ALA A 151 -13.24 16.88 -11.49
CA ALA A 151 -11.99 16.16 -11.54
C ALA A 151 -11.69 15.77 -12.97
N PHE A 152 -10.42 15.85 -13.35
CA PHE A 152 -9.90 15.26 -14.58
C PHE A 152 -9.14 13.99 -14.20
N MET A 153 -9.26 12.94 -15.02
CA MET A 153 -8.56 11.70 -14.76
C MET A 153 -8.35 10.98 -16.07
N GLY A 154 -7.35 10.11 -16.11
CA GLY A 154 -6.98 9.38 -17.31
C GLY A 154 -7.07 7.88 -17.14
N ASP A 155 -6.45 7.17 -18.10
CA ASP A 155 -6.48 5.72 -18.08
C ASP A 155 -5.80 5.15 -16.84
N GLY A 156 -4.73 5.79 -16.39
CA GLY A 156 -4.04 5.27 -15.23
C GLY A 156 -4.90 5.30 -13.98
N CYS A 157 -5.58 6.43 -13.75
CA CYS A 157 -6.46 6.50 -12.61
C CYS A 157 -7.58 5.46 -12.71
N MET A 158 -8.11 5.24 -13.94
CA MET A 158 -9.17 4.26 -14.13
C MET A 158 -8.71 2.84 -13.88
N MET A 159 -7.47 2.51 -14.22
CA MET A 159 -6.98 1.15 -13.99
C MET A 159 -6.72 0.89 -12.51
N GLU A 160 -6.28 1.91 -11.78
CA GLU A 160 -5.94 1.73 -10.37
C GLU A 160 -7.14 1.26 -9.56
N GLY A 161 -6.88 0.36 -8.63
CA GLY A 161 -7.93 -0.13 -7.76
C GLY A 161 -8.60 0.95 -6.95
N ILE A 162 -7.85 1.99 -6.56
CA ILE A 162 -8.46 3.01 -5.72
C ILE A 162 -9.63 3.65 -6.42
N SER A 163 -9.62 3.73 -7.75
CA SER A 163 -10.77 4.31 -8.44
C SER A 163 -12.04 3.51 -8.20
N HIS A 164 -11.92 2.18 -8.16
CA HIS A 164 -13.05 1.33 -7.82
C HIS A 164 -13.55 1.61 -6.42
N GLU A 165 -12.64 1.73 -5.46
CA GLU A 165 -13.08 1.97 -4.09
C GLU A 165 -13.86 3.28 -4.00
N VAL A 166 -13.27 4.37 -4.49
CA VAL A 166 -13.87 5.66 -4.22
C VAL A 166 -15.06 5.94 -5.10
N CYS A 167 -15.06 5.44 -6.33
CA CYS A 167 -16.19 5.70 -7.21
C CYS A 167 -17.37 4.82 -6.86
N SER A 168 -17.14 3.60 -6.36
CA SER A 168 -18.22 2.81 -5.80
C SER A 168 -18.90 3.54 -4.66
N LEU A 169 -18.10 4.05 -3.71
CA LEU A 169 -18.66 4.74 -2.56
C LEU A 169 -19.34 6.03 -2.97
N ALA A 170 -18.79 6.76 -3.93
CA ALA A 170 -19.42 7.99 -4.39
C ALA A 170 -20.81 7.71 -4.95
N GLY A 171 -20.97 6.56 -5.61
CA GLY A 171 -22.28 6.17 -6.09
C GLY A 171 -23.26 5.91 -4.96
N THR A 172 -22.82 5.16 -3.94
CA THR A 172 -23.68 4.93 -2.79
C THR A 172 -24.13 6.22 -2.13
N LEU A 173 -23.22 7.19 -2.03
CA LEU A 173 -23.49 8.45 -1.36
C LEU A 173 -24.15 9.48 -2.27
N LYS A 174 -24.44 9.13 -3.52
CA LYS A 174 -25.27 9.97 -4.38
C LYS A 174 -24.69 11.39 -4.50
N LEU A 175 -23.40 11.46 -4.83
CA LEU A 175 -22.67 12.73 -4.85
C LEU A 175 -22.91 13.46 -6.17
N GLY A 176 -24.10 14.08 -6.28
CA GLY A 176 -24.50 14.74 -7.50
C GLY A 176 -23.70 15.95 -7.92
N LYS A 177 -22.90 16.53 -7.02
CA LYS A 177 -22.07 17.66 -7.39
C LYS A 177 -20.65 17.27 -7.74
N LEU A 178 -20.37 15.96 -7.83
CA LEU A 178 -19.10 15.46 -8.33
C LEU A 178 -19.24 15.15 -9.81
N ILE A 179 -18.39 15.79 -10.61
CA ILE A 179 -18.39 15.63 -12.06
C ILE A 179 -16.96 15.35 -12.48
N ALA A 180 -16.73 14.15 -13.04
CA ALA A 180 -15.42 13.71 -13.47
C ALA A 180 -15.37 13.63 -14.98
N PHE A 181 -14.23 14.02 -15.53
CA PHE A 181 -13.95 13.98 -16.96
C PHE A 181 -12.85 12.96 -17.17
N TYR A 182 -13.15 11.93 -17.94
CA TYR A 182 -12.19 10.88 -18.28
C TYR A 182 -11.56 11.22 -19.61
N ASP A 183 -10.24 11.39 -19.60
CA ASP A 183 -9.43 11.65 -20.77
C ASP A 183 -9.20 10.32 -21.51
N ASP A 184 -10.14 9.99 -22.36
CA ASP A 184 -10.20 8.68 -23.01
C ASP A 184 -9.43 8.78 -24.32
N ASN A 185 -8.10 8.64 -24.21
CA ASN A 185 -7.19 8.89 -25.32
C ASN A 185 -6.51 7.64 -25.87
N GLY A 186 -6.79 6.47 -25.31
CA GLY A 186 -6.31 5.23 -25.86
C GLY A 186 -4.84 4.92 -25.67
N ILE A 187 -4.11 5.75 -24.93
CA ILE A 187 -2.65 5.66 -24.82
C ILE A 187 -2.25 5.61 -23.36
N SER A 188 -1.28 4.76 -23.05
CA SER A 188 -0.59 4.81 -21.76
C SER A 188 0.90 4.65 -22.06
N ILE A 189 1.72 4.51 -21.02
CA ILE A 189 3.17 4.54 -21.26
C ILE A 189 3.63 3.36 -22.10
N ASP A 190 3.02 2.19 -21.93
CA ASP A 190 3.42 1.03 -22.71
C ASP A 190 2.90 1.06 -24.15
N GLY A 191 2.02 1.99 -24.49
CA GLY A 191 1.51 2.10 -25.84
C GLY A 191 0.00 2.13 -25.91
N HIS A 192 -0.55 1.44 -26.91
CA HIS A 192 -2.01 1.39 -27.10
C HIS A 192 -2.64 0.55 -26.00
N VAL A 193 -3.58 1.15 -25.27
CA VAL A 193 -4.05 0.53 -24.03
C VAL A 193 -4.79 -0.78 -24.23
N GLU A 194 -5.30 -1.07 -25.43
N GLU A 194 -5.27 -1.06 -25.44
CA GLU A 194 -6.08 -2.30 -25.59
CA GLU A 194 -6.07 -2.26 -25.66
C GLU A 194 -5.33 -3.54 -25.16
C GLU A 194 -5.33 -3.55 -25.33
N GLY A 195 -4.00 -3.53 -25.20
CA GLY A 195 -3.26 -4.71 -24.79
C GLY A 195 -3.38 -5.06 -23.32
N TRP A 196 -3.87 -4.12 -22.51
CA TRP A 196 -3.92 -4.29 -21.07
C TRP A 196 -5.13 -3.65 -20.42
N PHE A 197 -5.99 -2.94 -21.15
CA PHE A 197 -7.09 -2.23 -20.54
C PHE A 197 -8.24 -2.21 -21.54
N THR A 198 -9.26 -3.02 -21.27
CA THR A 198 -10.35 -3.25 -22.20
C THR A 198 -11.72 -3.07 -21.57
N ASP A 199 -11.78 -2.53 -20.35
CA ASP A 199 -13.07 -2.37 -19.68
C ASP A 199 -14.03 -1.56 -20.54
N ASP A 200 -15.32 -1.90 -20.43
CA ASP A 200 -16.37 -0.95 -20.79
C ASP A 200 -16.54 -0.03 -19.61
N THR A 201 -15.72 1.02 -19.59
CA THR A 201 -15.67 1.91 -18.44
C THR A 201 -17.01 2.56 -18.16
N ALA A 202 -17.76 2.92 -19.22
CA ALA A 202 -19.07 3.49 -19.00
C ALA A 202 -19.99 2.53 -18.27
N MET A 203 -20.01 1.26 -18.69
CA MET A 203 -20.83 0.26 -18.03
C MET A 203 -20.41 0.06 -16.57
N ARG A 204 -19.09 0.05 -16.32
CA ARG A 204 -18.58 -0.06 -14.97
C ARG A 204 -19.12 1.06 -14.08
N PHE A 205 -19.06 2.29 -14.58
CA PHE A 205 -19.51 3.42 -13.77
C PHE A 205 -21.03 3.43 -13.61
N GLU A 206 -21.78 2.97 -14.60
CA GLU A 206 -23.21 2.79 -14.38
C GLU A 206 -23.46 1.74 -13.31
N ALA A 207 -22.61 0.73 -13.20
CA ALA A 207 -22.74 -0.27 -12.15
C ALA A 207 -22.55 0.34 -10.77
N TYR A 208 -21.79 1.43 -10.66
CA TYR A 208 -21.61 2.17 -9.41
C TYR A 208 -22.75 3.14 -9.14
N GLY A 209 -23.69 3.28 -10.05
CA GLY A 209 -24.74 4.26 -9.85
C GLY A 209 -24.36 5.66 -10.28
N TRP A 210 -23.39 5.80 -11.17
CA TRP A 210 -23.08 7.10 -11.76
C TRP A 210 -23.93 7.34 -13.00
N HIS A 211 -24.12 8.63 -13.29
CA HIS A 211 -24.62 9.10 -14.58
C HIS A 211 -23.43 9.18 -15.52
N VAL A 212 -23.51 8.53 -16.67
CA VAL A 212 -22.38 8.48 -17.59
C VAL A 212 -22.81 9.04 -18.93
N ILE A 213 -21.97 9.95 -19.47
CA ILE A 213 -22.18 10.51 -20.79
C ILE A 213 -21.08 9.97 -21.70
N ARG A 214 -21.48 9.12 -22.63
CA ARG A 214 -20.58 8.46 -23.57
C ARG A 214 -20.27 9.34 -24.77
N ASP A 215 -19.12 9.04 -25.37
CA ASP A 215 -18.80 9.45 -26.74
C ASP A 215 -18.79 10.96 -26.93
N ILE A 216 -18.23 11.68 -25.97
CA ILE A 216 -18.07 13.12 -26.11
C ILE A 216 -16.86 13.39 -26.98
N ASP A 217 -17.00 14.26 -27.97
CA ASP A 217 -15.85 14.73 -28.74
C ASP A 217 -15.10 15.76 -27.90
N GLY A 218 -14.00 15.33 -27.29
CA GLY A 218 -13.23 16.17 -26.41
C GLY A 218 -12.46 17.27 -27.07
N HIS A 219 -12.57 17.40 -28.38
CA HIS A 219 -11.99 18.54 -29.11
C HIS A 219 -13.06 19.43 -29.72
N ASP A 220 -14.30 19.32 -29.25
CA ASP A 220 -15.42 20.11 -29.76
C ASP A 220 -16.11 20.81 -28.61
N ALA A 221 -15.93 22.13 -28.52
CA ALA A 221 -16.50 22.88 -27.41
C ALA A 221 -17.99 22.66 -27.26
N ALA A 222 -18.75 22.63 -28.36
CA ALA A 222 -20.19 22.45 -28.25
C ALA A 222 -20.52 21.13 -27.57
N SER A 223 -19.83 20.05 -27.95
CA SER A 223 -20.07 18.73 -27.39
CA SER A 223 -20.11 18.74 -27.37
C SER A 223 -19.78 18.72 -25.89
N ILE A 224 -18.63 19.30 -25.53
CA ILE A 224 -18.22 19.32 -24.13
C ILE A 224 -19.22 20.13 -23.31
N LYS A 225 -19.59 21.31 -23.79
CA LYS A 225 -20.47 22.19 -23.04
C LYS A 225 -21.82 21.53 -22.80
N ARG A 226 -22.39 20.88 -23.81
N ARG A 226 -22.39 20.89 -23.83
CA ARG A 226 -23.69 20.22 -23.60
CA ARG A 226 -23.65 20.18 -23.69
C ARG A 226 -23.56 19.11 -22.56
C ARG A 226 -23.56 19.10 -22.62
N ALA A 227 -22.47 18.37 -22.60
CA ALA A 227 -22.27 17.31 -21.62
C ALA A 227 -22.17 17.85 -20.20
N VAL A 228 -21.45 18.95 -20.00
CA VAL A 228 -21.34 19.51 -18.66
C VAL A 228 -22.71 19.98 -18.19
N GLU A 229 -23.47 20.62 -19.07
CA GLU A 229 -24.81 21.05 -18.70
C GLU A 229 -25.66 19.87 -18.27
N GLU A 230 -25.61 18.77 -19.02
N GLU A 230 -25.57 18.75 -19.00
CA GLU A 230 -26.38 17.59 -18.65
CA GLU A 230 -26.37 17.58 -18.67
C GLU A 230 -25.96 17.09 -17.26
C GLU A 230 -25.95 16.96 -17.35
N ALA A 231 -24.65 16.99 -17.04
CA ALA A 231 -24.15 16.48 -15.77
C ALA A 231 -24.59 17.35 -14.61
N ARG A 232 -24.56 18.67 -14.80
N ARG A 232 -24.57 18.68 -14.80
CA ARG A 232 -24.97 19.55 -13.71
CA ARG A 232 -24.96 19.58 -13.73
C ARG A 232 -26.45 19.39 -13.42
C ARG A 232 -26.47 19.56 -13.47
N ALA A 233 -27.26 19.06 -14.43
CA ALA A 233 -28.70 18.88 -14.24
C ALA A 233 -29.05 17.59 -13.50
N VAL A 234 -28.13 16.64 -13.43
CA VAL A 234 -28.35 15.40 -12.70
C VAL A 234 -27.86 15.63 -11.27
N THR A 235 -28.78 15.70 -10.32
CA THR A 235 -28.39 16.12 -8.98
C THR A 235 -28.30 14.96 -8.00
N ASP A 236 -28.67 13.75 -8.40
CA ASP A 236 -28.75 12.63 -7.48
C ASP A 236 -27.71 11.54 -7.74
N LYS A 237 -26.76 11.79 -8.65
N LYS A 237 -26.78 11.78 -8.66
CA LYS A 237 -25.74 10.81 -9.03
CA LYS A 237 -25.72 10.83 -8.97
C LYS A 237 -24.50 11.59 -9.41
C LYS A 237 -24.50 11.62 -9.37
N PRO A 238 -23.30 11.13 -9.05
CA PRO A 238 -22.09 11.70 -9.65
C PRO A 238 -22.08 11.40 -11.15
N SER A 239 -21.40 12.25 -11.92
CA SER A 239 -21.35 12.09 -13.36
C SER A 239 -19.95 11.84 -13.87
N LEU A 240 -19.86 10.96 -14.88
CA LEU A 240 -18.63 10.69 -15.60
C LEU A 240 -18.83 11.07 -17.05
N LEU A 241 -17.96 11.94 -17.54
CA LEU A 241 -17.97 12.41 -18.93
C LEU A 241 -16.84 11.68 -19.66
N MET A 242 -17.23 10.81 -20.60
N MET A 242 -17.18 10.86 -20.63
CA MET A 242 -16.30 10.01 -21.42
CA MET A 242 -16.16 10.09 -21.30
C MET A 242 -15.80 10.90 -22.55
C MET A 242 -15.73 10.83 -22.55
N CYS A 243 -14.63 11.52 -22.41
CA CYS A 243 -14.15 12.51 -23.37
C CYS A 243 -13.11 11.87 -24.27
N LYS A 244 -13.46 11.70 -25.54
N LYS A 244 -13.49 11.62 -25.51
CA LYS A 244 -12.54 11.12 -26.52
CA LYS A 244 -12.54 11.13 -26.49
C LYS A 244 -11.58 12.20 -26.96
C LYS A 244 -11.60 12.27 -26.84
N THR A 245 -10.30 12.04 -26.63
CA THR A 245 -9.29 13.03 -26.94
C THR A 245 -8.12 12.36 -27.65
N ILE A 246 -7.30 13.21 -28.26
CA ILE A 246 -6.07 12.82 -28.92
C ILE A 246 -4.94 13.36 -28.05
N ILE A 247 -4.16 12.45 -27.45
CA ILE A 247 -3.03 12.89 -26.66
C ILE A 247 -2.09 13.69 -27.55
N GLY A 248 -1.55 14.80 -27.04
CA GLY A 248 -0.65 15.57 -27.89
C GLY A 248 -1.33 16.29 -29.05
N PHE A 249 -2.63 16.52 -28.97
CA PHE A 249 -3.38 17.19 -30.02
C PHE A 249 -2.64 18.42 -30.52
N GLY A 250 -2.47 18.48 -31.84
CA GLY A 250 -1.78 19.57 -32.50
C GLY A 250 -0.45 19.16 -33.12
N SER A 251 0.18 18.13 -32.56
CA SER A 251 1.49 17.70 -33.03
C SER A 251 1.31 16.76 -34.23
N PRO A 252 1.78 17.13 -35.41
N PRO A 252 1.81 17.11 -35.42
CA PRO A 252 1.61 16.24 -36.57
CA PRO A 252 1.57 16.23 -36.56
C PRO A 252 2.16 14.85 -36.34
C PRO A 252 2.22 14.87 -36.46
N ASN A 253 3.35 14.74 -35.75
CA ASN A 253 4.04 13.47 -35.67
C ASN A 253 3.88 12.75 -34.34
N LYS A 254 3.50 13.45 -33.27
CA LYS A 254 3.41 12.82 -31.97
C LYS A 254 2.00 12.76 -31.41
N ALA A 255 1.03 13.45 -32.01
CA ALA A 255 -0.32 13.30 -31.51
C ALA A 255 -0.76 11.84 -31.63
N GLY A 256 -1.47 11.36 -30.62
CA GLY A 256 -1.95 9.99 -30.65
C GLY A 256 -0.89 8.95 -30.38
N THR A 257 0.28 9.34 -29.92
CA THR A 257 1.38 8.42 -29.69
C THR A 257 1.80 8.45 -28.22
N HIS A 258 2.33 7.32 -27.76
CA HIS A 258 2.92 7.28 -26.43
C HIS A 258 4.10 8.22 -26.30
N ASP A 259 4.73 8.57 -27.42
N ASP A 259 4.77 8.55 -27.42
CA ASP A 259 5.88 9.45 -27.40
CA ASP A 259 5.91 9.45 -27.35
C ASP A 259 5.54 10.82 -26.83
C ASP A 259 5.51 10.78 -26.73
N SER A 260 4.28 11.24 -26.96
CA SER A 260 3.85 12.53 -26.45
C SER A 260 3.55 12.53 -24.96
N HIS A 261 3.55 11.37 -24.31
CA HIS A 261 3.14 11.32 -22.91
C HIS A 261 4.08 12.11 -22.02
N GLY A 262 5.38 11.87 -22.13
CA GLY A 262 6.29 12.14 -21.02
C GLY A 262 7.68 12.61 -21.35
N ALA A 263 7.82 13.25 -22.50
CA ALA A 263 9.08 13.88 -22.87
C ALA A 263 8.79 15.12 -23.67
N PRO A 264 9.72 16.07 -23.69
CA PRO A 264 9.56 17.23 -24.58
C PRO A 264 9.32 16.79 -26.02
N LEU A 265 8.49 17.58 -26.72
CA LEU A 265 8.21 17.27 -28.12
C LEU A 265 9.43 17.48 -29.00
N GLY A 266 10.31 18.40 -28.66
CA GLY A 266 11.42 18.79 -29.48
C GLY A 266 11.12 20.07 -30.24
N ASP A 267 12.16 20.86 -30.52
CA ASP A 267 11.95 22.17 -31.13
C ASP A 267 11.30 22.05 -32.51
N ALA A 268 11.77 21.14 -33.36
CA ALA A 268 11.21 21.03 -34.71
C ALA A 268 9.74 20.64 -34.64
N GLU A 269 9.40 19.71 -33.75
CA GLU A 269 8.02 19.29 -33.64
C GLU A 269 7.14 20.41 -33.08
N ILE A 270 7.66 21.21 -32.15
CA ILE A 270 6.90 22.36 -31.66
C ILE A 270 6.62 23.34 -32.79
N ALA A 271 7.60 23.57 -33.66
CA ALA A 271 7.35 24.47 -34.79
C ALA A 271 6.25 23.92 -35.69
N LEU A 272 6.25 22.62 -35.95
CA LEU A 272 5.21 22.01 -36.75
C LEU A 272 3.85 22.07 -36.05
N THR A 273 3.86 21.97 -34.73
CA THR A 273 2.63 22.06 -33.94
C THR A 273 2.06 23.47 -33.99
N ARG A 274 2.91 24.49 -33.87
CA ARG A 274 2.45 25.86 -34.07
C ARG A 274 1.78 26.02 -35.42
N GLU A 275 2.40 25.46 -36.47
N GLU A 275 2.38 25.44 -36.46
CA GLU A 275 1.82 25.56 -37.80
CA GLU A 275 1.81 25.58 -37.80
C GLU A 275 0.46 24.88 -37.85
C GLU A 275 0.47 24.84 -37.91
N GLN A 276 0.38 23.65 -37.32
CA GLN A 276 -0.88 22.91 -37.39
C GLN A 276 -1.99 23.62 -36.62
N LEU A 277 -1.67 24.18 -35.46
CA LEU A 277 -2.65 24.89 -34.64
C LEU A 277 -2.91 26.30 -35.13
N GLY A 278 -2.08 26.83 -36.01
CA GLY A 278 -2.19 28.23 -36.38
C GLY A 278 -1.87 29.17 -35.25
N TRP A 279 -0.92 28.81 -34.37
CA TRP A 279 -0.55 29.59 -33.20
C TRP A 279 0.67 30.42 -33.56
N LYS A 280 0.50 31.74 -33.61
CA LYS A 280 1.54 32.62 -34.17
C LYS A 280 2.44 33.24 -33.12
N TYR A 281 2.24 32.97 -31.84
CA TYR A 281 2.95 33.66 -30.79
C TYR A 281 4.18 32.88 -30.36
N ALA A 282 5.23 33.63 -29.97
CA ALA A 282 6.49 33.05 -29.52
C ALA A 282 6.33 32.38 -28.17
N PRO A 283 7.30 31.57 -27.75
CA PRO A 283 7.19 30.94 -26.43
C PRO A 283 7.01 32.02 -25.36
N PHE A 284 6.05 31.77 -24.49
CA PHE A 284 5.77 32.63 -23.35
C PHE A 284 5.22 33.99 -23.74
N GLU A 285 4.71 34.12 -24.96
CA GLU A 285 3.97 35.29 -25.40
C GLU A 285 2.47 34.94 -25.46
N ILE A 286 1.67 35.76 -24.79
CA ILE A 286 0.22 35.62 -24.82
C ILE A 286 -0.32 37.01 -25.10
N PRO A 287 -1.12 37.21 -26.15
CA PRO A 287 -1.63 38.55 -26.48
C PRO A 287 -2.72 39.00 -25.51
N SER A 288 -2.86 40.32 -25.42
N SER A 288 -2.95 40.31 -25.50
CA SER A 288 -3.77 40.91 -24.45
CA SER A 288 -3.91 40.85 -24.54
C SER A 288 -5.19 40.41 -24.64
C SER A 288 -5.34 40.37 -24.78
N GLU A 289 -5.61 40.18 -25.88
N GLU A 289 -5.73 40.13 -26.04
CA GLU A 289 -6.99 39.76 -26.12
CA GLU A 289 -7.10 39.65 -26.29
C GLU A 289 -7.27 38.40 -25.51
C GLU A 289 -7.34 38.32 -25.64
N ILE A 290 -6.30 37.48 -25.60
CA ILE A 290 -6.46 36.16 -25.03
C ILE A 290 -6.51 36.24 -23.51
N TYR A 291 -5.65 37.04 -22.89
CA TYR A 291 -5.79 37.26 -21.45
C TYR A 291 -7.14 37.84 -21.10
N ALA A 292 -7.65 38.77 -21.90
CA ALA A 292 -8.92 39.41 -21.56
C ALA A 292 -10.05 38.39 -21.52
N GLN A 293 -10.01 37.39 -22.41
N GLN A 293 -10.05 37.42 -22.44
CA GLN A 293 -11.06 36.39 -22.48
CA GLN A 293 -11.09 36.40 -22.45
C GLN A 293 -10.86 35.28 -21.45
C GLN A 293 -10.88 35.34 -21.35
N TRP A 294 -9.64 35.05 -20.99
CA TRP A 294 -9.37 34.07 -19.94
C TRP A 294 -9.50 34.63 -18.53
N ASP A 295 -9.27 35.91 -18.32
CA ASP A 295 -9.13 36.41 -16.97
C ASP A 295 -10.44 36.24 -16.21
N ALA A 296 -10.33 35.78 -14.96
CA ALA A 296 -11.47 35.52 -14.10
C ALA A 296 -11.53 36.44 -12.88
N LYS A 297 -10.67 37.46 -12.81
CA LYS A 297 -10.62 38.29 -11.61
C LYS A 297 -11.91 39.08 -11.39
N GLU A 298 -12.44 39.70 -12.43
N GLU A 298 -12.47 39.68 -12.43
CA GLU A 298 -13.65 40.51 -12.25
CA GLU A 298 -13.65 40.52 -12.24
C GLU A 298 -14.83 39.64 -11.86
C GLU A 298 -14.88 39.69 -11.90
N ALA A 299 -15.11 38.60 -12.64
CA ALA A 299 -16.25 37.75 -12.34
C ALA A 299 -16.05 37.05 -11.00
N GLY A 300 -14.83 36.61 -10.73
CA GLY A 300 -14.60 35.90 -9.49
C GLY A 300 -14.80 36.76 -8.27
N GLN A 301 -14.30 38.00 -8.31
N GLN A 301 -14.34 38.00 -8.33
CA GLN A 301 -14.55 38.94 -7.24
CA GLN A 301 -14.55 38.88 -7.20
C GLN A 301 -16.03 39.16 -7.04
C GLN A 301 -16.02 39.23 -7.05
N ALA A 302 -16.76 39.36 -8.15
CA ALA A 302 -18.19 39.61 -8.04
C ALA A 302 -18.89 38.44 -7.37
N LYS A 303 -18.52 37.22 -7.75
CA LYS A 303 -19.17 36.05 -7.18
C LYS A 303 -18.82 35.89 -5.70
N GLU A 304 -17.54 36.10 -5.35
CA GLU A 304 -17.19 35.97 -3.94
C GLU A 304 -17.83 37.07 -3.11
N SER A 305 -17.88 38.30 -3.63
N SER A 305 -17.89 38.30 -3.63
CA SER A 305 -18.54 39.36 -2.87
CA SER A 305 -18.53 39.36 -2.86
C SER A 305 -20.01 39.04 -2.65
C SER A 305 -20.02 39.11 -2.68
N ALA A 306 -20.69 38.51 -3.67
CA ALA A 306 -22.08 38.12 -3.50
C ALA A 306 -22.21 37.06 -2.41
N TRP A 307 -21.28 36.10 -2.38
CA TRP A 307 -21.30 35.09 -1.33
C TRP A 307 -21.04 35.70 0.04
N ASN A 308 -20.10 36.63 0.13
CA ASN A 308 -19.85 37.29 1.42
C ASN A 308 -21.10 37.98 1.93
N GLU A 309 -21.87 38.60 1.04
N GLU A 309 -21.87 38.59 1.03
CA GLU A 309 -23.10 39.26 1.45
CA GLU A 309 -23.13 39.21 1.41
C GLU A 309 -24.14 38.24 1.90
C GLU A 309 -24.10 38.17 1.95
N LYS A 310 -24.17 37.09 1.23
N LYS A 310 -24.25 37.06 1.24
CA LYS A 310 -25.04 35.99 1.64
CA LYS A 310 -25.11 35.98 1.71
C LYS A 310 -24.65 35.46 3.02
C LYS A 310 -24.66 35.47 3.07
N PHE A 311 -23.36 35.32 3.26
CA PHE A 311 -22.88 34.83 4.55
C PHE A 311 -23.18 35.84 5.65
N ALA A 312 -23.06 37.13 5.35
CA ALA A 312 -23.39 38.14 6.36
C ALA A 312 -24.85 38.06 6.76
N ALA A 313 -25.74 37.83 5.80
CA ALA A 313 -27.16 37.69 6.11
C ALA A 313 -27.42 36.43 6.92
N TYR A 314 -26.71 35.34 6.57
CA TYR A 314 -26.81 34.12 7.35
C TYR A 314 -26.38 34.34 8.79
N ALA A 315 -25.29 35.07 8.99
CA ALA A 315 -24.79 35.30 10.33
C ALA A 315 -25.74 36.13 11.18
N LYS A 316 -26.54 37.01 10.56
N LYS A 316 -26.51 37.03 10.56
CA LYS A 316 -27.52 37.77 11.32
CA LYS A 316 -27.53 37.76 11.31
C LYS A 316 -28.68 36.89 11.78
C LYS A 316 -28.58 36.79 11.84
N ALA A 317 -29.05 35.88 10.98
CA ALA A 317 -30.14 34.98 11.34
C ALA A 317 -29.68 33.80 12.18
N TYR A 318 -28.42 33.38 12.01
CA TYR A 318 -27.87 32.16 12.62
C TYR A 318 -26.48 32.49 13.16
N PRO A 319 -26.38 33.36 14.18
CA PRO A 319 -25.06 33.84 14.60
C PRO A 319 -24.14 32.75 15.14
N GLN A 320 -24.64 31.83 15.96
N GLN A 320 -24.65 31.85 15.97
CA GLN A 320 -23.75 30.81 16.50
CA GLN A 320 -23.79 30.79 16.51
C GLN A 320 -23.31 29.83 15.42
C GLN A 320 -23.30 29.87 15.41
N GLU A 321 -24.20 29.52 14.49
CA GLU A 321 -23.83 28.64 13.38
C GLU A 321 -22.79 29.30 12.50
N ALA A 322 -22.94 30.59 12.23
CA ALA A 322 -21.96 31.29 11.40
C ALA A 322 -20.58 31.31 12.06
N ALA A 323 -20.54 31.53 13.38
CA ALA A 323 -19.26 31.51 14.06
C ALA A 323 -18.62 30.13 13.98
N GLU A 324 -19.42 29.07 14.11
CA GLU A 324 -18.89 27.72 13.96
C GLU A 324 -18.38 27.47 12.55
N PHE A 325 -19.10 27.96 11.55
CA PHE A 325 -18.67 27.78 10.17
C PHE A 325 -17.30 28.41 9.95
N THR A 326 -17.14 29.64 10.41
CA THR A 326 -15.86 30.32 10.24
C THR A 326 -14.74 29.59 10.97
N ARG A 327 -14.99 29.20 12.22
CA ARG A 327 -13.97 28.50 13.00
C ARG A 327 -13.56 27.23 12.29
N ARG A 328 -14.54 26.45 11.85
CA ARG A 328 -14.25 25.16 11.24
C ARG A 328 -13.58 25.31 9.88
N MET A 329 -14.00 26.28 9.07
CA MET A 329 -13.33 26.45 7.77
C MET A 329 -11.89 26.90 7.95
N LYS A 330 -11.57 27.60 9.04
CA LYS A 330 -10.19 28.00 9.34
C LYS A 330 -9.38 26.88 9.97
N GLY A 331 -10.00 25.78 10.36
CA GLY A 331 -9.28 24.70 10.99
C GLY A 331 -8.87 24.99 12.41
N GLU A 332 -9.50 25.98 13.06
CA GLU A 332 -9.19 26.35 14.42
C GLU A 332 -9.93 25.45 15.41
N MET A 333 -9.31 25.25 16.54
N MET A 333 -9.29 25.22 16.55
CA MET A 333 -9.91 24.43 17.59
CA MET A 333 -9.89 24.44 17.63
C MET A 333 -10.78 25.28 18.52
C MET A 333 -10.87 25.30 18.42
N PRO A 334 -11.78 24.68 19.16
CA PRO A 334 -12.57 25.44 20.14
C PRO A 334 -11.66 25.99 21.22
N SER A 335 -11.97 27.21 21.68
CA SER A 335 -11.05 27.87 22.62
C SER A 335 -10.90 27.11 23.94
N ASP A 336 -11.93 26.37 24.36
N ASP A 336 -11.92 26.36 24.35
CA ASP A 336 -11.85 25.65 25.62
CA ASP A 336 -11.87 25.64 25.62
C ASP A 336 -11.47 24.17 25.46
C ASP A 336 -11.51 24.17 25.45
N PHE A 337 -11.15 23.74 24.24
CA PHE A 337 -10.84 22.33 24.03
C PHE A 337 -9.64 21.88 24.87
N ASP A 338 -8.55 22.63 24.84
CA ASP A 338 -7.35 22.24 25.57
C ASP A 338 -7.69 22.00 27.04
N ALA A 339 -8.38 22.95 27.66
CA ALA A 339 -8.69 22.82 29.08
C ALA A 339 -9.59 21.61 29.34
N LYS A 340 -10.62 21.42 28.51
N LYS A 340 -10.62 21.44 28.51
CA LYS A 340 -11.54 20.31 28.74
CA LYS A 340 -11.54 20.32 28.72
C LYS A 340 -10.86 18.98 28.48
C LYS A 340 -10.85 18.98 28.49
N ALA A 341 -10.00 18.90 27.48
CA ALA A 341 -9.30 17.65 27.23
C ALA A 341 -8.33 17.33 28.36
N LYS A 342 -7.64 18.35 28.89
CA LYS A 342 -6.77 18.12 30.03
C LYS A 342 -7.53 17.64 31.24
N GLU A 343 -8.74 18.17 31.45
N GLU A 343 -8.75 18.16 31.46
CA GLU A 343 -9.58 17.71 32.56
CA GLU A 343 -9.56 17.69 32.57
C GLU A 343 -9.92 16.23 32.40
C GLU A 343 -9.94 16.22 32.40
N PHE A 344 -10.24 15.81 31.17
CA PHE A 344 -10.55 14.41 30.91
C PHE A 344 -9.34 13.53 31.20
N ILE A 345 -8.17 13.93 30.69
CA ILE A 345 -6.93 13.19 30.92
C ILE A 345 -6.65 13.04 32.41
N ALA A 346 -6.83 14.13 33.17
CA ALA A 346 -6.57 14.06 34.61
C ALA A 346 -7.53 13.11 35.29
N LYS A 347 -8.79 13.09 34.85
N LYS A 347 -8.81 13.12 34.87
CA LYS A 347 -9.78 12.19 35.42
CA LYS A 347 -9.78 12.17 35.44
C LYS A 347 -9.42 10.73 35.17
C LYS A 347 -9.34 10.75 35.19
N LEU A 348 -8.88 10.43 33.98
CA LEU A 348 -8.44 9.09 33.70
C LEU A 348 -7.29 8.68 34.60
N GLN A 349 -6.32 9.57 34.80
CA GLN A 349 -5.19 9.21 35.64
C GLN A 349 -5.64 8.94 37.06
N ALA A 350 -6.64 9.67 37.54
CA ALA A 350 -7.13 9.53 38.90
C ALA A 350 -8.07 8.34 39.08
N ASN A 351 -8.55 7.73 38.00
CA ASN A 351 -9.56 6.67 38.06
C ASN A 351 -9.10 5.53 37.16
N PRO A 352 -8.16 4.72 37.64
CA PRO A 352 -7.52 3.75 36.75
C PRO A 352 -8.46 2.71 36.21
N ALA A 353 -8.14 2.26 34.99
CA ALA A 353 -8.89 1.20 34.33
C ALA A 353 -7.92 0.40 33.47
N LYS A 354 -8.08 -0.92 33.46
CA LYS A 354 -7.32 -1.85 32.63
C LYS A 354 -8.24 -2.20 31.46
N ILE A 355 -8.03 -1.55 30.33
CA ILE A 355 -8.85 -1.70 29.14
C ILE A 355 -7.91 -1.72 27.93
N ALA A 356 -8.40 -2.24 26.82
CA ALA A 356 -7.60 -2.22 25.60
C ALA A 356 -7.45 -0.78 25.14
N SER A 357 -6.33 -0.45 24.49
CA SER A 357 -6.26 0.94 24.02
C SER A 357 -7.23 1.19 22.85
N ARG A 358 -7.73 0.14 22.16
CA ARG A 358 -8.83 0.40 21.22
C ARG A 358 -10.05 0.95 21.95
N LYS A 359 -10.33 0.45 23.16
N LYS A 359 -10.33 0.45 23.16
CA LYS A 359 -11.45 0.97 23.94
CA LYS A 359 -11.44 0.95 23.96
C LYS A 359 -11.14 2.35 24.50
C LYS A 359 -11.13 2.34 24.52
N ALA A 360 -9.89 2.56 24.95
CA ALA A 360 -9.50 3.89 25.42
C ALA A 360 -9.65 4.92 24.31
N SER A 361 -9.37 4.52 23.07
CA SER A 361 -9.59 5.38 21.92
C SER A 361 -11.07 5.72 21.76
N GLN A 362 -11.94 4.70 21.80
CA GLN A 362 -13.37 4.98 21.75
C GLN A 362 -13.79 5.94 22.84
N ASN A 363 -13.24 5.77 24.05
CA ASN A 363 -13.61 6.64 25.16
C ASN A 363 -13.16 8.07 24.92
N ALA A 364 -12.01 8.27 24.27
CA ALA A 364 -11.57 9.61 23.91
C ALA A 364 -12.45 10.22 22.83
N ILE A 365 -12.87 9.42 21.85
CA ILE A 365 -13.82 9.91 20.85
C ILE A 365 -15.10 10.36 21.53
N GLU A 366 -15.60 9.55 22.48
CA GLU A 366 -16.81 9.91 23.21
C GLU A 366 -16.63 11.23 23.98
N ALA A 367 -15.47 11.42 24.62
CA ALA A 367 -15.21 12.64 25.37
C ALA A 367 -15.07 13.85 24.46
N PHE A 368 -14.40 13.67 23.31
N PHE A 368 -14.41 13.68 23.31
CA PHE A 368 -14.14 14.79 22.40
CA PHE A 368 -14.13 14.82 22.45
C PHE A 368 -15.33 15.12 21.53
C PHE A 368 -15.24 15.07 21.42
N GLY A 369 -16.14 14.12 21.20
CA GLY A 369 -17.21 14.25 20.23
C GLY A 369 -18.08 15.47 20.43
N PRO A 370 -18.54 15.72 21.66
CA PRO A 370 -19.39 16.90 21.90
C PRO A 370 -18.65 18.20 21.70
N LEU A 371 -17.33 18.17 21.81
CA LEU A 371 -16.51 19.37 21.69
C LEU A 371 -16.06 19.66 20.28
N LEU A 372 -16.05 18.64 19.42
CA LEU A 372 -15.50 18.71 18.07
C LEU A 372 -16.58 18.32 17.05
N PRO A 373 -17.54 19.20 16.82
CA PRO A 373 -18.57 18.92 15.81
C PRO A 373 -17.99 18.79 14.41
N GLU A 374 -16.76 19.23 14.20
CA GLU A 374 -16.05 19.05 12.94
C GLU A 374 -15.62 17.61 12.67
N PHE A 375 -15.68 16.70 13.64
CA PHE A 375 -15.28 15.34 13.33
C PHE A 375 -16.09 14.81 12.15
N LEU A 376 -15.40 14.12 11.25
CA LEU A 376 -16.05 13.34 10.18
C LEU A 376 -15.24 12.04 10.16
N GLY A 377 -15.70 11.07 10.94
CA GLY A 377 -14.93 9.88 11.23
C GLY A 377 -15.46 8.65 10.52
N GLY A 378 -14.70 7.57 10.52
CA GLY A 378 -15.21 6.31 9.98
C GLY A 378 -14.20 5.21 10.14
N SER A 379 -14.63 4.03 9.70
CA SER A 379 -13.82 2.82 9.70
C SER A 379 -14.11 2.07 8.42
N ALA A 380 -13.12 1.31 7.97
CA ALA A 380 -13.23 0.47 6.79
C ALA A 380 -13.87 -0.88 7.18
N ASP A 381 -15.18 -0.82 7.43
CA ASP A 381 -15.99 -1.99 7.78
C ASP A 381 -15.57 -2.65 9.07
N LEU A 382 -15.02 -1.88 10.02
CA LEU A 382 -14.55 -2.43 11.28
C LEU A 382 -15.05 -1.61 12.46
N ALA A 383 -16.20 -0.94 12.33
CA ALA A 383 -16.68 -0.14 13.46
C ALA A 383 -16.73 -0.91 14.78
N PRO A 384 -17.24 -2.15 14.84
CA PRO A 384 -17.35 -2.82 16.14
C PRO A 384 -16.05 -3.40 16.65
N SER A 385 -15.00 -3.36 15.84
CA SER A 385 -13.70 -3.91 16.19
CA SER A 385 -13.67 -3.91 16.19
C SER A 385 -12.66 -2.82 16.43
N ASN A 386 -12.65 -1.79 15.59
CA ASN A 386 -11.83 -0.61 15.78
C ASN A 386 -12.38 0.32 16.86
N LEU A 387 -13.70 0.24 17.11
CA LEU A 387 -14.38 1.02 18.15
C LEU A 387 -14.40 2.52 17.83
N THR A 388 -14.87 2.82 16.62
CA THR A 388 -14.92 4.18 16.09
C THR A 388 -16.24 4.91 16.30
N LEU A 389 -17.27 4.24 16.78
CA LEU A 389 -18.55 4.90 17.03
C LEU A 389 -18.60 5.39 18.47
N TRP A 390 -19.17 6.56 18.65
CA TRP A 390 -19.52 7.08 19.96
C TRP A 390 -21.02 7.34 20.00
N SER A 391 -21.54 7.76 21.14
CA SER A 391 -22.98 7.87 21.29
C SER A 391 -23.59 8.87 20.31
N GLY A 392 -22.83 9.87 19.90
CA GLY A 392 -23.27 10.88 18.97
C GLY A 392 -22.93 10.64 17.52
N SER A 393 -22.39 9.47 17.17
CA SER A 393 -22.13 9.18 15.77
C SER A 393 -23.43 9.07 15.00
N LYS A 394 -23.44 9.65 13.80
N LYS A 394 -23.45 9.66 13.81
CA LYS A 394 -24.57 9.65 12.88
CA LYS A 394 -24.59 9.53 12.91
C LYS A 394 -23.99 9.37 11.50
C LYS A 394 -24.05 9.37 11.50
N ALA A 395 -24.34 8.22 10.91
CA ALA A 395 -23.79 7.86 9.61
C ALA A 395 -24.39 8.71 8.50
N ILE A 396 -23.53 9.20 7.61
CA ILE A 396 -23.98 10.12 6.57
C ILE A 396 -24.81 9.44 5.51
N ASN A 397 -24.77 8.11 5.39
CA ASN A 397 -25.68 7.42 4.48
C ASN A 397 -27.10 7.40 5.02
N GLU A 398 -27.27 7.66 6.33
N GLU A 398 -27.29 7.70 6.30
CA GLU A 398 -28.58 7.75 6.98
CA GLU A 398 -28.62 7.78 6.89
C GLU A 398 -29.04 9.18 7.19
C GLU A 398 -29.07 9.22 7.09
N ASP A 399 -28.10 10.10 7.43
N ASP A 399 -28.20 10.10 7.58
CA ASP A 399 -28.42 11.48 7.76
CA ASP A 399 -28.49 11.52 7.73
C ASP A 399 -27.29 12.30 7.14
C ASP A 399 -27.32 12.30 7.15
N ALA A 400 -27.59 13.06 6.09
CA ALA A 400 -26.53 13.78 5.39
C ALA A 400 -25.81 14.80 6.26
N ALA A 401 -26.43 15.24 7.36
CA ALA A 401 -25.81 16.18 8.29
C ALA A 401 -25.01 15.48 9.38
N GLY A 402 -24.78 14.18 9.23
CA GLY A 402 -24.05 13.39 10.19
C GLY A 402 -22.56 13.63 10.17
N ASN A 403 -21.86 12.71 10.87
CA ASN A 403 -20.47 12.88 11.24
C ASN A 403 -19.68 11.58 11.14
N TYR A 404 -20.21 10.57 10.50
CA TYR A 404 -19.61 9.25 10.47
C TYR A 404 -19.80 8.64 9.08
N ILE A 405 -18.77 7.97 8.58
CA ILE A 405 -18.78 7.33 7.27
C ILE A 405 -18.49 5.86 7.43
N HIS A 406 -19.44 5.02 6.97
CA HIS A 406 -19.17 3.60 6.76
C HIS A 406 -18.40 3.47 5.44
N TYR A 407 -17.09 3.32 5.52
CA TYR A 407 -16.28 3.33 4.30
C TYR A 407 -16.32 2.02 3.53
N GLY A 408 -16.81 0.94 4.14
CA GLY A 408 -16.66 -0.36 3.52
C GLY A 408 -15.21 -0.83 3.54
N VAL A 409 -14.95 -1.92 2.83
CA VAL A 409 -13.63 -2.57 2.86
C VAL A 409 -12.78 -1.90 1.78
N ARG A 410 -12.33 -0.68 2.12
CA ARG A 410 -11.76 0.27 1.18
C ARG A 410 -10.70 1.11 1.87
N GLU A 411 -9.62 0.49 2.33
CA GLU A 411 -8.69 1.19 3.21
C GLU A 411 -7.97 2.32 2.50
N PHE A 412 -7.47 2.06 1.29
CA PHE A 412 -6.75 3.07 0.53
C PHE A 412 -7.67 4.20 0.13
N GLY A 413 -8.82 3.86 -0.42
CA GLY A 413 -9.80 4.86 -0.77
C GLY A 413 -10.25 5.68 0.42
N MET A 414 -10.51 5.03 1.55
CA MET A 414 -10.89 5.75 2.77
C MET A 414 -9.86 6.82 3.12
N THR A 415 -8.59 6.43 3.09
CA THR A 415 -7.54 7.34 3.56
C THR A 415 -7.37 8.51 2.61
N ALA A 416 -7.42 8.25 1.29
CA ALA A 416 -7.32 9.33 0.31
C ALA A 416 -8.59 10.18 0.24
N ILE A 417 -9.76 9.59 0.50
CA ILE A 417 -10.97 10.38 0.68
C ILE A 417 -10.80 11.33 1.86
N ALA A 418 -10.28 10.81 2.98
CA ALA A 418 -10.07 11.64 4.15
C ALA A 418 -9.07 12.75 3.86
N ASN A 419 -8.07 12.52 3.00
CA ASN A 419 -7.19 13.61 2.58
C ASN A 419 -8.01 14.69 1.88
N GLY A 420 -8.95 14.32 1.01
CA GLY A 420 -9.83 15.32 0.41
C GLY A 420 -10.70 16.04 1.40
N ILE A 421 -11.21 15.32 2.40
CA ILE A 421 -11.99 15.94 3.46
C ILE A 421 -11.16 16.98 4.20
N SER A 422 -9.93 16.64 4.57
N SER A 422 -9.95 16.62 4.60
CA SER A 422 -9.10 17.62 5.29
CA SER A 422 -9.07 17.57 5.27
C SER A 422 -8.71 18.79 4.41
C SER A 422 -8.82 18.79 4.39
N LEU A 423 -8.47 18.55 3.13
CA LEU A 423 -8.12 19.62 2.21
C LEU A 423 -9.29 20.57 1.99
N HIS A 424 -10.51 20.07 2.06
CA HIS A 424 -11.67 20.89 1.78
C HIS A 424 -11.83 22.02 2.79
N GLY A 425 -11.56 21.74 4.06
CA GLY A 425 -11.91 22.62 5.14
C GLY A 425 -13.27 22.30 5.72
N GLY A 426 -13.40 22.56 7.02
CA GLY A 426 -14.65 22.41 7.73
C GLY A 426 -14.73 21.20 8.63
N PHE A 427 -13.81 20.25 8.45
CA PHE A 427 -13.86 18.96 9.12
C PHE A 427 -12.51 18.58 9.69
N LEU A 428 -12.56 17.62 10.60
CA LEU A 428 -11.39 16.94 11.15
C LEU A 428 -11.66 15.44 10.93
N PRO A 429 -11.07 14.84 9.89
CA PRO A 429 -11.37 13.44 9.62
C PRO A 429 -10.57 12.51 10.51
N TYR A 430 -11.20 11.39 10.90
CA TYR A 430 -10.48 10.26 11.43
C TYR A 430 -10.87 9.04 10.61
N THR A 431 -9.90 8.14 10.42
CA THR A 431 -10.08 6.92 9.67
C THR A 431 -9.57 5.77 10.51
N SER A 432 -9.93 4.54 10.13
CA SER A 432 -9.57 3.41 10.98
C SER A 432 -9.63 2.11 10.22
N THR A 433 -8.67 1.25 10.55
CA THR A 433 -8.65 -0.15 10.16
C THR A 433 -7.68 -0.85 11.13
N PHE A 434 -7.52 -2.17 10.96
N PHE A 434 -7.52 -2.17 10.97
CA PHE A 434 -6.44 -2.87 11.65
CA PHE A 434 -6.45 -2.82 11.68
C PHE A 434 -5.10 -2.34 11.15
C PHE A 434 -5.12 -2.25 11.17
N LEU A 435 -4.14 -2.19 12.07
CA LEU A 435 -2.83 -1.64 11.70
C LEU A 435 -2.22 -2.36 10.50
N MET A 436 -2.34 -3.69 10.40
CA MET A 436 -1.72 -4.35 9.27
C MET A 436 -2.12 -3.69 7.95
N PHE A 437 -3.37 -3.31 7.87
CA PHE A 437 -3.92 -2.84 6.61
C PHE A 437 -3.64 -1.36 6.33
N VAL A 438 -2.83 -0.72 7.18
CA VAL A 438 -2.16 0.50 6.75
C VAL A 438 -1.40 0.21 5.47
N GLU A 439 -0.95 -1.03 5.28
CA GLU A 439 -0.18 -1.34 4.09
C GLU A 439 -1.01 -1.21 2.83
N TYR A 440 -2.33 -1.46 2.90
CA TYR A 440 -3.20 -1.23 1.74
C TYR A 440 -3.30 0.26 1.44
N ALA A 441 -3.23 1.11 2.44
CA ALA A 441 -3.44 2.54 2.29
C ALA A 441 -2.14 3.34 2.34
N ARG A 442 -1.00 2.68 2.20
N ARG A 442 -0.99 2.66 2.26
CA ARG A 442 0.24 3.27 2.66
CA ARG A 442 0.27 3.26 2.67
C ARG A 442 0.61 4.56 1.96
C ARG A 442 0.55 4.59 1.97
N ASN A 443 0.39 4.65 0.66
CA ASN A 443 0.78 5.89 -0.03
C ASN A 443 -0.16 7.03 0.29
N ALA A 444 -1.44 6.77 0.62
CA ALA A 444 -2.34 7.84 1.03
C ALA A 444 -1.94 8.39 2.39
N VAL A 445 -1.44 7.53 3.28
CA VAL A 445 -0.89 7.98 4.56
C VAL A 445 0.30 8.91 4.30
N ARG A 446 1.20 8.48 3.40
CA ARG A 446 2.34 9.32 3.05
C ARG A 446 1.88 10.65 2.49
N MET A 447 0.86 10.63 1.62
CA MET A 447 0.37 11.87 1.02
C MET A 447 -0.20 12.82 2.07
N ALA A 448 -0.86 12.30 3.11
CA ALA A 448 -1.33 13.17 4.18
C ALA A 448 -0.17 13.89 4.83
N ALA A 449 0.92 13.17 5.08
CA ALA A 449 2.13 13.75 5.67
C ALA A 449 2.76 14.78 4.73
N LEU A 450 2.91 14.44 3.45
CA LEU A 450 3.50 15.35 2.48
C LEU A 450 2.69 16.62 2.34
N MET A 451 1.36 16.50 2.33
CA MET A 451 0.48 17.64 2.17
C MET A 451 0.21 18.37 3.48
N LYS A 452 0.80 17.94 4.58
N LYS A 452 0.83 17.95 4.57
CA LYS A 452 0.69 18.64 5.86
CA LYS A 452 0.69 18.63 5.86
C LYS A 452 -0.75 18.67 6.37
C LYS A 452 -0.77 18.69 6.31
N GLN A 453 -1.47 17.57 6.17
CA GLN A 453 -2.88 17.49 6.50
C GLN A 453 -3.14 16.86 7.86
N ARG A 454 -4.10 17.43 8.57
CA ARG A 454 -4.57 16.89 9.83
C ARG A 454 -5.61 15.80 9.58
N GLN A 455 -5.27 14.59 10.04
CA GLN A 455 -6.11 13.41 9.97
C GLN A 455 -5.64 12.51 11.08
N VAL A 456 -6.56 11.96 11.87
CA VAL A 456 -6.21 10.99 12.90
C VAL A 456 -6.50 9.60 12.34
N MET A 457 -5.49 8.73 12.38
N MET A 457 -5.45 8.79 12.24
CA MET A 457 -5.52 7.41 11.77
CA MET A 457 -5.56 7.41 11.79
C MET A 457 -5.50 6.39 12.91
C MET A 457 -5.59 6.54 13.03
N VAL A 458 -6.65 5.74 13.14
CA VAL A 458 -6.90 4.92 14.31
C VAL A 458 -6.60 3.47 13.91
N TYR A 459 -5.44 2.96 14.28
CA TYR A 459 -4.99 1.64 13.82
C TYR A 459 -4.96 0.68 15.00
N THR A 460 -5.93 -0.23 15.04
CA THR A 460 -6.05 -1.14 16.16
C THR A 460 -5.39 -2.48 15.84
N HIS A 461 -5.39 -3.38 16.81
CA HIS A 461 -4.89 -4.73 16.61
C HIS A 461 -3.40 -4.68 16.23
N ASP A 462 -2.64 -4.07 17.14
CA ASP A 462 -1.30 -3.59 16.79
C ASP A 462 -0.17 -4.61 16.84
N SER A 463 -0.38 -5.83 17.32
CA SER A 463 0.74 -6.73 17.49
C SER A 463 0.24 -8.16 17.56
N ILE A 464 1.17 -9.08 17.84
CA ILE A 464 0.84 -10.45 18.23
C ILE A 464 -0.17 -10.54 19.37
N GLY A 465 -0.34 -9.46 20.15
CA GLY A 465 -1.39 -9.42 21.15
C GLY A 465 -2.79 -9.63 20.63
N LEU A 466 -3.01 -9.49 19.33
CA LEU A 466 -4.33 -9.81 18.79
C LEU A 466 -4.62 -11.30 18.78
N GLY A 467 -3.59 -12.15 18.84
CA GLY A 467 -3.80 -13.59 18.99
C GLY A 467 -4.11 -14.34 17.71
N GLU A 468 -5.23 -15.06 17.72
CA GLU A 468 -5.43 -16.21 16.85
C GLU A 468 -5.55 -15.87 15.36
N ASP A 469 -5.90 -14.65 14.97
CA ASP A 469 -5.96 -14.37 13.55
C ASP A 469 -4.64 -14.57 12.83
N GLY A 470 -3.50 -14.50 13.52
CA GLY A 470 -2.27 -15.02 12.96
C GLY A 470 -1.48 -14.03 12.11
N PRO A 471 -0.45 -14.54 11.42
CA PRO A 471 0.62 -13.67 10.89
C PRO A 471 0.21 -12.77 9.76
N THR A 472 -0.87 -13.06 9.04
CA THR A 472 -1.34 -12.13 8.01
C THR A 472 -1.94 -10.88 8.60
N HIS A 473 -2.32 -10.93 9.88
CA HIS A 473 -2.97 -9.84 10.59
C HIS A 473 -2.07 -9.17 11.62
N GLN A 474 -1.07 -9.87 12.16
CA GLN A 474 -0.26 -9.38 13.28
C GLN A 474 0.84 -8.46 12.80
N PRO A 475 0.74 -7.16 13.10
CA PRO A 475 1.81 -6.24 12.69
C PRO A 475 3.11 -6.60 13.36
N VAL A 476 4.19 -6.35 12.63
CA VAL A 476 5.53 -6.46 13.16
C VAL A 476 6.32 -5.21 12.78
N GLU A 477 6.41 -4.94 11.50
CA GLU A 477 7.28 -3.90 10.95
C GLU A 477 6.55 -2.63 10.53
N GLN A 478 5.23 -2.58 10.71
CA GLN A 478 4.46 -1.44 10.23
C GLN A 478 4.71 -0.17 11.02
N VAL A 479 4.80 -0.27 12.34
CA VAL A 479 5.04 0.94 13.15
C VAL A 479 6.37 1.56 12.80
N ALA A 480 7.41 0.75 12.64
CA ALA A 480 8.73 1.28 12.30
C ALA A 480 8.67 2.08 11.01
N SER A 481 7.91 1.61 10.04
CA SER A 481 7.81 2.35 8.78
C SER A 481 7.09 3.68 8.97
N LEU A 482 6.02 3.72 9.78
CA LEU A 482 5.37 4.99 10.09
C LEU A 482 6.32 5.93 10.81
N ARG A 483 7.10 5.41 11.73
CA ARG A 483 7.99 6.25 12.54
C ARG A 483 9.04 6.94 11.70
N VAL A 484 9.46 6.37 10.58
CA VAL A 484 10.48 6.99 9.76
C VAL A 484 9.89 7.78 8.58
N THR A 485 8.58 7.97 8.56
CA THR A 485 7.95 8.77 7.52
C THR A 485 8.03 10.24 7.89
N PRO A 486 8.62 11.09 7.04
CA PRO A 486 8.69 12.52 7.37
C PRO A 486 7.30 13.08 7.66
N ASN A 487 7.23 13.91 8.69
CA ASN A 487 6.03 14.64 9.09
C ASN A 487 4.89 13.77 9.59
N MET A 488 5.12 12.48 9.84
N MET A 488 5.15 12.48 9.82
CA MET A 488 4.10 11.64 10.44
CA MET A 488 4.20 11.62 10.47
C MET A 488 4.31 11.59 11.95
C MET A 488 4.34 11.78 11.98
N SER A 489 3.24 11.71 12.70
CA SER A 489 3.28 11.50 14.14
C SER A 489 2.68 10.13 14.44
N THR A 490 3.35 9.34 15.29
CA THR A 490 2.93 7.98 15.59
C THR A 490 2.97 7.81 17.10
N TRP A 491 1.84 7.38 17.67
CA TRP A 491 1.70 7.18 19.10
C TRP A 491 1.27 5.75 19.39
N ARG A 492 1.96 5.10 20.34
CA ARG A 492 1.66 3.73 20.75
C ARG A 492 1.41 3.77 22.26
N PRO A 493 0.21 4.17 22.67
CA PRO A 493 -0.03 4.44 24.11
C PRO A 493 -0.04 3.15 24.92
N CYS A 494 0.42 3.26 26.17
CA CYS A 494 0.53 2.10 27.04
C CYS A 494 -0.68 1.87 27.92
N ASP A 495 -1.60 2.81 27.97
CA ASP A 495 -2.77 2.70 28.83
C ASP A 495 -3.80 3.74 28.40
N GLN A 496 -4.89 3.82 29.14
CA GLN A 496 -5.97 4.69 28.70
C GLN A 496 -5.61 6.16 28.79
N VAL A 497 -4.67 6.50 29.67
CA VAL A 497 -4.25 7.88 29.86
C VAL A 497 -3.38 8.32 28.69
N GLU A 498 -2.35 7.54 28.37
CA GLU A 498 -1.55 7.85 27.19
C GLU A 498 -2.44 7.88 25.95
N SER A 499 -3.48 7.06 25.89
CA SER A 499 -4.34 7.03 24.71
C SER A 499 -5.06 8.34 24.53
N ALA A 500 -5.56 8.92 25.63
CA ALA A 500 -6.24 10.20 25.56
C ALA A 500 -5.27 11.33 25.20
N VAL A 501 -4.05 11.28 25.74
CA VAL A 501 -3.05 12.29 25.39
C VAL A 501 -2.73 12.22 23.90
N ALA A 502 -2.59 11.01 23.36
CA ALA A 502 -2.28 10.83 21.94
C ALA A 502 -3.41 11.35 21.07
N TRP A 503 -4.67 11.06 21.45
CA TRP A 503 -5.80 11.60 20.71
C TRP A 503 -5.78 13.13 20.73
N LYS A 504 -5.52 13.72 21.90
CA LYS A 504 -5.44 15.17 22.00
C LYS A 504 -4.35 15.72 21.09
N TYR A 505 -3.19 15.08 21.10
CA TYR A 505 -2.09 15.50 20.23
C TYR A 505 -2.52 15.47 18.77
N GLY A 506 -3.20 14.39 18.38
CA GLY A 506 -3.61 14.24 17.00
C GLY A 506 -4.57 15.32 16.55
N VAL A 507 -5.60 15.60 17.36
CA VAL A 507 -6.58 16.59 16.94
C VAL A 507 -6.01 18.00 16.97
N GLU A 508 -4.98 18.24 17.78
CA GLU A 508 -4.37 19.55 17.89
C GLU A 508 -3.26 19.78 16.88
N ARG A 509 -2.82 18.76 16.15
N ARG A 509 -2.88 18.80 16.08
CA ARG A 509 -1.88 19.02 15.06
CA ARG A 509 -1.75 18.95 15.17
C ARG A 509 -2.50 19.98 14.05
C ARG A 509 -2.19 19.63 13.86
N GLN A 510 -1.70 20.88 13.59
CA GLN A 510 -2.16 21.80 12.53
C GLN A 510 -1.52 21.51 11.20
N ASP A 511 -0.52 20.65 11.16
CA ASP A 511 0.30 20.56 9.96
C ASP A 511 0.71 19.14 9.62
N GLY A 512 -0.03 18.14 10.08
CA GLY A 512 0.20 16.80 9.62
C GLY A 512 -0.63 15.80 10.37
N PRO A 513 -0.54 14.54 9.96
CA PRO A 513 -1.41 13.48 10.46
C PRO A 513 -0.80 12.79 11.68
N THR A 514 -1.65 12.01 12.35
CA THR A 514 -1.28 11.31 13.56
C THR A 514 -1.86 9.90 13.52
N ALA A 515 -0.99 8.90 13.61
CA ALA A 515 -1.38 7.51 13.67
C ALA A 515 -1.37 7.06 15.13
N LEU A 516 -2.47 6.46 15.55
CA LEU A 516 -2.63 5.86 16.86
C LEU A 516 -2.52 4.36 16.71
N ILE A 517 -1.63 3.76 17.50
CA ILE A 517 -1.27 2.36 17.42
C ILE A 517 -1.85 1.70 18.67
N LEU A 518 -2.94 0.95 18.48
CA LEU A 518 -3.83 0.59 19.57
C LEU A 518 -3.99 -0.93 19.68
N SER A 519 -4.18 -1.39 20.91
CA SER A 519 -4.22 -2.80 21.20
C SER A 519 -5.62 -3.40 21.13
N ARG A 520 -5.66 -4.69 20.80
N ARG A 520 -5.66 -4.70 20.83
CA ARG A 520 -6.86 -5.50 21.01
CA ARG A 520 -6.86 -5.49 21.01
C ARG A 520 -7.04 -5.82 22.49
C ARG A 520 -7.04 -5.92 22.46
N GLN A 521 -5.94 -6.18 23.16
CA GLN A 521 -5.96 -6.74 24.50
C GLN A 521 -5.87 -5.67 25.57
N ASN A 522 -6.34 -5.99 26.76
CA ASN A 522 -6.37 -5.02 27.86
C ASN A 522 -4.97 -4.63 28.30
N LEU A 523 -4.80 -3.34 28.60
CA LEU A 523 -3.54 -2.74 29.05
C LEU A 523 -3.70 -2.16 30.45
N ALA A 524 -2.79 -2.52 31.34
CA ALA A 524 -2.79 -1.99 32.70
C ALA A 524 -2.47 -0.50 32.71
N GLN A 525 -3.08 0.23 33.64
CA GLN A 525 -2.78 1.64 33.81
C GLN A 525 -1.59 1.85 34.72
N GLN A 526 -0.70 2.74 34.32
CA GLN A 526 0.45 3.10 35.12
C GLN A 526 0.14 4.27 36.03
N GLU A 527 0.70 4.22 37.23
N GLU A 527 0.71 4.24 37.23
CA GLU A 527 0.69 5.36 38.14
CA GLU A 527 0.64 5.38 38.14
C GLU A 527 1.61 6.46 37.63
C GLU A 527 1.63 6.46 37.72
N ARG A 528 1.21 7.70 37.84
CA ARG A 528 1.99 8.84 37.40
C ARG A 528 1.87 9.98 38.39
N THR A 529 2.99 10.67 38.60
CA THR A 529 2.98 11.96 39.25
C THR A 529 2.42 13.01 38.30
N GLU A 530 2.17 14.21 38.84
N GLU A 530 2.14 14.20 38.85
CA GLU A 530 1.68 15.28 37.98
CA GLU A 530 1.69 15.30 38.01
C GLU A 530 2.70 15.65 36.90
C GLU A 530 2.69 15.58 36.90
N GLU A 531 3.99 15.59 37.22
CA GLU A 531 5.01 15.88 36.22
C GLU A 531 5.01 14.82 35.13
N GLN A 532 4.93 13.55 35.50
CA GLN A 532 4.88 12.49 34.50
C GLN A 532 3.64 12.60 33.63
N LEU A 533 2.49 12.88 34.24
CA LEU A 533 1.25 13.04 33.49
C LEU A 533 1.40 14.13 32.44
N ALA A 534 1.99 15.25 32.82
CA ALA A 534 2.21 16.37 31.89
C ALA A 534 3.23 16.01 30.82
N ASN A 535 4.17 15.13 31.11
CA ASN A 535 5.22 14.79 30.17
C ASN A 535 4.84 13.70 29.18
N ILE A 536 3.68 13.06 29.30
CA ILE A 536 3.27 12.10 28.28
C ILE A 536 3.29 12.79 26.92
N ALA A 537 2.80 14.03 26.86
CA ALA A 537 2.72 14.75 25.61
C ALA A 537 4.07 15.05 24.99
N ARG A 538 5.16 14.90 25.76
CA ARG A 538 6.50 15.04 25.24
C ARG A 538 7.03 13.78 24.58
N GLY A 539 6.20 12.74 24.48
CA GLY A 539 6.50 11.57 23.66
C GLY A 539 7.32 10.49 24.32
N GLY A 540 8.23 10.87 25.19
CA GLY A 540 9.03 9.94 25.98
C GLY A 540 9.26 10.56 27.34
N TYR A 541 9.18 9.76 28.40
CA TYR A 541 9.32 10.30 29.74
C TYR A 541 9.74 9.19 30.68
N VAL A 542 10.32 9.59 31.80
CA VAL A 542 10.72 8.67 32.86
C VAL A 542 9.49 8.24 33.64
N LEU A 543 9.17 6.97 33.57
CA LEU A 543 8.03 6.39 34.25
C LEU A 543 8.42 5.79 35.62
N LYS A 544 9.53 5.07 35.67
CA LYS A 544 10.05 4.48 36.89
C LYS A 544 11.53 4.85 36.96
N ASP A 545 12.03 5.13 38.16
CA ASP A 545 13.38 5.66 38.25
C ASP A 545 14.13 5.08 39.43
N CYS A 546 15.39 5.48 39.52
CA CYS A 546 16.26 5.17 40.63
C CYS A 546 16.81 6.49 41.15
N ALA A 547 17.45 6.42 42.31
CA ALA A 547 18.24 7.53 42.81
C ALA A 547 19.58 7.55 42.08
N GLY A 548 19.98 8.73 41.61
CA GLY A 548 21.25 8.86 40.93
C GLY A 548 21.19 8.38 39.49
N GLN A 549 22.35 8.34 38.87
CA GLN A 549 22.44 7.97 37.46
C GLN A 549 22.05 6.50 37.29
N PRO A 550 21.14 6.17 36.37
CA PRO A 550 20.82 4.77 36.16
C PRO A 550 22.02 3.99 35.63
N GLU A 551 22.05 2.72 36.00
CA GLU A 551 22.91 1.71 35.42
CA GLU A 551 22.96 1.84 35.31
C GLU A 551 22.27 1.02 34.22
N LEU A 552 20.94 1.07 34.15
CA LEU A 552 20.18 0.29 33.18
C LEU A 552 18.90 1.06 32.88
N ILE A 553 18.58 1.24 31.60
CA ILE A 553 17.35 1.91 31.21
C ILE A 553 16.56 0.98 30.29
N PHE A 554 15.33 0.67 30.67
CA PHE A 554 14.37 0.05 29.75
C PHE A 554 13.63 1.14 29.00
N ILE A 555 13.46 0.95 27.70
CA ILE A 555 12.65 1.83 26.86
C ILE A 555 11.54 0.97 26.31
N ALA A 556 10.29 1.31 26.62
CA ALA A 556 9.17 0.47 26.22
C ALA A 556 8.03 1.31 25.71
N THR A 557 7.17 0.66 24.93
CA THR A 557 6.01 1.31 24.35
C THR A 557 4.78 0.43 24.53
N GLY A 558 3.62 1.07 24.46
CA GLY A 558 2.38 0.35 24.32
C GLY A 558 2.22 -0.75 25.33
N SER A 559 1.74 -1.88 24.84
CA SER A 559 1.44 -3.02 25.66
C SER A 559 2.66 -3.57 26.39
N GLU A 560 3.88 -3.22 25.99
CA GLU A 560 5.09 -3.77 26.60
C GLU A 560 5.58 -2.94 27.79
N VAL A 561 4.96 -1.81 28.09
CA VAL A 561 5.39 -1.06 29.26
C VAL A 561 5.22 -1.88 30.54
N GLU A 562 4.12 -2.62 30.67
N GLU A 562 4.08 -2.58 30.68
CA GLU A 562 3.88 -3.37 31.91
CA GLU A 562 3.86 -3.39 31.88
C GLU A 562 4.96 -4.44 32.10
C GLU A 562 5.02 -4.37 32.08
N LEU A 563 5.38 -5.08 31.02
CA LEU A 563 6.46 -6.05 31.06
C LEU A 563 7.76 -5.39 31.48
N ALA A 564 8.09 -4.23 30.91
CA ALA A 564 9.30 -3.53 31.29
C ALA A 564 9.27 -3.13 32.76
N VAL A 565 8.12 -2.68 33.26
CA VAL A 565 8.00 -2.34 34.68
C VAL A 565 8.24 -3.57 35.54
N ALA A 566 7.69 -4.72 35.16
CA ALA A 566 7.92 -5.92 35.96
C ALA A 566 9.40 -6.29 36.01
N ALA A 567 10.10 -6.17 34.88
CA ALA A 567 11.53 -6.44 34.88
C ALA A 567 12.28 -5.42 35.75
N TYR A 568 11.90 -4.15 35.65
CA TYR A 568 12.43 -3.11 36.52
C TYR A 568 12.24 -3.45 37.98
N GLU A 569 11.08 -3.97 38.36
CA GLU A 569 10.87 -4.26 39.78
C GLU A 569 11.79 -5.36 40.25
N LYS A 570 11.99 -6.37 39.41
N LYS A 570 11.95 -6.40 39.45
CA LYS A 570 12.84 -7.49 39.79
CA LYS A 570 12.86 -7.48 39.82
C LYS A 570 14.30 -7.07 39.91
C LYS A 570 14.28 -6.95 39.99
N LEU A 571 14.77 -6.25 38.98
CA LEU A 571 16.15 -5.78 39.03
C LEU A 571 16.36 -4.75 40.14
N THR A 572 15.38 -3.89 40.37
CA THR A 572 15.48 -2.91 41.47
C THR A 572 15.62 -3.64 42.80
N ALA A 573 14.86 -4.72 42.99
CA ALA A 573 14.94 -5.47 44.24
C ALA A 573 16.30 -6.14 44.43
N GLU A 574 16.99 -6.48 43.34
CA GLU A 574 18.36 -6.99 43.41
C GLU A 574 19.37 -5.91 43.69
N GLY A 575 18.97 -4.64 43.56
CA GLY A 575 19.88 -3.54 43.78
C GLY A 575 20.43 -2.89 42.55
N VAL A 576 19.86 -3.15 41.38
CA VAL A 576 20.27 -2.44 40.17
C VAL A 576 19.62 -1.06 40.17
N LYS A 577 20.38 -0.05 39.75
N LYS A 577 20.39 -0.05 39.77
CA LYS A 577 19.86 1.29 39.55
CA LYS A 577 19.87 1.29 39.55
C LYS A 577 19.21 1.34 38.18
C LYS A 577 19.21 1.29 38.17
N ALA A 578 17.93 0.98 38.14
CA ALA A 578 17.19 0.80 36.91
C ALA A 578 16.18 1.93 36.71
N ARG A 579 15.82 2.12 35.45
CA ARG A 579 14.84 3.13 35.03
C ARG A 579 13.96 2.51 33.95
N VAL A 580 12.70 2.94 33.90
CA VAL A 580 11.82 2.64 32.77
C VAL A 580 11.41 3.95 32.14
N VAL A 581 11.62 4.06 30.84
CA VAL A 581 11.15 5.14 29.99
C VAL A 581 9.97 4.60 29.19
N SER A 582 8.83 5.30 29.26
CA SER A 582 7.73 5.05 28.36
C SER A 582 7.90 5.99 27.18
N MET A 583 7.84 5.43 25.97
CA MET A 583 8.08 6.17 24.73
CA MET A 583 8.06 6.21 24.74
C MET A 583 6.87 6.06 23.81
N PRO A 584 5.74 6.64 24.18
CA PRO A 584 4.55 6.52 23.31
C PRO A 584 4.75 7.17 21.94
N SER A 585 5.57 8.22 21.82
CA SER A 585 5.79 8.83 20.52
C SER A 585 7.25 9.23 20.36
N THR A 586 7.95 8.50 19.50
CA THR A 586 9.32 8.84 19.16
C THR A 586 9.42 10.19 18.49
N ASP A 587 8.46 10.55 17.64
CA ASP A 587 8.56 11.84 16.96
C ASP A 587 8.37 12.99 17.93
N ALA A 588 7.42 12.88 18.86
CA ALA A 588 7.26 13.96 19.82
C ALA A 588 8.48 14.04 20.74
N PHE A 589 9.07 12.89 21.09
CA PHE A 589 10.26 12.90 21.93
C PHE A 589 11.42 13.57 21.20
N ASP A 590 11.62 13.21 19.93
CA ASP A 590 12.76 13.73 19.19
C ASP A 590 12.69 15.25 19.05
N LYS A 591 11.47 15.81 19.05
CA LYS A 591 11.30 17.25 18.95
C LYS A 591 11.53 18.00 20.27
N GLN A 592 11.73 17.28 21.38
CA GLN A 592 11.96 17.94 22.65
C GLN A 592 13.35 18.56 22.68
N ASP A 593 13.52 19.47 23.63
CA ASP A 593 14.83 20.08 23.75
CA ASP A 593 14.80 20.10 23.90
C ASP A 593 15.85 19.06 24.30
N ALA A 594 17.11 19.36 24.00
CA ALA A 594 18.16 18.41 24.32
C ALA A 594 18.29 18.16 25.81
N ALA A 595 18.02 19.16 26.65
CA ALA A 595 18.10 18.92 28.09
C ALA A 595 17.04 17.94 28.51
N TYR A 596 15.82 18.06 27.96
CA TYR A 596 14.78 17.10 28.28
C TYR A 596 15.17 15.71 27.81
N ARG A 597 15.64 15.59 26.57
N ARG A 597 15.62 15.59 26.56
CA ARG A 597 15.99 14.26 26.07
CA ARG A 597 15.99 14.26 26.06
C ARG A 597 17.10 13.63 26.90
C ARG A 597 17.08 13.64 26.93
N GLU A 598 18.07 14.43 27.33
CA GLU A 598 19.14 13.96 28.20
C GLU A 598 18.62 13.53 29.58
N SER A 599 17.59 14.21 30.07
CA SER A 599 17.02 13.84 31.36
C SER A 599 16.35 12.48 31.30
N VAL A 600 15.88 12.08 30.13
CA VAL A 600 15.18 10.81 29.95
C VAL A 600 16.15 9.69 29.58
N LEU A 601 16.98 9.97 28.58
CA LEU A 601 17.97 9.04 28.02
C LEU A 601 19.36 9.67 28.14
N PRO A 602 19.97 9.63 29.32
CA PRO A 602 21.28 10.27 29.47
C PRO A 602 22.33 9.63 28.57
N LYS A 603 23.10 10.48 27.92
CA LYS A 603 24.07 10.00 26.94
C LYS A 603 25.12 9.10 27.55
N ALA A 604 25.42 9.28 28.83
CA ALA A 604 26.44 8.45 29.46
C ALA A 604 25.95 7.04 29.74
N VAL A 605 24.64 6.79 29.69
CA VAL A 605 24.08 5.48 30.05
C VAL A 605 23.85 4.72 28.75
N THR A 606 24.72 3.76 28.47
CA THR A 606 24.66 2.98 27.25
C THR A 606 23.91 1.67 27.42
N ALA A 607 23.69 1.23 28.66
CA ALA A 607 23.00 -0.04 28.91
C ALA A 607 21.49 0.21 28.85
N ARG A 608 20.99 0.16 27.62
CA ARG A 608 19.61 0.44 27.29
C ARG A 608 18.98 -0.80 26.66
N VAL A 609 17.79 -1.16 27.14
CA VAL A 609 17.06 -2.33 26.65
C VAL A 609 15.72 -1.85 26.14
N ALA A 610 15.47 -1.96 24.83
CA ALA A 610 14.19 -1.61 24.25
C ALA A 610 13.28 -2.84 24.30
N VAL A 611 11.99 -2.62 24.60
CA VAL A 611 11.01 -3.71 24.70
C VAL A 611 9.77 -3.28 23.94
N GLU A 612 9.47 -3.98 22.84
CA GLU A 612 8.34 -3.66 21.99
C GLU A 612 8.02 -4.88 21.13
N ALA A 613 6.75 -5.25 21.04
CA ALA A 613 6.33 -6.37 20.19
C ALA A 613 6.20 -5.91 18.74
N GLY A 614 7.34 -5.49 18.18
CA GLY A 614 7.46 -5.04 16.82
C GLY A 614 8.89 -5.24 16.39
N ILE A 615 9.18 -4.91 15.14
CA ILE A 615 10.48 -5.26 14.57
C ILE A 615 11.61 -4.62 15.37
N ALA A 616 12.62 -5.45 15.67
CA ALA A 616 13.68 -5.01 16.56
C ALA A 616 14.53 -3.91 15.94
N ASP A 617 14.74 -3.96 14.61
CA ASP A 617 15.75 -3.11 13.97
C ASP A 617 15.52 -1.63 14.19
N TYR A 618 14.27 -1.22 14.40
CA TYR A 618 14.00 0.20 14.61
C TYR A 618 14.81 0.74 15.79
N TRP A 619 14.93 -0.06 16.85
CA TRP A 619 15.31 0.44 18.15
C TRP A 619 16.79 0.72 18.30
N TYR A 620 17.62 0.38 17.32
CA TYR A 620 19.01 0.84 17.32
C TYR A 620 19.10 2.35 17.40
N LYS A 621 18.09 3.07 16.92
N LYS A 621 18.07 3.06 16.94
CA LYS A 621 18.11 4.52 17.05
CA LYS A 621 18.05 4.51 17.03
C LYS A 621 18.30 4.96 18.50
C LYS A 621 18.18 5.02 18.46
N TYR A 622 17.68 4.26 19.45
CA TYR A 622 17.75 4.66 20.85
C TYR A 622 18.68 3.80 21.68
N VAL A 623 19.02 2.58 21.27
CA VAL A 623 19.91 1.74 22.06
C VAL A 623 21.30 1.63 21.47
N GLY A 624 21.51 2.07 20.25
CA GLY A 624 22.85 2.01 19.69
C GLY A 624 23.36 0.60 19.55
N LEU A 625 24.69 0.49 19.52
CA LEU A 625 25.38 -0.78 19.34
C LEU A 625 25.69 -1.49 20.65
N ASN A 626 25.45 -0.86 21.79
CA ASN A 626 25.85 -1.42 23.07
C ASN A 626 24.68 -1.66 24.00
N GLY A 627 23.51 -1.81 23.43
CA GLY A 627 22.31 -2.10 24.19
C GLY A 627 21.73 -3.46 23.84
N ALA A 628 20.44 -3.61 24.08
CA ALA A 628 19.73 -4.84 23.79
C ALA A 628 18.33 -4.48 23.36
N ILE A 629 17.72 -5.38 22.59
CA ILE A 629 16.37 -5.19 22.09
C ILE A 629 15.60 -6.47 22.30
N VAL A 630 14.47 -6.38 22.98
CA VAL A 630 13.50 -7.47 23.11
C VAL A 630 12.36 -7.10 22.16
N GLY A 631 12.45 -7.64 20.95
CA GLY A 631 11.53 -7.30 19.88
C GLY A 631 11.20 -8.52 19.07
N MET A 632 10.49 -8.30 17.97
N MET A 632 10.58 -8.29 17.91
CA MET A 632 10.22 -9.32 16.97
CA MET A 632 10.26 -9.35 16.98
C MET A 632 11.30 -9.27 15.88
C MET A 632 11.19 -9.27 15.78
N THR A 633 11.63 -10.44 15.32
CA THR A 633 12.49 -10.53 14.17
C THR A 633 11.88 -11.41 13.07
N THR A 634 10.65 -11.85 13.24
CA THR A 634 9.98 -12.78 12.37
C THR A 634 8.52 -12.33 12.25
N PHE A 635 7.80 -12.99 11.33
CA PHE A 635 6.36 -12.94 11.34
C PHE A 635 5.79 -13.62 12.59
N GLY A 636 4.52 -13.36 12.86
CA GLY A 636 3.82 -13.96 13.98
C GLY A 636 3.37 -15.39 13.69
N GLU A 637 2.45 -15.85 14.53
N GLU A 637 2.41 -15.84 14.50
CA GLU A 637 1.86 -17.19 14.46
CA GLU A 637 1.86 -17.18 14.41
C GLU A 637 0.42 -17.12 14.91
C GLU A 637 0.44 -17.18 14.98
N SER A 638 -0.40 -18.07 14.46
CA SER A 638 -1.78 -18.17 14.92
C SER A 638 -1.86 -18.96 16.23
N ALA A 639 -2.13 -18.28 17.33
CA ALA A 639 -2.30 -18.88 18.65
C ALA A 639 -2.87 -17.83 19.58
N PRO A 640 -3.34 -18.24 20.76
CA PRO A 640 -3.75 -17.25 21.77
C PRO A 640 -2.62 -16.29 22.10
N ALA A 641 -2.97 -15.04 22.35
CA ALA A 641 -1.99 -13.99 22.58
C ALA A 641 -1.03 -14.33 23.72
N GLU A 642 -1.54 -14.88 24.82
N GLU A 642 -1.55 -14.83 24.84
CA GLU A 642 -0.65 -15.14 25.94
CA GLU A 642 -0.69 -15.07 25.99
C GLU A 642 0.48 -16.08 25.53
C GLU A 642 0.40 -16.08 25.67
N LEU A 643 0.13 -17.11 24.76
N LEU A 643 0.09 -17.05 24.81
CA LEU A 643 1.11 -18.09 24.33
CA LEU A 643 1.09 -18.02 24.39
C LEU A 643 2.06 -17.52 23.29
C LEU A 643 2.08 -17.39 23.42
N LEU A 644 1.60 -16.57 22.48
CA LEU A 644 2.49 -15.89 21.55
C LEU A 644 3.51 -15.02 22.28
N PHE A 645 3.08 -14.26 23.28
CA PHE A 645 4.03 -13.44 24.01
C PHE A 645 5.11 -14.31 24.64
N GLU A 646 4.73 -15.48 25.16
N GLU A 646 4.72 -15.45 25.22
CA GLU A 646 5.72 -16.40 25.70
CA GLU A 646 5.70 -16.36 25.82
C GLU A 646 6.63 -16.94 24.60
C GLU A 646 6.69 -16.86 24.76
N GLU A 647 6.03 -17.37 23.48
N GLU A 647 6.16 -17.35 23.64
CA GLU A 647 6.80 -17.96 22.39
CA GLU A 647 7.01 -17.96 22.62
C GLU A 647 7.86 -17.01 21.85
C GLU A 647 8.00 -16.95 22.04
N PHE A 648 7.55 -15.72 21.82
CA PHE A 648 8.40 -14.72 21.20
C PHE A 648 9.26 -13.96 22.20
N GLY A 649 9.27 -14.34 23.47
CA GLY A 649 10.23 -13.79 24.41
C GLY A 649 9.77 -12.61 25.20
N PHE A 650 8.49 -12.28 25.15
CA PHE A 650 7.95 -11.16 25.90
C PHE A 650 7.52 -11.66 27.28
N THR A 651 8.54 -12.04 28.05
CA THR A 651 8.36 -12.58 29.38
C THR A 651 9.30 -11.84 30.31
N VAL A 652 8.93 -11.79 31.59
CA VAL A 652 9.82 -11.14 32.56
C VAL A 652 11.17 -11.83 32.58
N ASP A 653 11.18 -13.17 32.57
CA ASP A 653 12.45 -13.88 32.62
C ASP A 653 13.36 -13.47 31.47
N ASN A 654 12.82 -13.39 30.24
CA ASN A 654 13.67 -13.09 29.11
C ASN A 654 14.14 -11.63 29.16
N VAL A 655 13.25 -10.71 29.50
CA VAL A 655 13.65 -9.31 29.58
C VAL A 655 14.73 -9.12 30.64
N VAL A 656 14.54 -9.74 31.81
CA VAL A 656 15.56 -9.67 32.86
C VAL A 656 16.87 -10.30 32.39
N ALA A 657 16.79 -11.46 31.72
CA ALA A 657 18.01 -12.13 31.27
C ALA A 657 18.76 -11.26 30.26
N LYS A 658 18.04 -10.60 29.36
N LYS A 658 18.05 -10.64 29.33
CA LYS A 658 18.70 -9.77 28.36
CA LYS A 658 18.72 -9.76 28.37
C LYS A 658 19.33 -8.53 29.01
C LYS A 658 19.38 -8.59 29.08
N ALA A 659 18.68 -8.00 30.04
CA ALA A 659 19.25 -6.88 30.80
C ALA A 659 20.51 -7.32 31.56
N LYS A 660 20.46 -8.49 32.20
CA LYS A 660 21.63 -8.96 32.95
C LYS A 660 22.78 -9.27 32.02
N GLU A 661 22.48 -9.82 30.85
N GLU A 661 22.48 -9.88 30.88
CA GLU A 661 23.55 -10.07 29.88
CA GLU A 661 23.51 -10.20 29.91
C GLU A 661 24.22 -8.76 29.51
C GLU A 661 24.17 -8.92 29.44
N LEU A 662 23.42 -7.75 29.18
N LEU A 662 23.37 -7.85 29.37
CA LEU A 662 23.95 -6.43 28.92
CA LEU A 662 23.89 -6.58 28.92
C LEU A 662 24.87 -6.01 30.04
C LEU A 662 24.74 -5.92 30.00
N LEU A 663 24.36 -6.06 31.28
CA LEU A 663 25.12 -5.51 32.39
C LEU A 663 26.38 -6.30 32.68
N HIS A 664 26.36 -7.62 32.46
CA HIS A 664 27.56 -8.42 32.57
C HIS A 664 28.52 -8.16 31.42
N HIS A 665 28.07 -7.41 30.40
CA HIS A 665 28.87 -6.96 29.26
C HIS A 665 29.06 -8.07 28.22
N SER B 2 -26.30 -40.56 1.73
CA SER B 2 -26.68 -39.29 2.33
C SER B 2 -27.10 -38.31 1.25
N SER B 3 -27.96 -37.35 1.61
CA SER B 3 -28.28 -36.31 0.66
C SER B 3 -27.10 -35.34 0.51
N ARG B 4 -27.12 -34.57 -0.57
CA ARG B 4 -26.09 -33.55 -0.73
C ARG B 4 -26.10 -32.56 0.43
N LYS B 5 -27.29 -32.22 0.93
N LYS B 5 -27.29 -32.21 0.93
CA LYS B 5 -27.36 -31.30 2.07
CA LYS B 5 -27.37 -31.31 2.06
C LYS B 5 -26.71 -31.89 3.31
C LYS B 5 -26.68 -31.91 3.29
N GLU B 6 -26.92 -33.18 3.56
CA GLU B 6 -26.26 -33.82 4.69
C GLU B 6 -24.74 -33.78 4.54
N LEU B 7 -24.25 -34.04 3.33
CA LEU B 7 -22.81 -34.00 3.11
C LEU B 7 -22.26 -32.60 3.32
N ALA B 8 -22.98 -31.58 2.86
CA ALA B 8 -22.58 -30.19 3.12
C ALA B 8 -22.64 -29.86 4.60
N ASN B 9 -23.59 -30.44 5.31
CA ASN B 9 -23.72 -30.19 6.73
C ASN B 9 -22.54 -30.71 7.52
N ALA B 10 -21.79 -31.68 6.99
CA ALA B 10 -20.56 -32.10 7.66
C ALA B 10 -19.59 -30.94 7.78
N ILE B 11 -19.50 -30.12 6.72
CA ILE B 11 -18.66 -28.92 6.78
C ILE B 11 -19.17 -27.97 7.84
N ARG B 12 -20.50 -27.77 7.88
CA ARG B 12 -21.07 -26.86 8.85
C ARG B 12 -20.77 -27.30 10.27
N ALA B 13 -20.92 -28.60 10.55
CA ALA B 13 -20.68 -29.11 11.89
C ALA B 13 -19.21 -28.96 12.27
N LEU B 14 -18.30 -29.43 11.42
CA LEU B 14 -16.88 -29.33 11.76
C LEU B 14 -16.49 -27.89 11.98
N SER B 15 -17.00 -26.99 11.14
CA SER B 15 -16.63 -25.59 11.23
C SER B 15 -17.14 -24.95 12.50
N MET B 16 -18.43 -25.08 12.81
CA MET B 16 -18.93 -24.44 14.02
C MET B 16 -18.29 -25.05 15.26
N ASP B 17 -18.06 -26.36 15.26
CA ASP B 17 -17.51 -27.02 16.43
C ASP B 17 -16.04 -26.67 16.62
N ALA B 18 -15.27 -26.56 15.53
CA ALA B 18 -13.86 -26.22 15.67
C ALA B 18 -13.69 -24.78 16.16
N VAL B 19 -14.50 -23.86 15.64
CA VAL B 19 -14.52 -22.48 16.13
C VAL B 19 -14.88 -22.47 17.60
N GLN B 20 -15.89 -23.25 17.99
CA GLN B 20 -16.32 -23.24 19.38
C GLN B 20 -15.22 -23.71 20.31
N LYS B 21 -14.52 -24.78 19.94
CA LYS B 21 -13.46 -25.31 20.79
C LYS B 21 -12.31 -24.31 20.91
N ALA B 22 -11.97 -23.63 19.82
CA ALA B 22 -10.93 -22.60 19.86
C ALA B 22 -11.39 -21.35 20.59
N LYS B 23 -12.69 -21.19 20.78
N LYS B 23 -12.69 -21.18 20.77
CA LYS B 23 -13.29 -19.95 21.29
CA LYS B 23 -13.27 -19.94 21.29
C LYS B 23 -12.90 -18.75 20.43
C LYS B 23 -12.82 -18.76 20.44
N SER B 24 -12.69 -18.98 19.14
CA SER B 24 -12.15 -17.99 18.24
C SER B 24 -12.40 -18.44 16.82
N GLY B 25 -12.72 -17.51 15.95
CA GLY B 25 -12.84 -17.78 14.53
C GLY B 25 -14.18 -17.43 13.96
N HIS B 26 -14.41 -17.94 12.75
CA HIS B 26 -15.41 -17.40 11.83
C HIS B 26 -16.32 -18.51 11.34
N PRO B 27 -17.49 -18.66 11.94
CA PRO B 27 -18.39 -19.74 11.52
C PRO B 27 -19.28 -19.36 10.34
N GLY B 28 -19.49 -18.07 10.12
CA GLY B 28 -20.54 -17.63 9.21
C GLY B 28 -20.30 -18.02 7.77
N ALA B 29 -19.13 -17.68 7.22
CA ALA B 29 -18.85 -17.95 5.82
C ALA B 29 -18.76 -19.46 5.57
N PRO B 30 -18.13 -20.28 6.41
CA PRO B 30 -18.13 -21.71 6.12
C PRO B 30 -19.54 -22.27 6.08
N MET B 31 -20.39 -21.84 7.00
CA MET B 31 -21.77 -22.31 7.00
C MET B 31 -22.54 -21.81 5.79
N GLY B 32 -22.28 -20.59 5.36
CA GLY B 32 -22.95 -20.04 4.20
C GLY B 32 -22.53 -20.66 2.89
N MET B 33 -21.26 -21.10 2.78
N MET B 33 -21.26 -21.09 2.80
CA MET B 33 -20.75 -21.60 1.50
CA MET B 33 -20.68 -21.58 1.55
C MET B 33 -20.69 -23.12 1.42
C MET B 33 -20.63 -23.10 1.45
N ALA B 34 -21.13 -23.83 2.46
CA ALA B 34 -20.92 -25.28 2.48
C ALA B 34 -21.57 -25.99 1.30
N ASP B 35 -22.77 -25.57 0.88
CA ASP B 35 -23.44 -26.26 -0.22
C ASP B 35 -22.70 -26.04 -1.53
N ILE B 36 -22.18 -24.83 -1.74
CA ILE B 36 -21.40 -24.53 -2.94
C ILE B 36 -20.14 -25.39 -2.95
N ALA B 37 -19.48 -25.47 -1.80
CA ALA B 37 -18.26 -26.24 -1.69
C ALA B 37 -18.50 -27.72 -1.96
N GLU B 38 -19.60 -28.26 -1.44
CA GLU B 38 -19.92 -29.66 -1.65
C GLU B 38 -20.06 -29.97 -3.14
N VAL B 39 -20.78 -29.12 -3.88
CA VAL B 39 -20.91 -29.36 -5.31
C VAL B 39 -19.57 -29.23 -6.02
N LEU B 40 -18.86 -28.12 -5.76
CA LEU B 40 -17.61 -27.91 -6.47
C LEU B 40 -16.65 -29.05 -6.23
N TRP B 41 -16.43 -29.38 -4.95
CA TRP B 41 -15.42 -30.36 -4.62
C TRP B 41 -15.84 -31.77 -5.01
N ARG B 42 -17.09 -32.17 -4.76
CA ARG B 42 -17.46 -33.54 -5.05
C ARG B 42 -17.74 -33.80 -6.52
N ASP B 43 -18.23 -32.82 -7.28
CA ASP B 43 -18.63 -33.06 -8.66
C ASP B 43 -17.66 -32.56 -9.71
N PHE B 44 -16.80 -31.59 -9.39
CA PHE B 44 -15.97 -30.98 -10.42
C PHE B 44 -14.48 -31.00 -10.16
N LEU B 45 -14.03 -30.72 -8.94
CA LEU B 45 -12.63 -30.43 -8.71
C LEU B 45 -11.77 -31.63 -9.05
N LYS B 46 -10.72 -31.38 -9.83
CA LYS B 46 -9.78 -32.41 -10.25
C LYS B 46 -8.55 -32.33 -9.33
N HIS B 47 -8.41 -33.30 -8.43
CA HIS B 47 -7.37 -33.21 -7.43
C HIS B 47 -7.09 -34.61 -6.88
N ASN B 48 -5.90 -34.78 -6.30
CA ASN B 48 -5.52 -36.02 -5.67
C ASN B 48 -5.07 -35.75 -4.25
N PRO B 49 -5.86 -36.07 -3.24
CA PRO B 49 -5.45 -35.85 -1.85
C PRO B 49 -4.13 -36.50 -1.50
N GLN B 50 -3.77 -37.59 -2.16
CA GLN B 50 -2.51 -38.26 -1.88
C GLN B 50 -1.31 -37.60 -2.54
N ASN B 51 -1.51 -36.66 -3.44
CA ASN B 51 -0.41 -35.86 -4.00
C ASN B 51 -0.89 -34.44 -4.24
N PRO B 52 -0.86 -33.60 -3.19
CA PRO B 52 -1.24 -32.19 -3.35
C PRO B 52 -0.35 -31.41 -4.29
N SER B 53 0.79 -31.96 -4.72
CA SER B 53 1.70 -31.27 -5.63
C SER B 53 1.55 -31.72 -7.08
N TRP B 54 0.55 -32.55 -7.40
CA TRP B 54 0.32 -32.98 -8.77
C TRP B 54 0.28 -31.76 -9.70
N ALA B 55 1.11 -31.78 -10.73
CA ALA B 55 1.33 -30.57 -11.52
C ALA B 55 0.06 -30.09 -12.21
N ASP B 56 -0.81 -31.00 -12.62
CA ASP B 56 -1.98 -30.65 -13.43
C ASP B 56 -3.28 -30.64 -12.64
N ARG B 57 -3.20 -30.61 -11.31
CA ARG B 57 -4.41 -30.48 -10.51
C ARG B 57 -5.11 -29.15 -10.78
N ASP B 58 -6.43 -29.12 -10.58
CA ASP B 58 -7.11 -27.85 -10.45
C ASP B 58 -6.60 -27.13 -9.20
N ARG B 59 -6.63 -25.80 -9.22
CA ARG B 59 -6.27 -25.01 -8.06
C ARG B 59 -7.53 -24.38 -7.48
N PHE B 60 -7.68 -24.46 -6.16
CA PHE B 60 -8.75 -23.81 -5.42
C PHE B 60 -8.16 -22.73 -4.51
N VAL B 61 -8.82 -21.58 -4.46
CA VAL B 61 -8.40 -20.47 -3.61
C VAL B 61 -9.59 -19.93 -2.82
N LEU B 62 -9.40 -19.81 -1.50
CA LEU B 62 -10.35 -19.20 -0.60
C LEU B 62 -9.93 -17.76 -0.35
N SER B 63 -10.47 -16.82 -1.13
CA SER B 63 -10.10 -15.41 -0.98
C SER B 63 -10.70 -14.79 0.28
N ASN B 64 -11.89 -15.24 0.69
CA ASN B 64 -12.50 -14.89 1.96
C ASN B 64 -11.93 -15.83 3.02
N GLY B 65 -10.63 -15.63 3.31
CA GLY B 65 -9.82 -16.59 4.06
C GLY B 65 -10.17 -16.69 5.53
N HIS B 66 -10.89 -15.72 6.07
CA HIS B 66 -11.41 -15.86 7.42
C HIS B 66 -12.25 -17.12 7.55
N GLY B 67 -12.89 -17.56 6.48
CA GLY B 67 -13.63 -18.82 6.50
C GLY B 67 -12.76 -20.06 6.43
N SER B 68 -11.63 -20.05 7.13
CA SER B 68 -10.63 -21.10 7.04
C SER B 68 -11.16 -22.48 7.38
N MET B 69 -12.11 -22.59 8.31
CA MET B 69 -12.63 -23.91 8.61
C MET B 69 -13.32 -24.55 7.40
N LEU B 70 -13.77 -23.76 6.43
N LEU B 70 -13.78 -23.78 6.43
CA LEU B 70 -14.30 -24.34 5.21
CA LEU B 70 -14.35 -24.43 5.25
C LEU B 70 -13.24 -25.19 4.53
C LEU B 70 -13.29 -25.21 4.49
N ILE B 71 -12.05 -24.61 4.28
N ILE B 71 -12.10 -24.64 4.30
CA ILE B 71 -11.03 -25.38 3.58
CA ILE B 71 -11.06 -25.38 3.59
C ILE B 71 -10.48 -26.51 4.44
C ILE B 71 -10.52 -26.52 4.45
N TYR B 72 -10.35 -26.31 5.76
CA TYR B 72 -9.87 -27.42 6.58
C TYR B 72 -10.87 -28.57 6.58
N SER B 73 -12.17 -28.26 6.62
CA SER B 73 -13.18 -29.30 6.54
C SER B 73 -13.07 -30.07 5.22
N LEU B 74 -12.95 -29.34 4.11
CA LEU B 74 -12.87 -29.97 2.80
C LEU B 74 -11.64 -30.87 2.69
N LEU B 75 -10.48 -30.37 3.13
CA LEU B 75 -9.25 -31.15 3.04
C LEU B 75 -9.35 -32.40 3.91
N HIS B 76 -9.86 -32.25 5.12
CA HIS B 76 -10.03 -33.41 5.98
C HIS B 76 -10.99 -34.42 5.37
N LEU B 77 -12.17 -33.97 4.97
CA LEU B 77 -13.21 -34.88 4.50
C LEU B 77 -12.82 -35.61 3.23
N THR B 78 -12.09 -34.94 2.32
CA THR B 78 -11.73 -35.56 1.06
C THR B 78 -10.50 -36.45 1.15
N GLY B 79 -9.82 -36.48 2.28
CA GLY B 79 -8.75 -37.45 2.49
C GLY B 79 -7.33 -36.92 2.45
N TYR B 80 -7.12 -35.61 2.50
CA TYR B 80 -5.78 -35.08 2.65
C TYR B 80 -5.21 -35.44 4.01
N ASP B 81 -3.89 -35.29 4.13
CA ASP B 81 -3.20 -35.55 5.38
C ASP B 81 -3.44 -34.40 6.36
N LEU B 82 -4.65 -34.35 6.89
CA LEU B 82 -5.08 -33.32 7.84
C LEU B 82 -6.03 -34.01 8.80
N PRO B 83 -5.48 -34.66 9.83
CA PRO B 83 -6.30 -35.47 10.73
C PRO B 83 -7.23 -34.64 11.59
N MET B 84 -8.23 -35.33 12.12
CA MET B 84 -9.21 -34.67 12.99
C MET B 84 -8.53 -33.96 14.15
N GLU B 85 -7.45 -34.52 14.68
CA GLU B 85 -6.76 -33.88 15.80
C GLU B 85 -6.32 -32.47 15.44
N GLU B 86 -5.93 -32.25 14.18
CA GLU B 86 -5.56 -30.90 13.76
C GLU B 86 -6.76 -29.96 13.79
N LEU B 87 -7.94 -30.44 13.39
CA LEU B 87 -9.14 -29.60 13.47
C LEU B 87 -9.47 -29.26 14.91
N LYS B 88 -9.19 -30.19 15.84
N LYS B 88 -9.20 -30.18 15.84
CA LYS B 88 -9.36 -29.92 17.27
CA LYS B 88 -9.37 -29.91 17.27
C LYS B 88 -8.35 -28.89 17.78
C LYS B 88 -8.30 -28.97 17.82
N ASN B 89 -7.30 -28.64 17.00
CA ASN B 89 -6.26 -27.68 17.35
C ASN B 89 -6.31 -26.44 16.46
N PHE B 90 -7.47 -26.15 15.89
CA PHE B 90 -7.69 -24.92 15.14
C PHE B 90 -7.25 -23.73 15.97
N ARG B 91 -6.44 -22.86 15.35
CA ARG B 91 -6.01 -21.59 15.95
C ARG B 91 -5.08 -21.77 17.14
N GLN B 92 -4.48 -22.97 17.30
CA GLN B 92 -3.53 -23.24 18.38
C GLN B 92 -2.10 -23.27 17.85
N LEU B 93 -1.17 -22.94 18.73
CA LEU B 93 0.22 -22.78 18.33
C LEU B 93 0.76 -24.03 17.65
N HIS B 94 1.39 -23.86 16.50
N HIS B 94 1.33 -23.81 16.47
CA HIS B 94 2.05 -24.94 15.77
CA HIS B 94 1.99 -24.82 15.65
C HIS B 94 1.07 -25.84 15.02
C HIS B 94 1.05 -25.93 15.20
N SER B 95 -0.24 -25.63 15.10
CA SER B 95 -1.13 -26.56 14.45
C SER B 95 -1.06 -26.38 12.93
N LYS B 96 -1.62 -27.38 12.23
N LYS B 96 -1.60 -27.38 12.23
CA LYS B 96 -1.79 -27.31 10.79
CA LYS B 96 -1.78 -27.30 10.79
C LYS B 96 -3.05 -26.57 10.39
C LYS B 96 -3.09 -26.63 10.41
N THR B 97 -3.74 -25.95 11.36
CA THR B 97 -5.01 -25.28 11.13
C THR B 97 -4.96 -23.86 11.71
N PRO B 98 -4.06 -23.02 11.20
CA PRO B 98 -4.03 -21.62 11.64
C PRO B 98 -5.32 -20.89 11.26
N GLY B 99 -5.55 -19.77 11.94
CA GLY B 99 -6.80 -19.06 11.82
C GLY B 99 -7.13 -18.55 10.43
N HIS B 100 -6.12 -18.21 9.64
CA HIS B 100 -6.25 -17.99 8.21
C HIS B 100 -5.36 -19.00 7.51
N PRO B 101 -5.75 -19.53 6.36
CA PRO B 101 -4.97 -20.64 5.78
C PRO B 101 -3.62 -20.17 5.31
N GLU B 102 -2.62 -21.04 5.48
N GLU B 102 -2.63 -21.03 5.50
CA GLU B 102 -1.23 -20.73 5.15
CA GLU B 102 -1.25 -20.75 5.14
C GLU B 102 -0.63 -21.81 4.27
C GLU B 102 -0.73 -21.83 4.22
N VAL B 103 -0.13 -21.42 3.10
CA VAL B 103 0.55 -22.37 2.24
C VAL B 103 1.79 -22.89 2.94
N GLY B 104 2.04 -24.18 2.78
CA GLY B 104 3.12 -24.85 3.45
C GLY B 104 2.76 -25.46 4.81
N TYR B 105 1.72 -24.95 5.49
CA TYR B 105 1.37 -25.44 6.83
C TYR B 105 0.48 -26.65 6.74
N THR B 106 -0.10 -26.88 5.60
CA THR B 106 -1.29 -27.69 5.55
C THR B 106 -1.36 -28.29 4.16
N ALA B 107 -1.46 -29.61 4.08
CA ALA B 107 -1.57 -30.29 2.81
C ALA B 107 -2.78 -29.79 2.05
N GLY B 108 -2.56 -29.35 0.81
CA GLY B 108 -3.63 -28.92 -0.05
C GLY B 108 -3.97 -27.45 -0.02
N VAL B 109 -3.42 -26.65 0.90
CA VAL B 109 -3.66 -25.21 0.88
C VAL B 109 -2.75 -24.60 -0.18
N GLU B 110 -3.33 -23.84 -1.12
CA GLU B 110 -2.58 -23.37 -2.28
C GLU B 110 -1.92 -22.01 -2.08
N THR B 111 -2.41 -21.22 -1.14
CA THR B 111 -1.97 -19.85 -0.94
C THR B 111 -2.34 -19.45 0.47
N THR B 112 -1.69 -18.41 0.98
CA THR B 112 -2.02 -17.83 2.28
C THR B 112 -2.96 -16.66 2.04
N THR B 113 -4.15 -16.72 2.62
CA THR B 113 -5.13 -15.64 2.49
C THR B 113 -5.50 -15.12 3.87
N GLY B 114 -6.50 -14.23 3.90
N GLY B 114 -6.39 -14.11 3.92
CA GLY B 114 -6.79 -13.42 5.05
CA GLY B 114 -6.70 -13.40 5.15
C GLY B 114 -6.96 -11.99 4.58
C GLY B 114 -6.77 -11.90 4.96
N PRO B 115 -5.84 -11.36 4.17
CA PRO B 115 -5.95 -9.99 3.68
C PRO B 115 -6.85 -9.97 2.46
N LEU B 116 -7.96 -9.26 2.57
CA LEU B 116 -9.01 -9.38 1.57
C LEU B 116 -8.54 -8.95 0.19
N GLY B 117 -9.11 -9.59 -0.80
CA GLY B 117 -8.83 -9.32 -2.19
C GLY B 117 -7.61 -10.02 -2.75
N GLN B 118 -6.63 -10.38 -1.92
CA GLN B 118 -5.43 -10.96 -2.48
C GLN B 118 -5.65 -12.38 -2.97
N GLY B 119 -6.57 -13.14 -2.41
CA GLY B 119 -6.79 -14.48 -2.92
C GLY B 119 -7.28 -14.49 -4.35
N ILE B 120 -8.26 -13.63 -4.69
CA ILE B 120 -8.71 -13.57 -6.07
C ILE B 120 -7.57 -13.15 -6.98
N ALA B 121 -6.72 -12.23 -6.52
CA ALA B 121 -5.53 -11.87 -7.29
C ALA B 121 -4.62 -13.07 -7.53
N ASN B 122 -4.35 -13.83 -6.47
CA ASN B 122 -3.52 -15.02 -6.60
C ASN B 122 -4.15 -15.98 -7.61
N ALA B 123 -5.48 -16.15 -7.54
CA ALA B 123 -6.17 -17.03 -8.47
C ALA B 123 -6.03 -16.56 -9.91
N VAL B 124 -6.12 -15.25 -10.15
CA VAL B 124 -5.87 -14.74 -11.49
C VAL B 124 -4.47 -15.14 -11.94
N GLY B 125 -3.48 -14.99 -11.05
CA GLY B 125 -2.13 -15.42 -11.41
C GLY B 125 -2.00 -16.90 -11.69
N MET B 126 -2.67 -17.74 -10.91
CA MET B 126 -2.67 -19.18 -11.18
C MET B 126 -3.29 -19.48 -12.54
N ALA B 127 -4.37 -18.76 -12.89
CA ALA B 127 -5.01 -18.97 -14.19
C ALA B 127 -4.14 -18.47 -15.33
N ILE B 128 -3.46 -17.34 -15.14
CA ILE B 128 -2.49 -16.90 -16.14
C ILE B 128 -1.39 -17.93 -16.31
N ALA B 129 -0.90 -18.47 -15.19
CA ALA B 129 0.16 -19.48 -15.26
C ALA B 129 -0.31 -20.70 -16.05
N GLU B 130 -1.52 -21.20 -15.77
CA GLU B 130 -2.01 -22.38 -16.49
C GLU B 130 -2.12 -22.09 -17.99
N LYS B 131 -2.66 -20.92 -18.34
CA LYS B 131 -2.88 -20.61 -19.75
C LYS B 131 -1.54 -20.53 -20.48
N THR B 132 -0.58 -19.88 -19.85
CA THR B 132 0.73 -19.65 -20.45
C THR B 132 1.50 -20.97 -20.55
N LEU B 133 1.46 -21.77 -19.49
CA LEU B 133 2.17 -23.04 -19.48
C LEU B 133 1.58 -23.97 -20.52
N ALA B 134 0.26 -23.99 -20.65
CA ALA B 134 -0.38 -24.80 -21.68
C ALA B 134 0.07 -24.37 -23.06
N ALA B 135 0.09 -23.07 -23.32
CA ALA B 135 0.50 -22.58 -24.62
C ALA B 135 1.96 -22.92 -24.90
N GLN B 136 2.82 -22.86 -23.88
CA GLN B 136 4.24 -23.17 -24.07
C GLN B 136 4.47 -24.66 -24.30
N PHE B 137 3.78 -25.53 -23.54
CA PHE B 137 4.12 -26.95 -23.51
C PHE B 137 3.19 -27.89 -24.26
N ASN B 138 1.91 -27.56 -24.40
CA ASN B 138 1.04 -28.53 -25.06
C ASN B 138 1.44 -28.68 -26.53
N ARG B 139 1.24 -29.88 -27.06
CA ARG B 139 1.56 -30.20 -28.44
C ARG B 139 0.40 -30.99 -29.01
N PRO B 140 0.30 -31.09 -30.33
CA PRO B 140 -0.85 -31.81 -30.91
C PRO B 140 -0.91 -33.24 -30.41
N GLY B 141 -2.07 -33.63 -29.88
CA GLY B 141 -2.25 -34.94 -29.28
C GLY B 141 -1.73 -35.08 -27.88
N HIS B 142 -1.18 -34.00 -27.28
CA HIS B 142 -0.50 -34.05 -25.98
C HIS B 142 -0.83 -32.79 -25.18
N ASP B 143 -2.03 -32.72 -24.62
CA ASP B 143 -2.42 -31.58 -23.80
C ASP B 143 -2.12 -31.85 -22.33
N ILE B 144 -0.82 -31.75 -21.98
CA ILE B 144 -0.36 -32.08 -20.63
C ILE B 144 -0.73 -31.02 -19.61
N VAL B 145 -1.07 -29.81 -20.03
CA VAL B 145 -1.55 -28.77 -19.11
C VAL B 145 -2.99 -28.49 -19.44
N ASP B 146 -3.88 -28.78 -18.48
CA ASP B 146 -5.31 -28.54 -18.69
C ASP B 146 -5.99 -28.58 -17.32
N HIS B 147 -6.09 -27.43 -16.66
CA HIS B 147 -6.74 -27.42 -15.36
C HIS B 147 -7.39 -26.06 -15.10
N TYR B 148 -8.37 -26.10 -14.22
CA TYR B 148 -9.17 -24.94 -13.82
C TYR B 148 -8.60 -24.31 -12.57
N THR B 149 -8.97 -23.04 -12.39
CA THR B 149 -8.69 -22.27 -11.19
C THR B 149 -10.04 -21.79 -10.65
N TYR B 150 -10.38 -22.26 -9.45
CA TYR B 150 -11.63 -21.92 -8.79
C TYR B 150 -11.35 -21.05 -7.59
N ALA B 151 -12.12 -20.00 -7.42
CA ALA B 151 -11.94 -19.11 -6.28
C ALA B 151 -13.27 -18.83 -5.60
N PHE B 152 -13.25 -18.76 -4.28
CA PHE B 152 -14.35 -18.25 -3.49
C PHE B 152 -13.98 -16.86 -3.00
N MET B 153 -14.95 -15.95 -2.99
CA MET B 153 -14.70 -14.59 -2.54
C MET B 153 -15.99 -13.99 -2.02
N GLY B 154 -15.88 -13.00 -1.14
CA GLY B 154 -17.03 -12.37 -0.54
C GLY B 154 -17.12 -10.89 -0.82
N ASP B 155 -17.97 -10.22 -0.03
CA ASP B 155 -18.18 -8.79 -0.22
C ASP B 155 -16.91 -8.00 0.01
N GLY B 156 -16.09 -8.42 0.98
CA GLY B 156 -14.88 -7.68 1.25
C GLY B 156 -13.92 -7.66 0.08
N CYS B 157 -13.71 -8.84 -0.53
CA CYS B 157 -12.86 -8.91 -1.70
C CYS B 157 -13.43 -8.07 -2.83
N MET B 158 -14.76 -8.06 -2.99
CA MET B 158 -15.38 -7.27 -4.05
C MET B 158 -15.23 -5.77 -3.84
N MET B 159 -15.27 -5.30 -2.59
CA MET B 159 -15.10 -3.88 -2.32
C MET B 159 -13.66 -3.42 -2.55
N GLU B 160 -12.70 -4.27 -2.24
CA GLU B 160 -11.30 -3.91 -2.34
C GLU B 160 -10.92 -3.53 -3.77
N GLY B 161 -10.11 -2.49 -3.89
CA GLY B 161 -9.61 -2.08 -5.18
C GLY B 161 -8.88 -3.16 -5.95
N ILE B 162 -8.16 -4.02 -5.25
CA ILE B 162 -7.38 -5.02 -5.96
C ILE B 162 -8.28 -5.91 -6.79
N SER B 163 -9.54 -6.13 -6.39
CA SER B 163 -10.43 -6.94 -7.23
C SER B 163 -10.67 -6.28 -8.57
N HIS B 164 -10.78 -4.95 -8.61
CA HIS B 164 -10.90 -4.24 -9.87
C HIS B 164 -9.66 -4.44 -10.74
N GLU B 165 -8.48 -4.32 -10.15
CA GLU B 165 -7.27 -4.48 -10.93
C GLU B 165 -7.21 -5.86 -11.58
N VAL B 166 -7.36 -6.91 -10.76
CA VAL B 166 -7.08 -8.25 -11.26
C VAL B 166 -8.21 -8.78 -12.11
N CYS B 167 -9.46 -8.41 -11.79
CA CYS B 167 -10.57 -8.91 -12.59
C CYS B 167 -10.68 -8.16 -13.91
N SER B 168 -10.30 -6.89 -13.95
CA SER B 168 -10.20 -6.19 -15.23
C SER B 168 -9.18 -6.90 -16.12
N LEU B 169 -8.00 -7.19 -15.59
CA LEU B 169 -6.95 -7.81 -16.40
C LEU B 169 -7.35 -9.23 -16.81
N ALA B 170 -8.01 -9.99 -15.91
CA ALA B 170 -8.46 -11.34 -16.26
C ALA B 170 -9.41 -11.30 -17.44
N GLY B 171 -10.24 -10.26 -17.51
CA GLY B 171 -11.11 -10.10 -18.65
C GLY B 171 -10.35 -9.86 -19.94
N THR B 172 -9.36 -8.96 -19.90
CA THR B 172 -8.54 -8.71 -21.10
C THR B 172 -7.88 -9.98 -21.58
N LEU B 173 -7.38 -10.81 -20.67
CA LEU B 173 -6.65 -12.02 -21.00
C LEU B 173 -7.57 -13.22 -21.25
N LYS B 174 -8.87 -13.03 -21.18
CA LYS B 174 -9.83 -14.05 -21.62
C LYS B 174 -9.55 -15.38 -20.92
N LEU B 175 -9.48 -15.32 -19.59
CA LEU B 175 -9.10 -16.48 -18.78
C LEU B 175 -10.30 -17.41 -18.55
N GLY B 176 -10.63 -18.18 -19.58
CA GLY B 176 -11.79 -19.04 -19.56
C GLY B 176 -11.77 -20.17 -18.54
N LYS B 177 -10.62 -20.49 -17.96
CA LYS B 177 -10.56 -21.54 -16.94
C LYS B 177 -10.57 -20.98 -15.53
N LEU B 178 -10.78 -19.68 -15.38
CA LEU B 178 -10.98 -19.05 -14.08
C LEU B 178 -12.47 -18.98 -13.81
N ILE B 179 -12.89 -19.56 -12.68
CA ILE B 179 -14.29 -19.57 -12.26
C ILE B 179 -14.32 -19.14 -10.80
N ALA B 180 -14.96 -18.01 -10.54
CA ALA B 180 -15.06 -17.43 -9.21
C ALA B 180 -16.50 -17.51 -8.73
N PHE B 181 -16.64 -17.81 -7.45
CA PHE B 181 -17.92 -17.88 -6.77
C PHE B 181 -17.97 -16.73 -5.76
N TYR B 182 -18.94 -15.86 -5.92
CA TYR B 182 -19.16 -14.73 -5.03
C TYR B 182 -20.21 -15.12 -4.00
N ASP B 183 -19.81 -15.06 -2.73
N ASP B 183 -19.80 -15.11 -2.74
CA ASP B 183 -20.66 -15.34 -1.58
CA ASP B 183 -20.65 -15.35 -1.59
C ASP B 183 -21.50 -14.10 -1.30
C ASP B 183 -21.45 -14.08 -1.36
N ASP B 184 -22.61 -14.00 -1.99
CA ASP B 184 -23.43 -12.78 -2.01
C ASP B 184 -24.46 -12.90 -0.89
N ASN B 185 -24.02 -12.56 0.35
CA ASN B 185 -24.81 -12.80 1.54
C ASN B 185 -25.31 -11.53 2.21
N GLY B 186 -25.04 -10.35 1.66
CA GLY B 186 -25.63 -9.14 2.17
C GLY B 186 -25.07 -8.61 3.47
N ILE B 187 -24.06 -9.24 4.02
CA ILE B 187 -23.57 -8.92 5.36
C ILE B 187 -22.08 -8.64 5.32
N SER B 188 -21.66 -7.62 6.06
CA SER B 188 -20.24 -7.41 6.36
C SER B 188 -20.14 -7.06 7.84
N ILE B 189 -18.94 -6.70 8.31
CA ILE B 189 -18.77 -6.55 9.75
C ILE B 189 -19.63 -5.41 10.29
N ASP B 190 -19.79 -4.33 9.54
CA ASP B 190 -20.59 -3.21 10.02
C ASP B 190 -22.09 -3.49 9.95
N GLY B 191 -22.54 -4.58 9.32
CA GLY B 191 -23.95 -4.92 9.25
C GLY B 191 -24.42 -5.18 7.83
N HIS B 192 -25.62 -4.71 7.52
CA HIS B 192 -26.21 -4.87 6.20
C HIS B 192 -25.47 -4.01 5.18
N VAL B 193 -24.95 -4.63 4.13
CA VAL B 193 -23.99 -3.94 3.29
C VAL B 193 -24.56 -2.78 2.50
N GLU B 194 -25.88 -2.68 2.34
CA GLU B 194 -26.45 -1.61 1.53
CA GLU B 194 -26.50 -1.61 1.56
C GLU B 194 -26.07 -0.21 2.03
N GLY B 195 -25.65 -0.06 3.27
CA GLY B 195 -25.23 1.25 3.73
C GLY B 195 -23.92 1.73 3.14
N TRP B 196 -23.14 0.83 2.54
CA TRP B 196 -21.80 1.16 2.05
C TRP B 196 -21.43 0.42 0.79
N PHE B 197 -22.25 -0.48 0.27
CA PHE B 197 -21.86 -1.28 -0.89
C PHE B 197 -23.12 -1.56 -1.70
N THR B 198 -23.25 -0.85 -2.82
CA THR B 198 -24.48 -0.86 -3.61
C THR B 198 -24.23 -1.15 -5.07
N ASP B 199 -23.03 -1.59 -5.43
CA ASP B 199 -22.72 -1.85 -6.83
C ASP B 199 -23.70 -2.86 -7.41
N ASP B 200 -23.99 -2.68 -8.70
CA ASP B 200 -24.52 -3.79 -9.51
C ASP B 200 -23.31 -4.62 -9.92
N THR B 201 -22.95 -5.56 -9.06
CA THR B 201 -21.72 -6.31 -9.25
C THR B 201 -21.74 -7.10 -10.55
N ALA B 202 -22.91 -7.64 -10.93
CA ALA B 202 -22.99 -8.34 -12.20
C ALA B 202 -22.60 -7.43 -13.37
N MET B 203 -23.18 -6.22 -13.38
CA MET B 203 -22.91 -5.28 -14.45
C MET B 203 -21.44 -4.87 -14.44
N ARG B 204 -20.85 -4.69 -13.26
CA ARG B 204 -19.44 -4.38 -13.16
C ARG B 204 -18.59 -5.47 -13.83
N PHE B 205 -18.88 -6.72 -13.50
CA PHE B 205 -18.09 -7.81 -14.07
C PHE B 205 -18.34 -8.00 -15.56
N GLU B 206 -19.59 -7.75 -16.01
N GLU B 206 -19.54 -7.70 -16.04
CA GLU B 206 -19.87 -7.66 -17.44
CA GLU B 206 -19.73 -7.72 -17.49
C GLU B 206 -18.95 -6.64 -18.11
C GLU B 206 -18.96 -6.61 -18.16
N ALA B 207 -18.73 -5.50 -17.45
CA ALA B 207 -17.88 -4.44 -18.00
C ALA B 207 -16.44 -4.88 -18.15
N TYR B 208 -16.00 -5.85 -17.33
CA TYR B 208 -14.66 -6.42 -17.43
C TYR B 208 -14.59 -7.50 -18.49
N GLY B 209 -15.68 -7.90 -19.11
CA GLY B 209 -15.64 -9.01 -20.04
C GLY B 209 -15.75 -10.37 -19.41
N TRP B 210 -16.34 -10.47 -18.23
CA TRP B 210 -16.59 -11.77 -17.62
C TRP B 210 -17.96 -12.30 -18.05
N HIS B 211 -18.10 -13.62 -17.92
N HIS B 211 -18.07 -13.63 -18.05
CA HIS B 211 -19.36 -14.33 -18.05
CA HIS B 211 -19.37 -14.29 -18.06
C HIS B 211 -19.98 -14.43 -16.66
C HIS B 211 -19.88 -14.24 -16.63
N VAL B 212 -21.11 -13.79 -16.45
CA VAL B 212 -21.70 -13.65 -15.12
C VAL B 212 -22.99 -14.47 -15.06
N ILE B 213 -23.11 -15.28 -14.02
CA ILE B 213 -24.34 -16.04 -13.77
C ILE B 213 -24.97 -15.45 -12.51
N ARG B 214 -26.15 -14.88 -12.69
N ARG B 214 -26.12 -14.81 -12.70
CA ARG B 214 -26.83 -14.16 -11.64
CA ARG B 214 -26.82 -14.08 -11.65
C ARG B 214 -27.72 -15.07 -10.81
C ARG B 214 -27.79 -14.97 -10.87
N ASP B 215 -28.00 -14.62 -9.59
CA ASP B 215 -29.14 -15.10 -8.81
C ASP B 215 -29.13 -16.61 -8.62
N ILE B 216 -27.96 -17.17 -8.37
CA ILE B 216 -27.88 -18.60 -8.08
C ILE B 216 -28.33 -18.81 -6.64
N ASP B 217 -29.19 -19.80 -6.42
CA ASP B 217 -29.53 -20.20 -5.06
C ASP B 217 -28.36 -20.99 -4.51
N GLY B 218 -27.54 -20.35 -3.66
CA GLY B 218 -26.36 -20.97 -3.11
C GLY B 218 -26.61 -22.03 -2.08
N HIS B 219 -27.87 -22.33 -1.79
CA HIS B 219 -28.24 -23.45 -0.93
C HIS B 219 -28.95 -24.55 -1.68
N ASP B 220 -28.89 -24.54 -3.01
CA ASP B 220 -29.54 -25.55 -3.83
C ASP B 220 -28.49 -26.20 -4.73
N ALA B 221 -28.10 -27.44 -4.39
CA ALA B 221 -27.05 -28.11 -5.12
C ALA B 221 -27.31 -28.16 -6.62
N ALA B 222 -28.55 -28.43 -7.03
CA ALA B 222 -28.82 -28.53 -8.46
C ALA B 222 -28.56 -27.21 -9.18
N SER B 223 -28.94 -26.09 -8.56
N SER B 223 -28.94 -26.09 -8.55
CA SER B 223 -28.69 -24.78 -9.17
CA SER B 223 -28.73 -24.76 -9.14
C SER B 223 -27.22 -24.51 -9.28
C SER B 223 -27.25 -24.43 -9.24
N ILE B 224 -26.48 -24.79 -8.21
CA ILE B 224 -25.05 -24.57 -8.22
C ILE B 224 -24.40 -25.41 -9.32
N LYS B 225 -24.79 -26.68 -9.41
N LYS B 225 -24.78 -26.68 -9.41
CA LYS B 225 -24.21 -27.58 -10.41
CA LYS B 225 -24.17 -27.57 -10.39
C LYS B 225 -24.46 -27.07 -11.82
C LYS B 225 -24.43 -27.10 -11.81
N ARG B 226 -25.69 -26.69 -12.11
N ARG B 226 -25.65 -26.63 -12.09
CA ARG B 226 -25.98 -26.14 -13.44
CA ARG B 226 -25.94 -26.14 -13.43
C ARG B 226 -25.08 -24.94 -13.74
C ARG B 226 -25.13 -24.90 -13.76
N ALA B 227 -24.91 -24.03 -12.77
CA ALA B 227 -24.11 -22.84 -12.99
C ALA B 227 -22.65 -23.19 -13.26
N VAL B 228 -22.09 -24.14 -12.53
CA VAL B 228 -20.71 -24.55 -12.77
C VAL B 228 -20.58 -25.16 -14.16
N GLU B 229 -21.54 -25.99 -14.57
CA GLU B 229 -21.50 -26.56 -15.91
C GLU B 229 -21.51 -25.47 -16.97
N GLU B 230 -22.32 -24.42 -16.76
N GLU B 230 -22.36 -24.46 -16.79
CA GLU B 230 -22.40 -23.34 -17.73
CA GLU B 230 -22.40 -23.34 -17.71
C GLU B 230 -21.09 -22.53 -17.77
C GLU B 230 -21.04 -22.64 -17.78
N ALA B 231 -20.46 -22.33 -16.62
CA ALA B 231 -19.18 -21.63 -16.58
C ALA B 231 -18.06 -22.43 -17.24
N ARG B 232 -18.07 -23.75 -17.04
N ARG B 232 -18.07 -23.76 -17.06
CA ARG B 232 -17.07 -24.58 -17.69
CA ARG B 232 -17.06 -24.60 -17.68
C ARG B 232 -17.23 -24.56 -19.20
C ARG B 232 -17.27 -24.75 -19.19
N ALA B 233 -18.47 -24.43 -19.68
CA ALA B 233 -18.71 -24.44 -21.12
C ALA B 233 -18.28 -23.14 -21.79
N VAL B 234 -18.08 -22.05 -21.04
CA VAL B 234 -17.65 -20.78 -21.60
C VAL B 234 -16.13 -20.76 -21.58
N THR B 235 -15.50 -20.85 -22.74
CA THR B 235 -14.05 -21.04 -22.77
C THR B 235 -13.27 -19.76 -23.01
N ASP B 236 -13.95 -18.66 -23.31
CA ASP B 236 -13.30 -17.44 -23.77
C ASP B 236 -13.47 -16.27 -22.81
N LYS B 237 -14.00 -16.51 -21.61
CA LYS B 237 -14.17 -15.46 -20.59
C LYS B 237 -14.06 -16.13 -19.23
N PRO B 238 -13.46 -15.45 -18.25
CA PRO B 238 -13.59 -15.90 -16.86
C PRO B 238 -15.05 -15.76 -16.44
N SER B 239 -15.46 -16.59 -15.47
CA SER B 239 -16.85 -16.61 -15.02
C SER B 239 -16.99 -16.22 -13.56
N LEU B 240 -18.04 -15.46 -13.28
CA LEU B 240 -18.44 -15.09 -11.93
C LEU B 240 -19.81 -15.67 -11.64
N LEU B 241 -19.89 -16.50 -10.60
CA LEU B 241 -21.13 -17.13 -10.17
C LEU B 241 -21.61 -16.38 -8.94
N MET B 242 -22.70 -15.65 -9.10
CA MET B 242 -23.29 -14.80 -8.04
CA MET B 242 -23.22 -14.83 -7.99
C MET B 242 -24.16 -15.71 -7.16
N CYS B 243 -23.64 -16.18 -6.04
CA CYS B 243 -24.31 -17.17 -5.23
C CYS B 243 -24.98 -16.50 -4.05
N LYS B 244 -26.30 -16.49 -4.05
N LYS B 244 -26.30 -16.44 -4.09
CA LYS B 244 -27.04 -15.89 -2.95
CA LYS B 244 -27.05 -15.93 -2.95
C LYS B 244 -27.05 -16.87 -1.79
C LYS B 244 -26.94 -16.94 -1.82
N THR B 245 -26.42 -16.51 -0.68
CA THR B 245 -26.29 -17.39 0.47
C THR B 245 -26.75 -16.64 1.71
N ILE B 246 -26.97 -17.42 2.76
CA ILE B 246 -27.31 -16.93 4.08
C ILE B 246 -26.10 -17.21 4.97
N ILE B 247 -25.45 -16.14 5.43
CA ILE B 247 -24.31 -16.30 6.32
C ILE B 247 -24.78 -17.08 7.55
N GLY B 248 -23.98 -18.04 8.03
CA GLY B 248 -24.42 -18.77 9.21
C GLY B 248 -25.59 -19.70 8.98
N PHE B 249 -25.83 -20.12 7.74
CA PHE B 249 -26.94 -21.01 7.40
C PHE B 249 -27.00 -22.17 8.38
N GLY B 250 -28.18 -22.37 8.95
CA GLY B 250 -28.44 -23.41 9.91
C GLY B 250 -28.71 -22.90 11.31
N SER B 251 -28.17 -21.74 11.65
CA SER B 251 -28.34 -21.17 12.98
C SER B 251 -29.65 -20.42 13.07
N PRO B 252 -30.58 -20.83 13.91
CA PRO B 252 -31.87 -20.11 13.96
C PRO B 252 -31.73 -18.66 14.37
N ASN B 253 -30.84 -18.33 15.27
CA ASN B 253 -30.77 -16.98 15.81
C ASN B 253 -29.68 -16.12 15.21
N LYS B 254 -28.68 -16.71 14.55
CA LYS B 254 -27.57 -15.94 14.00
C LYS B 254 -27.46 -16.02 12.49
N ALA B 255 -28.17 -16.92 11.82
CA ALA B 255 -28.10 -16.93 10.37
C ALA B 255 -28.55 -15.56 9.85
N GLY B 256 -27.87 -15.06 8.82
CA GLY B 256 -28.27 -13.81 8.22
C GLY B 256 -27.87 -12.59 9.02
N THR B 257 -27.06 -12.75 10.06
CA THR B 257 -26.68 -11.64 10.92
C THR B 257 -25.17 -11.44 10.89
N HIS B 258 -24.78 -10.21 11.18
CA HIS B 258 -23.35 -9.91 11.32
C HIS B 258 -22.75 -10.65 12.51
N ASP B 259 -23.58 -11.03 13.47
CA ASP B 259 -23.09 -11.75 14.65
C ASP B 259 -22.44 -13.07 14.29
N SER B 260 -22.86 -13.68 13.18
CA SER B 260 -22.30 -14.97 12.75
C SER B 260 -20.96 -14.83 12.06
N HIS B 261 -20.52 -13.60 11.73
CA HIS B 261 -19.29 -13.46 10.94
C HIS B 261 -18.06 -14.00 11.66
N GLY B 262 -17.84 -13.57 12.91
CA GLY B 262 -16.50 -13.58 13.47
C GLY B 262 -16.37 -13.88 14.94
N ALA B 263 -17.34 -14.59 15.48
CA ALA B 263 -17.24 -15.10 16.83
C ALA B 263 -17.87 -16.47 16.90
N PRO B 264 -17.49 -17.28 17.89
CA PRO B 264 -18.18 -18.57 18.08
C PRO B 264 -19.68 -18.38 18.19
N LEU B 265 -20.43 -19.34 17.67
CA LEU B 265 -21.87 -19.26 17.77
C LEU B 265 -22.35 -19.32 19.20
N GLY B 266 -21.65 -20.07 20.04
CA GLY B 266 -22.07 -20.37 21.39
C GLY B 266 -22.64 -21.78 21.48
N ASP B 267 -22.41 -22.43 22.62
CA ASP B 267 -22.84 -23.83 22.75
C ASP B 267 -24.36 -23.99 22.63
N ALA B 268 -25.13 -23.09 23.25
CA ALA B 268 -26.58 -23.21 23.13
C ALA B 268 -27.03 -23.07 21.69
N GLU B 269 -26.44 -22.12 20.96
CA GLU B 269 -26.82 -21.92 19.58
C GLU B 269 -26.39 -23.08 18.70
N ILE B 270 -25.23 -23.70 18.99
CA ILE B 270 -24.82 -24.88 18.24
C ILE B 270 -25.81 -26.02 18.40
N ALA B 271 -26.31 -26.22 19.62
CA ALA B 271 -27.32 -27.26 19.82
C ALA B 271 -28.55 -27.00 18.96
N LEU B 272 -29.01 -25.75 18.91
CA LEU B 272 -30.16 -25.40 18.09
C LEU B 272 -29.84 -25.55 16.60
N THR B 273 -28.61 -25.29 16.21
CA THR B 273 -28.19 -25.42 14.82
C THR B 273 -28.19 -26.88 14.41
N ARG B 274 -27.66 -27.76 15.25
CA ARG B 274 -27.74 -29.19 14.97
C ARG B 274 -29.19 -29.62 14.74
N GLU B 275 -30.09 -29.12 15.59
CA GLU B 275 -31.50 -29.50 15.45
C GLU B 275 -32.09 -29.00 14.14
N GLN B 276 -31.77 -27.76 13.77
CA GLN B 276 -32.30 -27.22 12.53
C GLN B 276 -31.76 -27.98 11.31
N LEU B 277 -30.47 -28.31 11.34
CA LEU B 277 -29.83 -29.01 10.22
C LEU B 277 -30.11 -30.49 10.20
N GLY B 278 -30.62 -31.06 11.28
CA GLY B 278 -30.75 -32.49 11.37
C GLY B 278 -29.44 -33.23 11.50
N TRP B 279 -28.41 -32.60 12.08
CA TRP B 279 -27.07 -33.18 12.19
C TRP B 279 -26.91 -33.78 13.60
N LYS B 280 -26.86 -35.10 13.68
CA LYS B 280 -26.94 -35.77 14.98
C LYS B 280 -25.59 -36.03 15.61
N TYR B 281 -24.51 -35.95 14.85
CA TYR B 281 -23.22 -36.41 15.33
C TYR B 281 -22.59 -35.41 16.29
N ALA B 282 -21.85 -35.93 17.25
CA ALA B 282 -21.17 -35.12 18.25
C ALA B 282 -20.03 -34.34 17.61
N PRO B 283 -19.48 -33.34 18.32
CA PRO B 283 -18.37 -32.58 17.75
C PRO B 283 -17.21 -33.49 17.37
N PHE B 284 -16.70 -33.28 16.16
CA PHE B 284 -15.55 -33.98 15.63
C PHE B 284 -15.83 -35.44 15.32
N GLU B 285 -17.10 -35.82 15.27
N GLU B 285 -17.10 -35.83 15.22
CA GLU B 285 -17.56 -37.15 14.88
CA GLU B 285 -17.46 -37.20 14.88
C GLU B 285 -18.07 -37.10 13.44
C GLU B 285 -18.14 -37.23 13.51
N ILE B 286 -17.54 -38.00 12.61
CA ILE B 286 -18.03 -38.16 11.23
C ILE B 286 -18.14 -39.66 11.00
N PRO B 287 -19.31 -40.16 10.60
CA PRO B 287 -19.47 -41.61 10.40
C PRO B 287 -18.76 -42.07 9.13
N SER B 288 -18.43 -43.38 9.12
CA SER B 288 -17.73 -43.96 7.99
C SER B 288 -18.48 -43.74 6.67
N GLU B 289 -19.82 -43.78 6.70
CA GLU B 289 -20.61 -43.60 5.47
CA GLU B 289 -20.57 -43.62 5.46
C GLU B 289 -20.42 -42.21 4.87
N ILE B 290 -20.26 -41.21 5.72
CA ILE B 290 -20.07 -39.87 5.19
C ILE B 290 -18.66 -39.70 4.65
N TYR B 291 -17.65 -40.25 5.35
CA TYR B 291 -16.32 -40.27 4.76
C TYR B 291 -16.33 -40.97 3.42
N ALA B 292 -17.08 -42.07 3.28
CA ALA B 292 -17.04 -42.83 2.04
C ALA B 292 -17.53 -41.98 0.88
N GLN B 293 -18.51 -41.11 1.13
CA GLN B 293 -19.05 -40.27 0.07
C GLN B 293 -18.19 -39.03 -0.19
N TRP B 294 -17.47 -38.55 0.82
CA TRP B 294 -16.61 -37.38 0.65
C TRP B 294 -15.23 -37.74 0.12
N ASP B 295 -14.74 -38.95 0.39
CA ASP B 295 -13.35 -39.25 0.14
C ASP B 295 -13.03 -39.16 -1.35
N ALA B 296 -11.89 -38.58 -1.66
CA ALA B 296 -11.46 -38.37 -3.04
C ALA B 296 -10.20 -39.16 -3.41
N LYS B 297 -9.75 -40.08 -2.55
CA LYS B 297 -8.50 -40.76 -2.82
C LYS B 297 -8.59 -41.65 -4.06
N GLU B 298 -9.66 -42.43 -4.20
CA GLU B 298 -9.71 -43.36 -5.33
C GLU B 298 -9.86 -42.60 -6.65
N ALA B 299 -10.77 -41.64 -6.71
CA ALA B 299 -10.94 -40.86 -7.93
C ALA B 299 -9.69 -40.06 -8.24
N GLY B 300 -9.07 -39.48 -7.21
CA GLY B 300 -7.90 -38.67 -7.41
C GLY B 300 -6.72 -39.47 -7.93
N GLN B 301 -6.51 -40.66 -7.37
N GLN B 301 -6.52 -40.67 -7.39
CA GLN B 301 -5.48 -41.56 -7.87
CA GLN B 301 -5.44 -41.51 -7.87
C GLN B 301 -5.70 -41.85 -9.35
C GLN B 301 -5.67 -41.95 -9.31
N ALA B 302 -6.93 -42.18 -9.70
CA ALA B 302 -7.21 -42.56 -11.08
C ALA B 302 -6.92 -41.40 -12.01
N LYS B 303 -7.30 -40.18 -11.62
CA LYS B 303 -7.08 -39.03 -12.47
C LYS B 303 -5.60 -38.74 -12.60
N GLU B 304 -4.85 -38.79 -11.49
CA GLU B 304 -3.42 -38.52 -11.58
C GLU B 304 -2.70 -39.64 -12.34
N SER B 305 -3.11 -40.89 -12.15
CA SER B 305 -2.48 -41.97 -12.90
CA SER B 305 -2.49 -41.98 -12.89
C SER B 305 -2.69 -41.81 -14.39
N ALA B 306 -3.90 -41.41 -14.80
CA ALA B 306 -4.13 -41.15 -16.22
C ALA B 306 -3.24 -40.02 -16.72
N TRP B 307 -3.09 -38.97 -15.91
CA TRP B 307 -2.23 -37.87 -16.31
C TRP B 307 -0.77 -38.32 -16.41
N ASN B 308 -0.33 -39.15 -15.49
CA ASN B 308 1.04 -39.65 -15.54
C ASN B 308 1.28 -40.42 -16.83
N GLU B 309 0.30 -41.21 -17.26
N GLU B 309 0.29 -41.21 -17.26
CA GLU B 309 0.46 -41.93 -18.52
CA GLU B 309 0.38 -41.89 -18.56
C GLU B 309 0.47 -40.97 -19.72
C GLU B 309 0.53 -40.88 -19.69
N LYS B 310 -0.32 -39.89 -19.63
N LYS B 310 -0.34 -39.86 -19.71
CA LYS B 310 -0.27 -38.85 -20.65
CA LYS B 310 -0.25 -38.82 -20.73
C LYS B 310 1.09 -38.18 -20.69
C LYS B 310 1.12 -38.14 -20.71
N PHE B 311 1.65 -37.87 -19.52
CA PHE B 311 2.95 -37.24 -19.46
C PHE B 311 4.04 -38.17 -19.97
N ALA B 312 3.95 -39.46 -19.68
CA ALA B 312 4.91 -40.42 -20.21
C ALA B 312 4.88 -40.44 -21.73
N ALA B 313 3.69 -40.42 -22.33
CA ALA B 313 3.60 -40.38 -23.78
C ALA B 313 4.18 -39.10 -24.33
N TYR B 314 3.91 -37.98 -23.66
CA TYR B 314 4.50 -36.69 -24.05
C TYR B 314 6.02 -36.76 -24.02
N ALA B 315 6.56 -37.35 -22.94
CA ALA B 315 8.01 -37.41 -22.80
C ALA B 315 8.67 -38.29 -23.85
N LYS B 316 7.98 -39.32 -24.33
CA LYS B 316 8.53 -40.13 -25.40
C LYS B 316 8.60 -39.33 -26.70
N ALA B 317 7.56 -38.53 -26.98
CA ALA B 317 7.49 -37.76 -28.21
C ALA B 317 8.26 -36.46 -28.15
N TYR B 318 8.39 -35.88 -26.96
CA TYR B 318 8.97 -34.55 -26.73
C TYR B 318 9.90 -34.63 -25.52
N PRO B 319 11.01 -35.36 -25.62
CA PRO B 319 11.83 -35.59 -24.42
C PRO B 319 12.44 -34.34 -23.81
N GLN B 320 12.95 -33.42 -24.63
N GLN B 320 13.01 -33.47 -24.66
CA GLN B 320 13.56 -32.22 -24.07
CA GLN B 320 13.56 -32.20 -24.20
C GLN B 320 12.51 -31.31 -23.44
C GLN B 320 12.50 -31.39 -23.44
N GLU B 321 11.33 -31.22 -24.07
CA GLU B 321 10.26 -30.42 -23.49
C GLU B 321 9.81 -31.00 -22.17
N ALA B 322 9.68 -32.32 -22.10
CA ALA B 322 9.24 -32.94 -20.86
C ALA B 322 10.24 -32.70 -19.74
N ALA B 323 11.53 -32.77 -20.05
CA ALA B 323 12.54 -32.49 -19.04
C ALA B 323 12.44 -31.06 -18.56
N GLU B 324 12.19 -30.12 -19.47
CA GLU B 324 12.01 -28.72 -19.08
C GLU B 324 10.76 -28.55 -18.22
N PHE B 325 9.68 -29.25 -18.56
CA PHE B 325 8.46 -29.14 -17.77
C PHE B 325 8.72 -29.58 -16.33
N THR B 326 9.36 -30.74 -16.17
CA THR B 326 9.64 -31.23 -14.83
C THR B 326 10.56 -30.27 -14.08
N ARG B 327 11.62 -29.80 -14.74
CA ARG B 327 12.54 -28.87 -14.08
C ARG B 327 11.79 -27.64 -13.59
N ARG B 328 11.00 -27.05 -14.47
CA ARG B 328 10.34 -25.80 -14.15
C ARG B 328 9.25 -25.98 -13.12
N MET B 329 8.49 -27.08 -13.16
CA MET B 329 7.48 -27.30 -12.14
C MET B 329 8.09 -27.50 -10.77
N LYS B 330 9.29 -28.06 -10.71
CA LYS B 330 10.01 -28.25 -9.45
C LYS B 330 10.70 -26.96 -8.98
N GLY B 331 10.78 -25.93 -9.81
CA GLY B 331 11.48 -24.71 -9.42
C GLY B 331 12.98 -24.83 -9.45
N GLU B 332 13.52 -25.84 -10.13
N GLU B 332 13.52 -25.80 -10.18
CA GLU B 332 14.95 -26.03 -10.24
CA GLU B 332 14.95 -26.05 -10.25
C GLU B 332 15.51 -25.10 -11.30
C GLU B 332 15.59 -25.21 -11.34
N MET B 333 16.77 -24.74 -11.12
N MET B 333 16.80 -24.70 -11.06
CA MET B 333 17.45 -23.88 -12.08
CA MET B 333 17.53 -23.88 -12.02
C MET B 333 18.22 -24.72 -13.08
C MET B 333 18.13 -24.76 -13.12
N PRO B 334 18.46 -24.16 -14.27
CA PRO B 334 19.27 -24.90 -15.26
C PRO B 334 20.64 -25.21 -14.67
N SER B 335 21.17 -26.39 -15.02
CA SER B 335 22.42 -26.82 -14.40
C SER B 335 23.58 -25.90 -14.71
N ASP B 336 23.57 -25.24 -15.87
N ASP B 336 23.56 -25.24 -15.87
CA ASP B 336 24.67 -24.37 -16.26
CA ASP B 336 24.66 -24.37 -16.27
C ASP B 336 24.44 -22.91 -15.90
C ASP B 336 24.41 -22.89 -15.96
N PHE B 337 23.32 -22.58 -15.24
CA PHE B 337 23.02 -21.17 -14.97
C PHE B 337 24.07 -20.53 -14.09
N ASP B 338 24.46 -21.19 -12.99
CA ASP B 338 25.43 -20.59 -12.08
C ASP B 338 26.72 -20.19 -12.81
N ALA B 339 27.26 -21.11 -13.61
CA ALA B 339 28.51 -20.83 -14.29
C ALA B 339 28.34 -19.72 -15.32
N LYS B 340 27.24 -19.73 -16.08
N LYS B 340 27.24 -19.74 -16.09
CA LYS B 340 27.04 -18.69 -17.08
CA LYS B 340 27.04 -18.69 -17.08
C LYS B 340 26.81 -17.33 -16.44
C LYS B 340 26.83 -17.34 -16.43
N ALA B 341 26.09 -17.29 -15.33
CA ALA B 341 25.85 -16.02 -14.66
C ALA B 341 27.14 -15.48 -14.07
N LYS B 342 27.97 -16.35 -13.49
CA LYS B 342 29.26 -15.91 -12.99
C LYS B 342 30.15 -15.37 -14.10
N GLU B 343 30.11 -16.00 -15.28
N GLU B 343 30.12 -16.02 -15.28
CA GLU B 343 30.88 -15.52 -16.42
CA GLU B 343 30.90 -15.50 -16.41
C GLU B 343 30.43 -14.12 -16.82
C GLU B 343 30.44 -14.09 -16.77
N PHE B 344 29.12 -13.88 -16.82
CA PHE B 344 28.59 -12.56 -17.13
C PHE B 344 29.06 -11.53 -16.11
N ILE B 345 28.95 -11.85 -14.82
CA ILE B 345 29.38 -10.95 -13.76
C ILE B 345 30.86 -10.61 -13.89
N ALA B 346 31.70 -11.62 -14.15
CA ALA B 346 33.12 -11.37 -14.30
C ALA B 346 33.42 -10.49 -15.50
N LYS B 347 32.68 -10.70 -16.60
N LYS B 347 32.70 -10.72 -16.61
CA LYS B 347 32.88 -9.87 -17.78
CA LYS B 347 32.87 -9.86 -17.77
C LYS B 347 32.53 -8.42 -17.48
C LYS B 347 32.58 -8.41 -17.41
N LEU B 348 31.47 -8.18 -16.71
CA LEU B 348 31.14 -6.81 -16.33
C LEU B 348 32.23 -6.17 -15.49
N GLN B 349 32.76 -6.91 -14.51
CA GLN B 349 33.80 -6.32 -13.67
C GLN B 349 35.03 -5.95 -14.50
N ALA B 350 35.33 -6.75 -15.53
CA ALA B 350 36.50 -6.51 -16.38
C ALA B 350 36.26 -5.44 -17.44
N ASN B 351 35.02 -5.04 -17.68
CA ASN B 351 34.63 -4.16 -18.77
C ASN B 351 33.70 -3.10 -18.22
N PRO B 352 34.26 -2.11 -17.53
N PRO B 352 34.25 -2.08 -17.56
CA PRO B 352 33.42 -1.11 -16.87
CA PRO B 352 33.39 -1.14 -16.83
C PRO B 352 32.47 -0.40 -17.80
C PRO B 352 32.53 -0.30 -17.74
N ALA B 353 31.34 0.01 -17.23
CA ALA B 353 30.35 0.82 -17.92
C ALA B 353 29.63 1.62 -16.87
N LYS B 354 29.57 2.94 -17.07
N LYS B 354 29.62 2.94 -17.05
CA LYS B 354 28.92 3.87 -16.15
CA LYS B 354 28.92 3.86 -16.16
C LYS B 354 27.53 4.12 -16.71
C LYS B 354 27.52 4.09 -16.72
N ILE B 355 26.56 3.33 -16.20
CA ILE B 355 25.20 3.28 -16.69
C ILE B 355 24.29 3.28 -15.47
N ALA B 356 23.01 3.60 -15.69
CA ALA B 356 22.06 3.56 -14.60
C ALA B 356 21.86 2.11 -14.16
N SER B 357 21.58 1.87 -12.88
CA SER B 357 21.32 0.49 -12.53
C SER B 357 19.98 -0.01 -13.10
N ARG B 358 19.06 0.87 -13.52
CA ARG B 358 17.91 0.35 -14.27
C ARG B 358 18.38 -0.29 -15.59
N LYS B 359 19.39 0.30 -16.24
N LYS B 359 19.39 0.30 -16.24
CA LYS B 359 19.91 -0.25 -17.48
CA LYS B 359 19.92 -0.25 -17.47
C LYS B 359 20.75 -1.50 -17.20
C LYS B 359 20.73 -1.51 -17.18
N ALA B 360 21.50 -1.51 -16.10
CA ALA B 360 22.24 -2.72 -15.73
C ALA B 360 21.28 -3.87 -15.46
N SER B 361 20.11 -3.56 -14.90
CA SER B 361 19.06 -4.55 -14.70
C SER B 361 18.57 -5.10 -16.03
N GLN B 362 18.24 -4.21 -16.98
CA GLN B 362 17.84 -4.66 -18.30
C GLN B 362 18.91 -5.55 -18.93
N ASN B 363 20.18 -5.18 -18.75
CA ASN B 363 21.26 -5.97 -19.33
C ASN B 363 21.33 -7.35 -18.69
N ALA B 364 21.04 -7.46 -17.40
CA ALA B 364 20.99 -8.77 -16.75
C ALA B 364 19.80 -9.58 -17.24
N ILE B 365 18.64 -8.94 -17.46
CA ILE B 365 17.50 -9.66 -18.04
C ILE B 365 17.87 -10.20 -19.43
N GLU B 366 18.53 -9.36 -20.24
CA GLU B 366 18.95 -9.79 -21.58
C GLU B 366 19.91 -10.97 -21.49
N ALA B 367 20.83 -10.95 -20.52
CA ALA B 367 21.80 -12.04 -20.36
C ALA B 367 21.14 -13.32 -19.83
N PHE B 368 20.20 -13.18 -18.89
N PHE B 368 20.21 -13.18 -18.88
CA PHE B 368 19.59 -14.34 -18.26
CA PHE B 368 19.62 -14.32 -18.23
C PHE B 368 18.44 -14.90 -19.10
C PHE B 368 18.36 -14.83 -18.95
N GLY B 369 17.77 -14.05 -19.85
CA GLY B 369 16.57 -14.43 -20.57
C GLY B 369 16.71 -15.71 -21.36
N PRO B 370 17.77 -15.87 -22.15
CA PRO B 370 17.92 -17.11 -22.93
C PRO B 370 18.12 -18.32 -22.05
N LEU B 371 18.57 -18.14 -20.81
CA LEU B 371 18.84 -19.24 -19.91
C LEU B 371 17.66 -19.62 -19.06
N LEU B 372 16.70 -18.71 -18.89
CA LEU B 372 15.57 -18.86 -17.97
C LEU B 372 14.27 -18.72 -18.73
N PRO B 373 13.90 -19.74 -19.51
CA PRO B 373 12.60 -19.72 -20.21
C PRO B 373 11.43 -19.66 -19.28
N GLU B 374 11.64 -19.97 -18.00
CA GLU B 374 10.60 -19.85 -16.98
C GLU B 374 10.28 -18.41 -16.60
N PHE B 375 11.08 -17.42 -16.99
CA PHE B 375 10.69 -16.05 -16.63
C PHE B 375 9.28 -15.76 -17.14
N LEU B 376 8.49 -15.10 -16.28
CA LEU B 376 7.21 -14.53 -16.68
C LEU B 376 7.22 -13.14 -16.03
N GLY B 377 7.68 -12.16 -16.82
CA GLY B 377 8.01 -10.87 -16.30
C GLY B 377 7.01 -9.81 -16.72
N GLY B 378 7.05 -8.65 -16.09
CA GLY B 378 6.20 -7.57 -16.52
C GLY B 378 6.48 -6.31 -15.74
N SER B 379 5.76 -5.25 -16.12
CA SER B 379 5.82 -3.94 -15.50
C SER B 379 4.41 -3.37 -15.48
N ALA B 380 4.14 -2.55 -14.48
CA ALA B 380 2.87 -1.83 -14.34
C ALA B 380 2.87 -0.57 -15.19
N ASP B 381 2.78 -0.77 -16.51
CA ASP B 381 2.73 0.30 -17.52
C ASP B 381 3.97 1.14 -17.53
N LEU B 382 5.12 0.56 -17.21
CA LEU B 382 6.37 1.31 -17.19
C LEU B 382 7.48 0.56 -17.91
N ALA B 383 7.15 -0.27 -18.89
CA ALA B 383 8.21 -1.00 -19.58
C ALA B 383 9.34 -0.12 -20.07
N PRO B 384 9.09 1.00 -20.74
CA PRO B 384 10.22 1.78 -21.28
C PRO B 384 10.99 2.58 -20.25
N SER B 385 10.51 2.63 -19.01
CA SER B 385 11.14 3.38 -17.92
CA SER B 385 11.12 3.38 -17.94
C SER B 385 11.80 2.47 -16.91
N ASN B 386 11.11 1.37 -16.55
CA ASN B 386 11.70 0.35 -15.69
C ASN B 386 12.71 -0.52 -16.44
N LEU B 387 12.60 -0.60 -17.77
CA LEU B 387 13.52 -1.34 -18.63
C LEU B 387 13.40 -2.86 -18.41
N THR B 388 12.16 -3.33 -18.47
CA THR B 388 11.82 -4.73 -18.22
C THR B 388 11.76 -5.60 -19.47
N LEU B 389 11.81 -5.01 -20.66
CA LEU B 389 11.81 -5.81 -21.89
C LEU B 389 13.23 -6.13 -22.30
N TRP B 390 13.41 -7.35 -22.80
CA TRP B 390 14.65 -7.73 -23.47
C TRP B 390 14.29 -8.22 -24.87
N SER B 391 15.30 -8.56 -25.68
CA SER B 391 15.04 -8.84 -27.08
C SER B 391 14.12 -10.03 -27.27
N GLY B 392 14.11 -10.96 -26.32
CA GLY B 392 13.28 -12.14 -26.36
C GLY B 392 11.95 -12.04 -25.64
N SER B 393 11.59 -10.87 -25.15
CA SER B 393 10.29 -10.71 -24.52
C SER B 393 9.17 -10.84 -25.54
N LYS B 394 8.08 -11.49 -25.14
CA LYS B 394 6.89 -11.60 -25.96
C LYS B 394 5.68 -11.50 -25.05
N ALA B 395 4.87 -10.48 -25.25
CA ALA B 395 3.73 -10.24 -24.39
C ALA B 395 2.65 -11.30 -24.59
N ILE B 396 2.08 -11.77 -23.48
CA ILE B 396 1.12 -12.87 -23.53
C ILE B 396 -0.22 -12.43 -24.09
N ASN B 397 -0.52 -11.15 -24.15
CA ASN B 397 -1.73 -10.69 -24.83
C ASN B 397 -1.59 -10.77 -26.33
N GLU B 398 -0.36 -10.87 -26.82
CA GLU B 398 -0.07 -11.03 -28.25
C GLU B 398 0.11 -12.49 -28.65
N ASP B 399 0.77 -13.27 -27.80
CA ASP B 399 0.99 -14.69 -28.04
C ASP B 399 0.93 -15.38 -26.68
N ALA B 400 -0.03 -16.28 -26.50
CA ALA B 400 -0.24 -16.89 -25.20
C ALA B 400 0.95 -17.70 -24.71
N ALA B 401 1.85 -18.10 -25.61
CA ALA B 401 3.05 -18.83 -25.23
C ALA B 401 4.22 -17.91 -24.88
N GLY B 402 3.96 -16.62 -24.76
CA GLY B 402 4.96 -15.65 -24.41
C GLY B 402 5.37 -15.70 -22.94
N ASN B 403 6.11 -14.63 -22.56
CA ASN B 403 6.86 -14.60 -21.31
C ASN B 403 6.78 -13.24 -20.62
N TYR B 404 5.91 -12.36 -21.06
CA TYR B 404 5.87 -10.99 -20.59
C TYR B 404 4.41 -10.58 -20.41
N ILE B 405 4.13 -9.82 -19.35
CA ILE B 405 2.79 -9.34 -19.06
C ILE B 405 2.80 -7.81 -18.98
N HIS B 406 1.99 -7.17 -19.82
CA HIS B 406 1.67 -5.77 -19.66
C HIS B 406 0.60 -5.70 -18.58
N TYR B 407 1.00 -5.35 -17.35
CA TYR B 407 0.08 -5.37 -16.23
C TYR B 407 -0.86 -4.16 -16.20
N GLY B 408 -0.58 -3.11 -16.96
CA GLY B 408 -1.31 -1.88 -16.77
C GLY B 408 -0.94 -1.21 -15.45
N VAL B 409 -1.71 -0.17 -15.12
CA VAL B 409 -1.42 0.67 -13.94
C VAL B 409 -2.11 0.01 -12.75
N ARG B 410 -1.50 -1.08 -12.29
CA ARG B 410 -2.12 -2.04 -11.37
C ARG B 410 -1.04 -2.64 -10.49
N GLU B 411 -0.39 -1.82 -9.66
CA GLU B 411 0.79 -2.30 -8.96
C GLU B 411 0.47 -3.39 -7.94
N PHE B 412 -0.58 -3.19 -7.17
CA PHE B 412 -0.96 -4.16 -6.15
C PHE B 412 -1.41 -5.46 -6.81
N GLY B 413 -2.32 -5.34 -7.78
CA GLY B 413 -2.77 -6.50 -8.49
C GLY B 413 -1.65 -7.25 -9.17
N MET B 414 -0.73 -6.51 -9.81
CA MET B 414 0.44 -7.14 -10.43
C MET B 414 1.19 -8.00 -9.44
N THR B 415 1.46 -7.45 -8.26
CA THR B 415 2.32 -8.15 -7.32
C THR B 415 1.63 -9.38 -6.75
N ALA B 416 0.33 -9.26 -6.47
CA ALA B 416 -0.41 -10.42 -5.97
C ALA B 416 -0.71 -11.45 -7.06
N ILE B 417 -0.87 -11.01 -8.31
CA ILE B 417 -0.91 -11.94 -9.44
C ILE B 417 0.39 -12.72 -9.52
N ALA B 418 1.52 -12.01 -9.40
CA ALA B 418 2.80 -12.67 -9.44
C ALA B 418 2.97 -13.66 -8.30
N ASN B 419 2.41 -13.37 -7.12
CA ASN B 419 2.39 -14.38 -6.06
C ASN B 419 1.66 -15.63 -6.52
N GLY B 420 0.52 -15.48 -7.19
CA GLY B 420 -0.15 -16.65 -7.76
C GLY B 420 0.68 -17.38 -8.79
N ILE B 421 1.39 -16.63 -9.65
CA ILE B 421 2.27 -17.24 -10.63
C ILE B 421 3.34 -18.08 -9.95
N SER B 422 4.00 -17.53 -8.91
N SER B 422 4.01 -17.51 -8.95
CA SER B 422 5.06 -18.29 -8.24
CA SER B 422 5.04 -18.26 -8.22
C SER B 422 4.50 -19.49 -7.51
C SER B 422 4.43 -19.51 -7.60
N LEU B 423 3.29 -19.36 -6.93
CA LEU B 423 2.67 -20.48 -6.22
C LEU B 423 2.27 -21.59 -7.18
N HIS B 424 1.95 -21.25 -8.41
CA HIS B 424 1.46 -22.25 -9.35
C HIS B 424 2.54 -23.28 -9.69
N GLY B 425 3.77 -22.83 -9.84
CA GLY B 425 4.85 -23.62 -10.38
C GLY B 425 4.97 -23.45 -11.88
N GLY B 426 6.20 -23.59 -12.36
CA GLY B 426 6.51 -23.53 -13.78
C GLY B 426 7.17 -22.25 -14.24
N PHE B 427 7.11 -21.20 -13.42
CA PHE B 427 7.58 -19.88 -13.78
C PHE B 427 8.41 -19.26 -12.67
N LEU B 428 9.15 -18.24 -13.07
CA LEU B 428 9.89 -17.35 -12.17
C LEU B 428 9.40 -15.95 -12.51
N PRO B 429 8.48 -15.38 -11.72
CA PRO B 429 7.94 -14.08 -12.07
C PRO B 429 8.88 -12.95 -11.65
N TYR B 430 8.89 -11.91 -12.47
CA TYR B 430 9.44 -10.62 -12.04
C TYR B 430 8.39 -9.55 -12.32
N THR B 431 8.34 -8.56 -11.43
CA THR B 431 7.39 -7.46 -11.50
C THR B 431 8.17 -6.16 -11.40
N SER B 432 7.54 -5.04 -11.76
CA SER B 432 8.28 -3.80 -11.79
C SER B 432 7.35 -2.59 -11.74
N THR B 433 7.82 -1.56 -11.03
CA THR B 433 7.26 -0.22 -11.04
C THR B 433 8.33 0.70 -10.49
N PHE B 434 8.05 2.00 -10.45
N PHE B 434 8.04 1.99 -10.44
CA PHE B 434 8.91 2.90 -9.69
CA PHE B 434 8.90 2.89 -9.67
C PHE B 434 8.86 2.51 -8.22
C PHE B 434 8.87 2.47 -8.20
N LEU B 435 10.01 2.62 -7.53
CA LEU B 435 10.07 2.25 -6.13
C LEU B 435 9.00 2.91 -5.28
N MET B 436 8.69 4.18 -5.52
CA MET B 436 7.67 4.80 -4.68
C MET B 436 6.42 3.96 -4.61
N PHE B 437 6.03 3.41 -5.76
CA PHE B 437 4.76 2.74 -5.87
C PHE B 437 4.78 1.31 -5.36
N VAL B 438 5.89 0.86 -4.78
CA VAL B 438 5.82 -0.29 -3.88
C VAL B 438 4.78 -0.02 -2.81
N GLU B 439 4.56 1.25 -2.46
CA GLU B 439 3.59 1.55 -1.42
C GLU B 439 2.17 1.16 -1.83
N TYR B 440 1.84 1.19 -3.15
CA TYR B 440 0.55 0.72 -3.62
C TYR B 440 0.43 -0.80 -3.45
N ALA B 441 1.53 -1.51 -3.57
CA ALA B 441 1.54 -2.97 -3.59
C ALA B 441 2.04 -3.56 -2.28
N ARG B 442 2.10 -2.76 -1.22
N ARG B 442 2.18 -2.72 -1.25
CA ARG B 442 2.98 -3.06 -0.11
CA ARG B 442 3.00 -3.08 -0.09
C ARG B 442 2.63 -4.37 0.60
C ARG B 442 2.62 -4.44 0.49
N ASN B 443 1.34 -4.66 0.78
CA ASN B 443 1.00 -5.90 1.48
C ASN B 443 1.21 -7.13 0.62
N ALA B 444 1.13 -7.00 -0.71
CA ALA B 444 1.44 -8.14 -1.57
C ALA B 444 2.91 -8.50 -1.52
N VAL B 445 3.78 -7.49 -1.39
CA VAL B 445 5.20 -7.74 -1.18
C VAL B 445 5.40 -8.50 0.13
N ARG B 446 4.73 -8.04 1.19
CA ARG B 446 4.82 -8.73 2.47
C ARG B 446 4.35 -10.18 2.34
N MET B 447 3.24 -10.40 1.60
CA MET B 447 2.72 -11.74 1.44
C MET B 447 3.68 -12.64 0.69
N ALA B 448 4.42 -12.11 -0.29
CA ALA B 448 5.44 -12.92 -0.97
C ALA B 448 6.49 -13.40 0.04
N ALA B 449 6.91 -12.50 0.93
CA ALA B 449 7.87 -12.84 1.96
C ALA B 449 7.32 -13.87 2.94
N LEU B 450 6.10 -13.64 3.42
CA LEU B 450 5.46 -14.57 4.36
C LEU B 450 5.32 -15.96 3.75
N MET B 451 4.93 -16.02 2.48
CA MET B 451 4.74 -17.29 1.78
C MET B 451 6.02 -17.89 1.24
N LYS B 452 7.17 -17.26 1.46
N LYS B 452 7.17 -17.29 1.49
CA LYS B 452 8.47 -17.81 1.08
CA LYS B 452 8.47 -17.82 1.07
C LYS B 452 8.60 -17.99 -0.44
C LYS B 452 8.51 -18.04 -0.44
N GLN B 453 8.03 -17.07 -1.19
CA GLN B 453 7.94 -17.18 -2.64
C GLN B 453 9.09 -16.47 -3.35
N ARG B 454 9.55 -17.09 -4.43
N ARG B 454 9.60 -17.13 -4.38
CA ARG B 454 10.56 -16.56 -5.33
CA ARG B 454 10.57 -16.51 -5.27
C ARG B 454 9.91 -15.63 -6.35
C ARG B 454 9.83 -15.61 -6.27
N GLN B 455 10.22 -14.33 -6.26
CA GLN B 455 9.76 -13.31 -7.19
C GLN B 455 10.80 -12.22 -7.14
N VAL B 456 11.21 -11.71 -8.30
CA VAL B 456 12.12 -10.59 -8.35
C VAL B 456 11.31 -9.33 -8.60
N MET B 457 11.48 -8.34 -7.73
CA MET B 457 10.73 -7.09 -7.78
CA MET B 457 10.74 -7.08 -7.78
C MET B 457 11.71 -6.00 -8.22
N VAL B 458 11.50 -5.45 -9.40
CA VAL B 458 12.42 -4.52 -10.06
C VAL B 458 11.91 -3.11 -9.81
N TYR B 459 12.49 -2.40 -8.85
CA TYR B 459 11.98 -1.10 -8.43
C TYR B 459 12.98 -0.02 -8.82
N THR B 460 12.64 0.74 -9.84
CA THR B 460 13.54 1.73 -10.39
C THR B 460 13.23 3.12 -9.83
N HIS B 461 14.04 4.09 -10.20
CA HIS B 461 13.81 5.50 -9.82
C HIS B 461 13.84 5.63 -8.29
N ASP B 462 14.99 5.23 -7.73
CA ASP B 462 15.07 4.92 -6.31
C ASP B 462 15.28 6.09 -5.37
N SER B 463 15.50 7.32 -5.83
CA SER B 463 15.84 8.39 -4.91
C SER B 463 15.55 9.73 -5.58
N ILE B 464 15.94 10.80 -4.89
CA ILE B 464 16.01 12.14 -5.48
C ILE B 464 16.81 12.17 -6.78
N GLY B 465 17.65 11.17 -7.03
CA GLY B 465 18.34 11.09 -8.30
C GLY B 465 17.44 11.03 -9.52
N LEU B 466 16.15 10.73 -9.34
CA LEU B 466 15.24 10.79 -10.47
C LEU B 466 14.93 12.21 -10.90
N GLY B 467 15.15 13.21 -10.04
CA GLY B 467 15.03 14.60 -10.48
C GLY B 467 13.62 15.17 -10.49
N GLU B 468 13.24 15.70 -11.65
CA GLU B 468 12.18 16.69 -11.74
C GLU B 468 10.78 16.19 -11.36
N ASP B 469 10.50 14.90 -11.45
CA ASP B 469 9.17 14.45 -11.07
C ASP B 469 8.82 14.77 -9.62
N GLY B 470 9.79 14.94 -8.73
CA GLY B 470 9.50 15.58 -7.45
C GLY B 470 9.06 14.64 -6.35
N PRO B 471 8.61 15.23 -5.23
CA PRO B 471 8.51 14.48 -3.97
C PRO B 471 7.46 13.41 -3.93
N THR B 472 6.44 13.45 -4.78
CA THR B 472 5.47 12.36 -4.81
C THR B 472 6.06 11.11 -5.42
N HIS B 473 7.16 11.24 -6.15
CA HIS B 473 7.83 10.14 -6.84
C HIS B 473 9.14 9.73 -6.21
N GLN B 474 9.82 10.60 -5.48
CA GLN B 474 11.17 10.38 -4.98
C GLN B 474 11.15 9.58 -3.68
N PRO B 475 11.58 8.33 -3.71
CA PRO B 475 11.61 7.55 -2.48
C PRO B 475 12.56 8.17 -1.48
N VAL B 476 12.18 8.01 -0.21
CA VAL B 476 13.04 8.39 0.91
C VAL B 476 13.06 7.23 1.91
N GLU B 477 11.90 6.86 2.41
CA GLU B 477 11.76 5.89 3.50
C GLU B 477 11.33 4.49 3.03
N GLN B 478 11.16 4.29 1.72
CA GLN B 478 10.63 3.01 1.24
C GLN B 478 11.62 1.87 1.38
N VAL B 479 12.91 2.12 1.11
CA VAL B 479 13.88 1.05 1.24
C VAL B 479 13.99 0.59 2.68
N ALA B 480 14.00 1.52 3.62
CA ALA B 480 14.07 1.14 5.03
C ALA B 480 12.91 0.25 5.41
N SER B 481 11.72 0.53 4.88
CA SER B 481 10.57 -0.30 5.18
C SER B 481 10.76 -1.73 4.67
N LEU B 482 11.27 -1.89 3.45
CA LEU B 482 11.59 -3.22 2.92
C LEU B 482 12.65 -3.91 3.76
N ARG B 483 13.67 -3.17 4.18
CA ARG B 483 14.78 -3.77 4.92
C ARG B 483 14.34 -4.36 6.24
N VAL B 484 13.27 -3.85 6.86
CA VAL B 484 12.82 -4.36 8.15
C VAL B 484 11.70 -5.39 8.01
N THR B 485 11.41 -5.83 6.78
CA THR B 485 10.37 -6.81 6.57
C THR B 485 10.94 -8.21 6.72
N PRO B 486 10.39 -9.03 7.60
CA PRO B 486 10.91 -10.41 7.73
C PRO B 486 10.91 -11.13 6.39
N ASN B 487 11.99 -11.85 6.14
CA ASN B 487 12.17 -12.69 4.96
C ASN B 487 12.22 -11.95 3.63
N MET B 488 12.29 -10.62 3.67
N MET B 488 12.28 -10.62 3.62
CA MET B 488 12.50 -9.86 2.45
CA MET B 488 12.44 -9.90 2.36
C MET B 488 14.00 -9.81 2.15
C MET B 488 13.91 -9.62 2.12
N SER B 489 14.35 -9.79 0.87
CA SER B 489 15.71 -9.46 0.49
C SER B 489 15.64 -8.19 -0.35
N THR B 490 16.52 -7.23 -0.04
CA THR B 490 16.53 -5.93 -0.70
C THR B 490 17.96 -5.60 -1.08
N TRP B 491 18.19 -5.31 -2.36
CA TRP B 491 19.50 -5.01 -2.90
C TRP B 491 19.48 -3.64 -3.53
N ARG B 492 20.46 -2.80 -3.19
CA ARG B 492 20.61 -1.46 -3.75
C ARG B 492 21.99 -1.39 -4.39
N PRO B 493 22.13 -1.92 -5.60
CA PRO B 493 23.48 -2.08 -6.17
C PRO B 493 24.09 -0.74 -6.54
N CYS B 494 25.42 -0.67 -6.40
CA CYS B 494 26.12 0.58 -6.67
C CYS B 494 26.62 0.74 -8.08
N ASP B 495 26.57 -0.31 -8.88
CA ASP B 495 27.09 -0.29 -10.24
C ASP B 495 26.52 -1.48 -10.99
N GLN B 496 26.97 -1.65 -12.24
CA GLN B 496 26.38 -2.70 -13.07
C GLN B 496 26.76 -4.08 -12.59
N VAL B 497 27.88 -4.19 -11.87
CA VAL B 497 28.36 -5.48 -11.38
C VAL B 497 27.54 -5.91 -10.18
N GLU B 498 27.39 -5.03 -9.18
CA GLU B 498 26.50 -5.34 -8.08
C GLU B 498 25.09 -5.62 -8.58
N SER B 499 24.66 -4.94 -9.66
CA SER B 499 23.32 -5.17 -10.18
C SER B 499 23.15 -6.60 -10.70
N ALA B 500 24.14 -7.09 -11.42
CA ALA B 500 24.09 -8.45 -11.94
C ALA B 500 24.17 -9.48 -10.80
N VAL B 501 25.00 -9.21 -9.78
CA VAL B 501 25.05 -10.10 -8.62
C VAL B 501 23.70 -10.16 -7.93
N ALA B 502 23.05 -9.01 -7.77
CA ALA B 502 21.75 -8.97 -7.11
C ALA B 502 20.70 -9.73 -7.92
N TRP B 503 20.70 -9.58 -9.24
CA TRP B 503 19.79 -10.33 -10.09
C TRP B 503 20.02 -11.84 -9.93
N LYS B 504 21.29 -12.26 -9.95
CA LYS B 504 21.60 -13.67 -9.78
C LYS B 504 21.09 -14.17 -8.42
N TYR B 505 21.37 -13.41 -7.36
CA TYR B 505 20.90 -13.74 -6.04
C TYR B 505 19.38 -13.92 -6.04
N GLY B 506 18.68 -13.00 -6.66
CA GLY B 506 17.24 -13.05 -6.68
C GLY B 506 16.66 -14.26 -7.39
N VAL B 507 17.17 -14.55 -8.59
CA VAL B 507 16.61 -15.69 -9.32
C VAL B 507 16.97 -17.01 -8.66
N GLU B 508 18.08 -17.06 -7.92
CA GLU B 508 18.49 -18.27 -7.23
C GLU B 508 17.91 -18.39 -5.82
N ARG B 509 17.17 -17.38 -5.34
CA ARG B 509 16.62 -17.39 -3.99
C ARG B 509 15.28 -18.11 -4.03
N GLN B 510 15.25 -19.32 -3.47
N GLN B 510 15.26 -19.33 -3.48
CA GLN B 510 14.09 -20.18 -3.63
CA GLN B 510 14.10 -20.20 -3.63
C GLN B 510 13.04 -20.00 -2.56
C GLN B 510 13.01 -19.88 -2.62
N ASP B 511 13.38 -19.31 -1.48
CA ASP B 511 12.55 -19.29 -0.29
C ASP B 511 12.13 -17.89 0.14
N GLY B 512 12.16 -16.96 -0.79
CA GLY B 512 11.60 -15.65 -0.56
C GLY B 512 11.92 -14.73 -1.70
N PRO B 513 11.34 -13.54 -1.66
CA PRO B 513 11.43 -12.60 -2.78
C PRO B 513 12.65 -11.70 -2.65
N THR B 514 12.97 -11.03 -3.76
N THR B 514 12.96 -11.00 -3.74
CA THR B 514 14.14 -10.16 -3.82
CA THR B 514 14.14 -10.16 -3.81
C THR B 514 13.75 -8.88 -4.53
C THR B 514 13.81 -8.87 -4.55
N ALA B 515 13.90 -7.75 -3.84
CA ALA B 515 13.67 -6.43 -4.42
C ALA B 515 15.00 -5.82 -4.84
N LEU B 516 15.02 -5.31 -6.05
CA LEU B 516 16.14 -4.58 -6.62
C LEU B 516 15.80 -3.11 -6.63
N ILE B 517 16.68 -2.32 -6.05
CA ILE B 517 16.50 -0.88 -5.83
C ILE B 517 17.44 -0.18 -6.79
N LEU B 518 16.88 0.38 -7.87
CA LEU B 518 17.63 0.73 -9.07
C LEU B 518 17.49 2.20 -9.42
N SER B 519 18.56 2.75 -9.98
CA SER B 519 18.65 4.17 -10.23
C SER B 519 18.16 4.56 -11.62
N ARG B 520 17.67 5.81 -11.72
N ARG B 520 17.71 5.81 -11.74
CA ARG B 520 17.45 6.45 -13.01
CA ARG B 520 17.46 6.41 -13.04
C ARG B 520 18.77 6.91 -13.63
C ARG B 520 18.74 6.98 -13.65
N GLN B 521 19.67 7.42 -12.80
CA GLN B 521 20.88 8.09 -13.24
C GLN B 521 22.09 7.15 -13.28
N ASN B 522 23.10 7.53 -14.04
CA ASN B 522 24.26 6.66 -14.26
C ASN B 522 25.11 6.50 -13.01
N LEU B 523 25.60 5.28 -12.78
CA LEU B 523 26.38 4.93 -11.59
C LEU B 523 27.79 4.49 -11.99
N ALA B 524 28.79 5.03 -11.30
CA ALA B 524 30.19 4.66 -11.56
C ALA B 524 30.48 3.22 -11.16
N GLN B 525 31.25 2.53 -11.99
CA GLN B 525 31.72 1.22 -11.61
C GLN B 525 32.93 1.33 -10.70
N GLN B 526 32.93 0.50 -9.66
CA GLN B 526 34.03 0.41 -8.72
C GLN B 526 35.01 -0.70 -9.08
N GLU B 527 36.27 -0.51 -8.73
CA GLU B 527 37.29 -1.53 -8.91
CA GLU B 527 37.30 -1.53 -8.89
C GLU B 527 37.17 -2.59 -7.82
N ARG B 528 37.37 -3.85 -8.20
CA ARG B 528 37.29 -4.95 -7.26
C ARG B 528 38.30 -6.02 -7.60
N THR B 529 38.96 -6.53 -6.57
CA THR B 529 39.72 -7.75 -6.69
C THR B 529 38.76 -8.94 -6.86
N GLU B 530 39.32 -10.12 -7.16
N GLU B 530 39.34 -10.10 -7.16
CA GLU B 530 38.47 -11.30 -7.25
CA GLU B 530 38.56 -11.33 -7.27
C GLU B 530 37.77 -11.57 -5.92
C GLU B 530 37.79 -11.59 -5.97
N GLU B 531 38.46 -11.35 -4.80
N GLU B 531 38.42 -11.38 -4.82
CA GLU B 531 37.85 -11.57 -3.50
CA GLU B 531 37.77 -11.61 -3.54
C GLU B 531 36.71 -10.61 -3.25
C GLU B 531 36.64 -10.62 -3.32
N GLN B 532 36.87 -9.33 -3.62
CA GLN B 532 35.80 -8.36 -3.46
C GLN B 532 34.63 -8.67 -4.37
N LEU B 533 34.91 -9.08 -5.61
CA LEU B 533 33.84 -9.46 -6.53
C LEU B 533 32.98 -10.56 -5.93
N ALA B 534 33.62 -11.58 -5.36
CA ALA B 534 32.91 -12.67 -4.72
C ALA B 534 32.18 -12.22 -3.46
N ASN B 535 32.67 -11.17 -2.81
CA ASN B 535 32.06 -10.71 -1.57
C ASN B 535 30.82 -9.85 -1.76
N ILE B 536 30.51 -9.39 -2.98
CA ILE B 536 29.29 -8.63 -3.18
C ILE B 536 28.10 -9.42 -2.66
N ALA B 537 28.08 -10.71 -2.95
CA ALA B 537 26.94 -11.54 -2.60
C ALA B 537 26.80 -11.72 -1.09
N ARG B 538 27.82 -11.37 -0.31
CA ARG B 538 27.72 -11.39 1.15
C ARG B 538 26.99 -10.17 1.70
N GLY B 539 26.53 -9.27 0.84
CA GLY B 539 25.63 -8.20 1.23
C GLY B 539 26.29 -6.92 1.68
N GLY B 540 27.38 -7.05 2.43
CA GLY B 540 28.21 -5.93 2.83
C GLY B 540 29.65 -6.39 2.77
N TYR B 541 30.53 -5.53 2.28
CA TYR B 541 31.93 -5.94 2.11
C TYR B 541 32.83 -4.72 2.08
N VAL B 542 34.10 -4.97 2.37
CA VAL B 542 35.12 -3.93 2.35
C VAL B 542 35.50 -3.65 0.91
N LEU B 543 35.24 -2.42 0.47
CA LEU B 543 35.55 -1.95 -0.88
C LEU B 543 36.86 -1.17 -0.93
N LYS B 544 37.12 -0.32 0.06
CA LYS B 544 38.37 0.42 0.18
C LYS B 544 38.83 0.29 1.62
N ASP B 545 40.14 0.24 1.83
CA ASP B 545 40.64 -0.02 3.18
C ASP B 545 41.92 0.74 3.41
N CYS B 546 42.42 0.61 4.62
CA CYS B 546 43.67 1.17 5.08
C CYS B 546 44.45 0.08 5.78
N ALA B 547 45.72 0.35 6.01
CA ALA B 547 46.56 -0.52 6.83
C ALA B 547 46.31 -0.17 8.30
N GLY B 548 46.12 -1.20 9.12
CA GLY B 548 45.79 -1.00 10.51
C GLY B 548 44.32 -0.67 10.72
N GLN B 549 43.98 -0.44 11.98
N GLN B 549 43.99 -0.41 11.95
CA GLN B 549 42.60 -0.15 12.36
CA GLN B 549 42.60 -0.20 12.30
C GLN B 549 42.16 1.16 11.72
C GLN B 549 42.12 1.14 11.79
N PRO B 550 41.05 1.18 11.00
CA PRO B 550 40.56 2.47 10.50
C PRO B 550 40.14 3.41 11.63
N GLU B 551 40.42 4.70 11.41
N GLU B 551 40.37 4.69 11.44
CA GLU B 551 39.85 5.78 12.23
CA GLU B 551 39.79 5.69 12.34
C GLU B 551 38.38 5.97 11.94
C GLU B 551 38.43 6.15 11.87
N LEU B 552 37.98 5.72 10.69
CA LEU B 552 36.70 6.11 10.15
C LEU B 552 36.27 5.04 9.16
N ILE B 553 35.01 4.62 9.24
CA ILE B 553 34.41 3.71 8.25
C ILE B 553 33.23 4.41 7.62
N PHE B 554 33.24 4.53 6.29
CA PHE B 554 32.05 4.92 5.54
C PHE B 554 31.27 3.66 5.19
N ILE B 555 29.97 3.73 5.33
CA ILE B 555 29.05 2.67 4.91
C ILE B 555 28.12 3.29 3.90
N ALA B 556 28.09 2.77 2.68
CA ALA B 556 27.33 3.40 1.62
C ALA B 556 26.65 2.34 0.77
N THR B 557 25.60 2.77 0.07
CA THR B 557 24.84 1.90 -0.80
C THR B 557 24.57 2.61 -2.12
N GLY B 558 24.27 1.80 -3.13
CA GLY B 558 23.72 2.32 -4.36
C GLY B 558 24.53 3.46 -4.93
N SER B 559 23.80 4.46 -5.39
CA SER B 559 24.38 5.62 -6.02
C SER B 559 25.31 6.40 -5.13
N GLU B 560 25.28 6.21 -3.81
CA GLU B 560 26.12 6.95 -2.89
C GLU B 560 27.47 6.32 -2.63
N VAL B 561 27.73 5.10 -3.13
CA VAL B 561 29.08 4.54 -2.97
C VAL B 561 30.11 5.42 -3.65
N GLU B 562 29.80 5.94 -4.84
N GLU B 562 29.82 5.93 -4.85
CA GLU B 562 30.73 6.81 -5.57
CA GLU B 562 30.79 6.79 -5.53
C GLU B 562 31.14 8.02 -4.74
C GLU B 562 31.17 7.98 -4.65
N LEU B 563 30.17 8.63 -4.06
CA LEU B 563 30.41 9.76 -3.18
C LEU B 563 31.25 9.35 -1.99
N ALA B 564 30.93 8.22 -1.35
CA ALA B 564 31.71 7.77 -0.20
C ALA B 564 33.15 7.48 -0.59
N VAL B 565 33.37 6.86 -1.75
CA VAL B 565 34.73 6.61 -2.21
C VAL B 565 35.48 7.92 -2.45
N ALA B 566 34.82 8.92 -3.03
CA ALA B 566 35.49 10.19 -3.23
C ALA B 566 35.91 10.82 -1.90
N ALA B 567 35.05 10.73 -0.89
CA ALA B 567 35.39 11.27 0.43
C ALA B 567 36.54 10.49 1.05
N TYR B 568 36.49 9.17 0.93
CA TYR B 568 37.60 8.32 1.37
C TYR B 568 38.91 8.72 0.71
N GLU B 569 38.91 9.00 -0.58
N GLU B 569 38.89 9.03 -0.58
CA GLU B 569 40.17 9.37 -1.23
CA GLU B 569 40.11 9.36 -1.29
C GLU B 569 40.70 10.68 -0.67
C GLU B 569 40.68 10.70 -0.80
N LYS B 570 39.82 11.67 -0.54
N LYS B 570 39.82 11.68 -0.55
N LYS B 570 39.80 11.71 -0.49
CA LYS B 570 40.21 12.97 -0.01
CA LYS B 570 40.28 12.96 -0.02
CA LYS B 570 40.28 12.99 0.01
C LYS B 570 40.84 12.82 1.37
C LYS B 570 40.89 12.77 1.36
C LYS B 570 40.88 12.82 1.39
N LEU B 571 40.17 12.08 2.26
CA LEU B 571 40.66 11.91 3.61
C LEU B 571 41.94 11.09 3.65
N THR B 572 42.03 10.04 2.81
CA THR B 572 43.24 9.24 2.73
C THR B 572 44.43 10.09 2.31
N ALA B 573 44.22 11.01 1.37
CA ALA B 573 45.31 11.88 0.92
C ALA B 573 45.77 12.83 2.02
N GLU B 574 44.91 13.12 3.00
CA GLU B 574 45.25 13.94 4.15
C GLU B 574 45.80 13.13 5.31
N GLY B 575 45.97 11.82 5.14
CA GLY B 575 46.58 11.00 6.16
C GLY B 575 45.59 10.32 7.09
N VAL B 576 44.30 10.42 6.83
CA VAL B 576 43.31 9.77 7.67
C VAL B 576 43.24 8.30 7.29
N LYS B 577 43.14 7.44 8.28
CA LYS B 577 42.98 6.00 8.08
C LYS B 577 41.50 5.70 7.93
N ALA B 578 41.07 5.44 6.70
CA ALA B 578 39.66 5.27 6.41
C ALA B 578 39.40 3.97 5.67
N ARG B 579 38.14 3.55 5.72
CA ARG B 579 37.64 2.36 5.04
C ARG B 579 36.29 2.71 4.43
N VAL B 580 35.97 2.09 3.27
CA VAL B 580 34.63 2.15 2.70
C VAL B 580 34.06 0.75 2.64
N VAL B 581 32.87 0.60 3.19
CA VAL B 581 32.06 -0.61 3.10
C VAL B 581 30.91 -0.32 2.14
N SER B 582 30.79 -1.16 1.10
CA SER B 582 29.60 -1.16 0.24
C SER B 582 28.62 -2.16 0.84
N MET B 583 27.38 -1.72 1.01
N MET B 583 27.39 -1.72 1.09
CA MET B 583 26.34 -2.49 1.68
CA MET B 583 26.38 -2.59 1.69
C MET B 583 25.14 -2.65 0.75
C MET B 583 25.17 -2.69 0.76
N PRO B 584 25.31 -3.37 -0.37
CA PRO B 584 24.17 -3.52 -1.27
C PRO B 584 22.98 -4.23 -0.65
N SER B 585 23.18 -5.17 0.28
CA SER B 585 22.05 -5.82 0.92
C SER B 585 22.31 -5.99 2.40
N THR B 586 21.56 -5.23 3.19
CA THR B 586 21.60 -5.36 4.65
C THR B 586 21.12 -6.74 5.10
N ASP B 587 20.10 -7.29 4.45
CA ASP B 587 19.60 -8.59 4.88
C ASP B 587 20.61 -9.69 4.64
N ALA B 588 21.27 -9.66 3.48
CA ALA B 588 22.30 -10.65 3.23
C ALA B 588 23.48 -10.46 4.18
N PHE B 589 23.86 -9.21 4.45
CA PHE B 589 24.95 -8.96 5.38
C PHE B 589 24.63 -9.52 6.77
N ASP B 590 23.41 -9.26 7.23
CA ASP B 590 23.01 -9.69 8.57
C ASP B 590 23.02 -11.21 8.70
N LYS B 591 22.81 -11.93 7.60
CA LYS B 591 22.81 -13.39 7.57
C LYS B 591 24.21 -13.99 7.57
N GLN B 592 25.24 -13.18 7.35
CA GLN B 592 26.60 -13.68 7.44
C GLN B 592 26.96 -13.92 8.90
N ASP B 593 27.95 -14.79 9.12
CA ASP B 593 28.27 -15.10 10.49
C ASP B 593 28.98 -13.93 11.19
N ALA B 594 29.07 -14.07 12.50
CA ALA B 594 29.57 -12.99 13.33
C ALA B 594 31.01 -12.64 12.96
N ALA B 595 31.82 -13.63 12.66
CA ALA B 595 33.21 -13.35 12.32
C ALA B 595 33.30 -12.52 11.04
N TYR B 596 32.50 -12.84 10.03
CA TYR B 596 32.55 -12.04 8.82
C TYR B 596 32.06 -10.61 9.10
N ARG B 597 30.96 -10.47 9.82
N ARG B 597 30.95 -10.47 9.81
CA ARG B 597 30.44 -9.12 10.07
CA ARG B 597 30.43 -9.14 10.09
C ARG B 597 31.44 -8.29 10.85
C ARG B 597 31.46 -8.30 10.83
N GLU B 598 32.15 -8.89 11.82
CA GLU B 598 33.20 -8.20 12.56
C GLU B 598 34.34 -7.77 11.64
N SER B 599 34.66 -8.60 10.64
CA SER B 599 35.74 -8.24 9.73
C SER B 599 35.40 -7.01 8.90
N VAL B 600 34.13 -6.78 8.63
CA VAL B 600 33.69 -5.66 7.81
C VAL B 600 33.46 -4.41 8.65
N LEU B 601 32.74 -4.57 9.77
CA LEU B 601 32.38 -3.50 10.69
C LEU B 601 32.93 -3.86 12.07
N PRO B 602 34.23 -3.67 12.28
CA PRO B 602 34.83 -4.09 13.56
C PRO B 602 34.25 -3.30 14.72
N LYS B 603 33.97 -4.01 15.81
CA LYS B 603 33.35 -3.40 16.98
C LYS B 603 34.22 -2.31 17.58
N ALA B 604 35.55 -2.39 17.41
CA ALA B 604 36.44 -1.37 17.95
C ALA B 604 36.28 -0.03 17.26
N VAL B 605 35.72 0.01 16.06
CA VAL B 605 35.67 1.24 15.30
C VAL B 605 34.26 1.82 15.42
N THR B 606 34.13 2.92 16.14
CA THR B 606 32.84 3.52 16.38
C THR B 606 32.57 4.75 15.52
N ALA B 607 33.61 5.30 14.88
CA ALA B 607 33.44 6.46 14.03
C ALA B 607 33.00 5.98 12.65
N ARG B 608 31.69 5.84 12.48
CA ARG B 608 31.08 5.28 11.29
C ARG B 608 30.18 6.34 10.66
N VAL B 609 30.28 6.49 9.35
CA VAL B 609 29.51 7.48 8.61
C VAL B 609 28.72 6.74 7.54
N ALA B 610 27.39 6.74 7.65
CA ALA B 610 26.55 6.15 6.61
C ALA B 610 26.22 7.22 5.57
N VAL B 611 26.18 6.83 4.31
CA VAL B 611 25.89 7.73 3.20
C VAL B 611 24.87 7.03 2.31
N GLU B 612 23.65 7.59 2.24
CA GLU B 612 22.57 7.01 1.44
C GLU B 612 21.51 8.07 1.24
N ALA B 613 21.02 8.23 0.01
CA ALA B 613 19.94 9.17 -0.28
C ALA B 613 18.58 8.56 0.08
N GLY B 614 18.43 8.27 1.37
CA GLY B 614 17.24 7.68 1.93
C GLY B 614 17.16 8.06 3.39
N ILE B 615 16.09 7.63 4.05
CA ILE B 615 15.81 8.11 5.40
C ILE B 615 16.96 7.77 6.33
N ALA B 616 17.38 8.78 7.10
CA ALA B 616 18.57 8.65 7.92
C ALA B 616 18.37 7.66 9.07
N ASP B 617 17.18 7.66 9.68
CA ASP B 617 16.98 6.94 10.95
C ASP B 617 17.27 5.46 10.83
N TYR B 618 17.15 4.88 9.63
CA TYR B 618 17.46 3.47 9.46
C TYR B 618 18.88 3.14 9.93
N TRP B 619 19.81 4.04 9.64
CA TRP B 619 21.23 3.73 9.69
C TRP B 619 21.84 3.67 11.08
N TYR B 620 21.09 4.05 12.12
CA TYR B 620 21.56 3.82 13.48
C TYR B 620 21.90 2.36 13.72
N LYS B 621 21.24 1.45 13.00
N LYS B 621 21.26 1.45 12.98
CA LYS B 621 21.55 0.03 13.14
CA LYS B 621 21.52 0.03 13.12
C LYS B 621 23.02 -0.26 12.94
C LYS B 621 22.98 -0.33 12.87
N TYR B 622 23.66 0.39 11.98
CA TYR B 622 25.06 0.13 11.66
C TYR B 622 26.02 1.19 12.14
N VAL B 623 25.57 2.43 12.38
N VAL B 623 25.53 2.40 12.35
CA VAL B 623 26.50 3.47 12.85
CA VAL B 623 26.38 3.50 12.76
C VAL B 623 26.41 3.71 14.35
C VAL B 623 26.48 3.58 14.27
N GLY B 624 25.42 3.21 15.01
CA GLY B 624 25.32 3.41 16.44
C GLY B 624 25.06 4.87 16.78
N LEU B 625 25.35 5.20 18.04
CA LEU B 625 25.04 6.53 18.58
C LEU B 625 26.24 7.45 18.55
N ASN B 626 27.39 6.99 18.09
CA ASN B 626 28.61 7.78 18.06
C ASN B 626 29.17 7.94 16.66
N GLY B 627 28.28 7.92 15.67
CA GLY B 627 28.68 8.06 14.29
C GLY B 627 28.00 9.26 13.64
N ALA B 628 27.83 9.19 12.33
CA ALA B 628 27.18 10.24 11.58
C ALA B 628 26.44 9.61 10.42
N ILE B 629 25.40 10.29 9.97
CA ILE B 629 24.58 9.81 8.86
C ILE B 629 24.39 10.97 7.90
N VAL B 630 24.80 10.76 6.64
CA VAL B 630 24.54 11.68 5.54
C VAL B 630 23.38 11.03 4.78
N GLY B 631 22.18 11.46 5.13
CA GLY B 631 20.95 10.88 4.64
C GLY B 631 19.91 11.94 4.41
N MET B 632 18.70 11.50 4.07
N MET B 632 18.70 11.46 4.15
CA MET B 632 17.54 12.37 3.95
CA MET B 632 17.53 12.32 4.03
C MET B 632 16.73 12.35 5.25
C MET B 632 16.84 12.39 5.38
N THR B 633 16.17 13.51 5.62
CA THR B 633 15.29 13.63 6.78
C THR B 633 13.96 14.25 6.40
N THR B 634 13.73 14.49 5.13
CA THR B 634 12.58 15.20 4.62
C THR B 634 12.13 14.51 3.33
N PHE B 635 10.97 14.93 2.84
CA PHE B 635 10.58 14.65 1.46
C PHE B 635 11.51 15.38 0.49
N GLY B 636 11.46 14.96 -0.77
CA GLY B 636 12.24 15.57 -1.81
C GLY B 636 11.66 16.87 -2.35
N GLU B 637 12.14 17.27 -3.53
N GLU B 637 12.11 17.25 -3.54
CA GLU B 637 11.73 18.49 -4.21
CA GLU B 637 11.71 18.50 -4.19
C GLU B 637 11.79 18.24 -5.71
C GLU B 637 11.87 18.33 -5.70
N SER B 638 11.01 19.02 -6.46
CA SER B 638 11.07 18.96 -7.91
C SER B 638 12.16 19.86 -8.45
N ALA B 639 13.23 19.25 -8.97
CA ALA B 639 14.34 19.98 -9.57
C ALA B 639 15.22 18.97 -10.29
N PRO B 640 16.13 19.42 -11.15
CA PRO B 640 17.16 18.55 -11.68
C PRO B 640 17.90 17.82 -10.56
N ALA B 641 18.18 16.54 -10.81
CA ALA B 641 18.78 15.70 -9.78
C ALA B 641 20.09 16.26 -9.24
N GLU B 642 20.93 16.80 -10.11
CA GLU B 642 22.23 17.25 -9.64
C GLU B 642 22.06 18.39 -8.63
N LEU B 643 21.04 19.22 -8.82
CA LEU B 643 20.79 20.29 -7.86
C LEU B 643 20.19 19.74 -6.58
N LEU B 644 19.38 18.68 -6.66
CA LEU B 644 18.88 18.06 -5.44
C LEU B 644 19.99 17.44 -4.62
N PHE B 645 20.91 16.72 -5.26
CA PHE B 645 21.99 16.12 -4.48
C PHE B 645 22.77 17.21 -3.76
N GLU B 646 23.01 18.34 -4.41
N GLU B 646 23.04 18.33 -4.43
CA GLU B 646 23.70 19.45 -3.74
CA GLU B 646 23.73 19.43 -3.76
C GLU B 646 22.84 20.05 -2.63
C GLU B 646 22.93 19.95 -2.56
N GLU B 647 21.55 20.22 -2.88
N GLU B 647 21.67 20.29 -2.79
CA GLU B 647 20.64 20.81 -1.90
CA GLU B 647 20.84 20.88 -1.75
C GLU B 647 20.57 19.99 -0.62
C GLU B 647 20.76 19.97 -0.52
N PHE B 648 20.64 18.67 -0.74
CA PHE B 648 20.42 17.75 0.36
C PHE B 648 21.72 17.24 0.96
N GLY B 649 22.87 17.73 0.53
CA GLY B 649 24.13 17.45 1.21
C GLY B 649 24.90 16.27 0.67
N PHE B 650 24.52 15.75 -0.49
CA PHE B 650 25.23 14.62 -1.10
C PHE B 650 26.33 15.16 -2.01
N THR B 651 27.34 15.74 -1.35
CA THR B 651 28.49 16.32 -2.03
C THR B 651 29.74 15.87 -1.29
N VAL B 652 30.86 15.82 -2.02
CA VAL B 652 32.11 15.40 -1.39
C VAL B 652 32.45 16.35 -0.25
N ASP B 653 32.30 17.65 -0.47
CA ASP B 653 32.65 18.60 0.57
C ASP B 653 31.84 18.34 1.84
N ASN B 654 30.53 18.09 1.70
CA ASN B 654 29.72 17.89 2.89
C ASN B 654 30.06 16.56 3.57
N VAL B 655 30.26 15.50 2.81
CA VAL B 655 30.58 14.22 3.44
C VAL B 655 31.91 14.32 4.17
N VAL B 656 32.91 14.92 3.54
CA VAL B 656 34.21 15.10 4.21
C VAL B 656 34.04 15.94 5.46
N ALA B 657 33.29 17.05 5.37
CA ALA B 657 33.10 17.91 6.53
C ALA B 657 32.43 17.15 7.67
N LYS B 658 31.40 16.36 7.34
N LYS B 658 31.39 16.37 7.34
CA LYS B 658 30.69 15.62 8.38
CA LYS B 658 30.70 15.62 8.38
C LYS B 658 31.58 14.54 8.99
C LYS B 658 31.61 14.58 9.01
N ALA B 659 32.44 13.92 8.19
CA ALA B 659 33.38 12.95 8.74
C ALA B 659 34.43 13.62 9.64
N LYS B 660 34.94 14.78 9.23
CA LYS B 660 35.93 15.47 10.06
C LYS B 660 35.30 16.00 11.33
N GLU B 661 34.05 16.47 11.25
CA GLU B 661 33.34 16.92 12.43
C GLU B 661 33.15 15.76 13.40
N LEU B 662 32.80 14.59 12.86
CA LEU B 662 32.66 13.40 13.69
C LEU B 662 33.98 13.06 14.37
N LEU B 663 35.08 13.07 13.61
CA LEU B 663 36.36 12.77 14.20
C LEU B 663 36.76 13.80 15.25
N HIS B 664 36.47 15.08 14.99
CA HIS B 664 36.78 16.10 15.99
C HIS B 664 36.05 15.81 17.29
N HIS B 665 34.77 15.41 17.20
CA HIS B 665 34.01 15.09 18.40
C HIS B 665 34.61 13.88 19.12
N HIS B 666 35.02 12.86 18.37
CA HIS B 666 35.65 11.70 18.98
C HIS B 666 36.94 12.09 19.69
N HIS B 667 37.70 13.00 19.10
CA HIS B 667 38.99 13.38 19.67
C HIS B 667 38.86 14.25 20.91
N HIS B 668 37.71 14.89 21.11
CA HIS B 668 37.53 15.83 22.22
C HIS B 668 36.19 15.60 22.92
O1 5SP C . -10.04 -9.92 9.78
C2 5SP C . -10.46 -9.82 11.14
C3 5SP C . -11.89 -10.21 11.28
O4 5SP C . -12.52 -10.70 10.34
C5 5SP C . -12.56 -10.10 12.63
C6 5SP C . -11.64 -10.64 13.72
C7 5SP C . -12.25 -10.65 15.13
O8 5SP C . -12.59 -9.32 15.51
P9 5SP C . -12.10 -8.82 16.97
O10 5SP C . -12.74 -9.77 17.99
O11 5SP C . -10.60 -8.87 16.98
O12 5SP C . -12.63 -7.40 17.08
O13 5SP C . -13.75 -10.87 12.57
O14 5SP C . -11.27 -11.95 13.39
C4 NDQ D . 1.94 6.04 -15.46
C5 NDQ D . 0.97 6.63 -16.31
C2 NDQ D . 2.15 8.25 -14.96
C2' NDQ D . 1.56 5.59 -10.22
C35 NDQ D . 3.57 6.62 -13.73
C4' NDQ D . 2.21 7.19 -11.58
C4A NDQ D . 2.16 4.57 -15.41
C5' NDQ D . 2.85 6.20 -12.43
C6' NDQ D . 2.73 4.88 -12.01
C7' NDQ D . 0.82 3.95 -8.70
N1' NDQ D . 2.08 4.58 -10.89
N3 NDQ D . 2.55 6.97 -14.74
N3' NDQ D . 1.55 6.83 -10.50
N4' NDQ D . 2.25 8.49 -11.83
O2' NDQ D . 0.86 5.29 -9.03
S1 NDQ D . 0.90 8.35 -16.14
C5A NDQ D . 0.08 5.85 -17.24
C5A NDQ D . 0.08 5.94 -17.27
C5B NDQ D . -0.83 6.60 -18.16
C5B NDQ D . -0.14 7.00 -18.29
O11 NDQ D . -1.86 9.41 -19.04
O11 NDQ D . -1.56 9.07 -19.18
O12 NDQ D . -3.44 9.19 -17.35
O12 NDQ D . -3.01 8.15 -17.07
O13 NDQ D . -3.33 7.39 -19.28
O13 NDQ D . -3.63 7.53 -19.45
O21 NDQ D . -1.40 11.38 -20.28
O21 NDQ D . -2.40 11.45 -19.59
O22 NDQ D . -2.86 9.61 -21.35
O22 NDQ D . -2.60 9.59 -21.37
O23 NDQ D . -0.43 9.16 -20.99
O23 NDQ D . -0.41 10.64 -20.78
O5G NDQ D . -1.68 7.49 -17.45
O5G NDQ D . -1.46 6.79 -18.68
P1 NDQ D . -2.67 8.33 -18.30
P1 NDQ D . -2.55 7.95 -18.51
P2 NDQ D . -1.65 9.93 -20.54
P2 NDQ D . -1.78 10.25 -20.29
CA CA E . -4.17 7.79 -21.45
C1 EDO F . -17.64 11.70 14.56
O1 EDO F . -18.55 12.26 15.49
C2 EDO F . -18.20 10.34 14.23
O2 EDO F . -18.11 9.42 15.24
H11 EDO F . -16.64 11.62 14.99
H12 EDO F . -17.57 12.32 13.66
HO1 EDO F . -18.28 13.17 15.70
H21 EDO F . -17.68 9.95 13.36
H22 EDO F . -19.26 10.45 13.97
HO2 EDO F . -18.12 8.53 14.86
C1 EDO G . -15.05 33.02 -13.62
O1 EDO G . -16.37 33.10 -14.14
C2 EDO G . -15.10 32.96 -12.08
O2 EDO G . -16.04 32.00 -11.58
H11 EDO G . -14.49 33.90 -13.95
H12 EDO G . -14.55 32.14 -14.01
HO1 EDO G . -16.33 33.21 -15.10
H21 EDO G . -15.38 33.95 -11.69
H22 EDO G . -14.11 32.71 -11.70
HO2 EDO G . -15.56 31.20 -11.31
C1 EDO H . 3.40 -9.32 27.42
O1 EDO H . 3.44 -8.72 28.72
C2 EDO H . 3.87 -8.25 26.46
O2 EDO H . 2.82 -7.28 26.27
H11 EDO H . 2.40 -9.65 27.18
H12 EDO H . 4.06 -10.19 27.38
HO1 EDO H . 2.60 -8.26 28.88
H21 EDO H . 4.13 -8.70 25.50
H22 EDO H . 4.75 -7.75 26.85
HO2 EDO H . 3.09 -6.64 25.60
C1 EDO I . 4.91 -2.45 17.58
C1 EDO I . 4.85 -2.27 17.51
O1 EDO I . 5.94 -2.20 16.62
O1 EDO I . 5.46 -2.10 16.23
C2 EDO I . 3.81 -3.33 16.97
C2 EDO I . 3.54 -3.02 17.30
O2 EDO I . 2.97 -2.55 16.12
O2 EDO I . 3.74 -3.95 16.22
H11 EDO I . 4.47 -1.50 17.88
H11 EDO I . 4.65 -1.29 17.97
H12 EDO I . 5.33 -2.93 18.45
H12 EDO I . 5.50 -2.82 18.18
HO1 EDO I . 6.67 -1.74 17.05
HO1 EDO I . 6.43 -2.05 16.34
H21 EDO I . 3.22 -3.78 17.77
H21 EDO I . 2.74 -2.32 17.05
H22 EDO I . 4.27 -4.15 16.40
H22 EDO I . 3.26 -3.55 18.21
HO2 EDO I . 2.20 -3.08 15.86
HO2 EDO I . 2.92 -4.42 16.05
C1 EDO J . -15.74 -8.79 14.26
O1 EDO J . -15.60 -10.21 14.34
C2 EDO J . -17.20 -8.46 14.52
O2 EDO J . -17.98 -9.04 13.48
H11 EDO J . -15.44 -8.42 13.27
H12 EDO J . -15.11 -8.30 15.01
HO1 EDO J . -14.72 -10.46 14.05
H21 EDO J . -17.34 -7.38 14.54
H22 EDO J . -17.50 -8.86 15.49
HO2 EDO J . -18.89 -8.72 13.54
C1 EDO K . -9.76 2.03 -22.06
C1 EDO K . -9.98 1.58 -22.40
O1 EDO K . -10.15 2.75 -23.22
O1 EDO K . -10.88 2.03 -23.41
C2 EDO K . -10.96 1.62 -21.21
C2 EDO K . -10.81 0.61 -21.59
O2 EDO K . -11.71 2.76 -20.76
O2 EDO K . -11.70 0.08 -22.55
H11 EDO K . -9.08 2.65 -21.46
H11 EDO K . -9.62 2.41 -21.79
H12 EDO K . -9.20 1.13 -22.35
H12 EDO K . -9.11 1.09 -22.84
HO1 EDO K . -9.36 3.12 -23.65
HO1 EDO K . -10.48 1.91 -24.29
H21 EDO K . -10.61 1.06 -20.34
H21 EDO K . -11.34 1.12 -20.78
H22 EDO K . -11.60 0.96 -21.80
H22 EDO K . -10.18 -0.17 -21.15
HO2 EDO K . -11.42 3.02 -19.88
HO2 EDO K . -12.26 -0.58 -22.13
C1 EDO L . -9.84 25.73 -8.55
C1 EDO L . -10.38 25.69 -8.28
O1 EDO L . -9.95 24.61 -7.65
O1 EDO L . -9.87 24.53 -7.63
C2 EDO L . -11.13 26.54 -8.55
C2 EDO L . -9.21 26.64 -8.53
O2 EDO L . -11.46 27.01 -7.25
O2 EDO L . -8.69 27.10 -7.29
H11 EDO L . -9.62 25.37 -9.55
H11 EDO L . -11.13 26.18 -7.65
H12 EDO L . -9.00 26.36 -8.24
H12 EDO L . -10.85 25.41 -9.23
HO1 EDO L . -9.07 24.30 -7.40
HO1 EDO L . -10.52 24.19 -7.00
H21 EDO L . -11.95 25.92 -8.91
H21 EDO L . -9.54 27.48 -9.14
H22 EDO L . -11.01 27.39 -9.22
H22 EDO L . -8.43 26.12 -9.10
HO2 EDO L . -12.39 27.24 -7.23
HO2 EDO L . -7.87 27.58 -7.45
C1 EDO M . 5.13 19.60 23.01
O1 EDO M . 6.21 19.33 23.91
C2 EDO M . 4.33 18.31 22.81
O2 EDO M . 5.23 17.33 22.34
H11 EDO M . 5.52 19.96 22.05
H12 EDO M . 4.49 20.38 23.42
HO1 EDO M . 6.56 20.16 24.26
H21 EDO M . 3.53 18.47 22.08
H22 EDO M . 3.87 18.00 23.75
HO2 EDO M . 4.79 16.47 22.34
C1 EDO N . -16.64 32.37 6.42
O1 EDO N . -15.94 33.04 7.47
C2 EDO N . -15.73 31.34 5.80
O2 EDO N . -14.73 32.01 5.04
H11 EDO N . -16.96 33.09 5.67
H12 EDO N . -17.53 31.89 6.82
HO1 EDO N . -16.58 33.47 8.06
H21 EDO N . -16.29 30.67 5.15
H22 EDO N . -15.26 30.73 6.58
HO2 EDO N . -13.87 31.59 5.20
C1 EDO O . -16.49 32.50 -25.94
C1 EDO O . -16.90 31.75 -25.90
O1 EDO O . -16.84 31.53 -24.95
O1 EDO O . -15.59 32.31 -25.72
C2 EDO O . -17.11 33.85 -25.58
C2 EDO O . -17.97 32.83 -25.70
O2 EDO O . -16.46 34.38 -24.40
O2 EDO O . -17.95 33.30 -24.35
H11 EDO O . -16.85 32.18 -26.92
H11 EDO O . -17.05 30.95 -25.18
H12 EDO O . -15.40 32.59 -26.00
H12 EDO O . -16.98 31.34 -26.91
HO1 EDO O . -16.52 31.81 -24.08
HO1 EDO O . -15.59 32.88 -24.93
H21 EDO O . -18.17 33.73 -25.39
H21 EDO O . -18.95 32.40 -25.94
H22 EDO O . -16.98 34.55 -26.41
H22 EDO O . -17.79 33.66 -26.39
HO2 EDO O . -16.90 35.19 -24.14
HO2 EDO O . -18.79 33.71 -24.15
C1 EDO P . 22.74 -3.73 20.18
O1 EDO P . 22.64 -2.50 20.85
C2 EDO P . 21.36 -4.34 20.14
O2 EDO P . 21.47 -5.68 19.65
H11 EDO P . 23.44 -4.39 20.71
H12 EDO P . 23.12 -3.58 19.17
HO1 EDO P . 23.33 -1.89 20.54
H21 EDO P . 20.71 -3.76 19.49
H22 EDO P . 20.92 -4.35 21.15
HO2 EDO P . 21.39 -5.68 18.68
C1 EDO Q . 14.78 -7.36 9.61
C1 EDO Q . 14.38 -7.81 9.23
O1 EDO Q . 16.16 -7.40 9.97
O1 EDO Q . 14.25 -6.93 10.37
C2 EDO Q . 14.08 -8.65 10.02
C2 EDO Q . 13.73 -9.14 9.58
O2 EDO Q . 14.24 -8.84 11.42
O2 EDO Q . 14.18 -9.55 10.87
H11 EDO Q . 14.68 -7.22 8.53
H11 EDO Q . 15.43 -7.96 8.99
H12 EDO Q . 14.29 -6.52 10.10
H12 EDO Q . 13.89 -7.37 8.36
HO1 EDO Q . 16.56 -6.53 9.81
HO1 EDO Q . 14.73 -6.11 10.19
H21 EDO Q . 14.51 -9.50 9.48
H21 EDO Q . 14.01 -9.89 8.83
H22 EDO Q . 13.02 -8.60 9.76
H22 EDO Q . 12.65 -9.04 9.57
HO2 EDO Q . 13.74 -9.63 11.70
HO2 EDO Q . 13.82 -10.42 11.08
C1 EDO R . -24.37 24.08 12.74
C1 EDO R . -24.48 23.96 12.74
O1 EDO R . -23.43 24.69 13.64
O1 EDO R . -25.66 23.15 12.75
C2 EDO R . -23.69 22.88 12.11
C2 EDO R . -23.34 23.07 12.32
O2 EDO R . -24.44 21.70 12.42
O2 EDO R . -23.65 21.77 12.82
H11 EDO R . -25.26 23.78 13.28
H11 EDO R . -24.30 24.36 13.75
H12 EDO R . -24.66 24.79 11.97
H12 EDO R . -24.59 24.80 12.07
HO1 EDO R . -23.91 25.28 14.24
HO1 EDO R . -26.32 23.55 13.33
H21 EDO R . -23.63 23.01 11.03
H21 EDO R . -23.26 23.05 11.23
H22 EDO R . -22.67 22.78 12.50
H22 EDO R . -22.39 23.43 12.72
HO2 EDO R . -23.83 20.98 12.64
HO2 EDO R . -22.82 21.32 13.06
NA NA S . -24.68 16.57 -11.12
C4 NDQ T . -13.39 -7.56 7.04
C5 NDQ T . -14.38 -8.38 6.43
C2 NDQ T . -12.53 -9.66 7.33
C2' NDQ T . -8.51 -6.60 5.12
C35 NDQ T . -11.21 -7.69 8.13
C4' NDQ T . -9.41 -8.23 6.30
C4A NDQ T . -13.50 -6.08 7.08
C5' NDQ T . -10.21 -7.26 7.05
C6' NDQ T . -10.02 -5.94 6.69
C7' NDQ T . -7.47 -4.93 3.80
N1' NDQ T . -9.17 -5.61 5.72
N3 NDQ T . -12.39 -8.31 7.51
N3' NDQ T . -8.60 -7.86 5.35
N4' NDQ T . -9.44 -9.52 6.58
O2' NDQ T . -7.58 -6.28 4.10
S1 NDQ T . -13.97 -10.07 6.49
C5A NDQ T . -15.63 -7.84 5.79
C5A NDQ T . -15.65 -7.94 5.79
C5B NDQ T . -16.63 -8.81 5.25
C5B NDQ T . -16.59 -9.07 6.01
O11 NDQ T . -17.29 -11.80 4.89
O11 NDQ T . -17.38 -11.47 5.15
O12 NDQ T . -16.20 -11.66 2.83
O12 NDQ T . -18.46 -10.38 3.11
O13 NDQ T . -18.25 -10.09 3.30
O13 NDQ T . -15.92 -10.54 3.07
O21 NDQ T . -18.03 -13.85 5.85
O21 NDQ T . -17.64 -13.94 4.75
O22 NDQ T . -19.73 -12.44 4.65
O22 NDQ T . -19.69 -12.37 4.79
O23 NDQ T . -18.77 -11.66 6.81
O23 NDQ T . -18.40 -12.97 6.87
O5G NDQ T . -16.03 -9.76 4.39
O5G NDQ T . -17.33 -9.13 4.82
P1 NDQ T . -17.00 -10.80 3.77
P1 NDQ T . -17.19 -10.44 3.92
P2 NDQ T . -18.57 -12.49 5.57
P2 NDQ T . -18.36 -12.77 5.39
CA CA U . -20.46 -10.86 3.19
O1 5SP V . 5.13 9.08 -13.34
C2 5SP V . 6.30 9.10 -14.15
C3 5SP V . 5.97 9.23 -15.63
O4 5SP V . 4.84 9.51 -15.98
C5 5SP V . 7.09 9.14 -16.62
C6 5SP V . 8.30 9.91 -16.09
C7 5SP V . 9.46 9.98 -17.08
O8 5SP V . 9.99 8.69 -17.32
P9 5SP V . 11.58 8.46 -17.23
O10 5SP V . 11.76 7.01 -17.63
O11 5SP V . 12.21 9.43 -18.22
O12 5SP V . 12.01 8.74 -15.82
O13 5SP V . 6.59 9.72 -17.80
O14 5SP V . 7.86 11.21 -15.78
C1 EDO W . 9.99 -11.46 -20.14
O1 EDO W . 10.86 -10.44 -20.49
C2 EDO W . 10.69 -12.68 -19.63
O2 EDO W . 11.41 -13.25 -20.72
H11 EDO W . 9.39 -11.72 -21.01
H12 EDO W . 9.31 -11.10 -19.36
HO1 EDO W . 10.41 -9.59 -20.44
H21 EDO W . 9.97 -13.41 -19.25
H22 EDO W . 11.37 -12.42 -18.82
HO2 EDO W . 11.89 -14.03 -20.41
C1 EDO X . -29.85 -29.93 25.84
O1 EDO X . -28.75 -30.31 26.65
C2 EDO X . -29.63 -30.43 24.42
O2 EDO X . -28.53 -29.73 23.85
H11 EDO X . -29.96 -28.84 25.83
H12 EDO X . -30.77 -30.36 26.24
HO1 EDO X . -28.98 -30.22 27.58
H21 EDO X . -30.53 -30.26 23.83
H22 EDO X . -29.43 -31.50 24.42
HO2 EDO X . -28.39 -30.04 22.95
C1 EDO Y . 28.52 -17.67 3.52
O1 EDO Y . 27.70 -16.87 4.38
C2 EDO Y . 27.79 -17.95 2.24
O2 EDO Y . 27.70 -16.70 1.56
H11 EDO Y . 28.75 -18.62 4.02
H12 EDO Y . 29.46 -17.16 3.31
HO1 EDO Y . 28.26 -16.48 5.08
H21 EDO Y . 26.79 -18.34 2.44
H22 EDO Y . 28.32 -18.68 1.63
HO2 EDO Y . 27.07 -16.77 0.82
C1 EDO Z . 17.48 4.35 -0.66
C1 EDO Z . 17.62 4.85 -0.46
O1 EDO Z . 16.62 4.29 0.49
O1 EDO Z . 16.96 4.66 0.80
C2 EDO Z . 16.67 4.89 -1.82
C2 EDO Z . 16.65 5.45 -1.47
O2 EDO Z . 15.85 5.96 -1.34
O2 EDO Z . 15.70 4.47 -1.93
H11 EDO Z . 17.87 3.36 -0.90
H11 EDO Z . 17.99 3.88 -0.82
H12 EDO Z . 18.33 5.00 -0.45
H12 EDO Z . 18.47 5.50 -0.32
HO1 EDO Z . 17.16 4.09 1.27
HO1 EDO Z . 17.60 4.39 1.47
H21 EDO Z . 16.06 4.10 -2.26
H21 EDO Z . 17.22 5.83 -2.32
H22 EDO Z . 17.35 5.26 -2.61
H22 EDO Z . 16.12 6.29 -1.01
HO2 EDO Z . 15.34 6.33 -2.08
HO2 EDO Z . 15.14 4.85 -2.63
C1 EDO AA . -8.32 -25.27 22.26
O1 EDO AA . -8.05 -26.24 21.24
C2 EDO AA . -8.30 -26.00 23.61
O2 EDO AA . -9.30 -27.01 23.64
H11 EDO AA . -9.30 -24.82 22.10
H12 EDO AA . -7.57 -24.48 22.25
HO1 EDO AA . -8.16 -25.82 20.37
H21 EDO AA . -8.47 -25.28 24.41
H22 EDO AA . -7.32 -26.45 23.75
HO2 EDO AA . -9.51 -27.23 24.56
C1 EDO BA . 19.44 -17.69 1.84
O1 EDO BA . 19.51 -16.78 2.92
C2 EDO BA . 18.48 -17.17 0.79
O2 EDO BA . 17.14 -16.98 1.32
H11 EDO BA . 19.10 -18.67 2.21
H12 EDO BA . 20.43 -17.84 1.40
HO1 EDO BA . 19.90 -17.21 3.69
H21 EDO BA . 18.43 -17.87 -0.04
H22 EDO BA . 18.85 -16.22 0.41
HO2 EDO BA . 16.51 -17.04 0.61
C1 EDO CA . 25.57 12.35 -5.39
O1 EDO CA . 26.86 11.92 -5.79
C2 EDO CA . 24.95 11.23 -4.56
O2 EDO CA . 24.68 10.10 -5.38
H11 EDO CA . 24.96 12.56 -6.26
H12 EDO CA . 25.64 13.26 -4.79
HO1 EDO CA . 27.33 12.65 -6.20
H21 EDO CA . 24.02 11.59 -4.11
H22 EDO CA . 25.63 10.94 -3.76
HO2 EDO CA . 24.29 9.39 -4.84
C1 EDO DA . -6.96 -27.92 -4.12
C1 EDO DA . -6.73 -28.70 -3.45
O1 EDO DA . -6.42 -26.67 -4.59
O1 EDO DA . -5.32 -28.89 -3.24
C2 EDO DA . -7.32 -28.83 -5.29
C2 EDO DA . -6.99 -27.97 -4.77
O2 EDO DA . -6.16 -29.24 -5.98
O2 EDO DA . -6.37 -26.68 -4.71
H11 EDO DA . -7.85 -27.74 -3.52
H11 EDO DA . -7.15 -28.11 -2.62
H12 EDO DA . -6.22 -28.42 -3.50
H12 EDO DA . -7.23 -29.67 -3.46
HO1 EDO DA . -5.95 -26.24 -3.86
HO1 EDO DA . -5.17 -29.20 -2.33
H21 EDO DA . -7.98 -28.29 -5.98
H21 EDO DA . -8.07 -27.85 -4.92
H22 EDO DA . -7.86 -29.70 -4.92
H22 EDO DA . -6.59 -28.54 -5.60
HO2 EDO DA . -6.40 -29.59 -6.84
HO2 EDO DA . -6.12 -26.41 -5.60
C1 EDO EA . -27.31 -37.44 10.26
O1 EDO EA . -27.80 -36.57 11.28
C2 EDO EA . -26.55 -36.65 9.22
O2 EDO EA . -27.48 -35.73 8.60
H11 EDO EA . -28.14 -37.97 9.79
H12 EDO EA . -26.64 -38.19 10.70
HO1 EDO EA . -28.61 -36.94 11.65
H21 EDO EA . -26.13 -37.31 8.47
H22 EDO EA . -25.74 -36.10 9.69
HO2 EDO EA . -27.08 -35.38 7.79
C1 EDO FA . -5.53 -11.71 -24.91
O1 EDO FA . -4.85 -12.78 -24.24
C2 EDO FA . -6.93 -12.15 -25.28
O2 EDO FA . -6.89 -13.19 -26.28
H11 EDO FA . -4.97 -11.44 -25.81
H12 EDO FA . -5.56 -10.84 -24.26
HO1 EDO FA . -4.18 -13.16 -24.83
H21 EDO FA . -7.48 -11.29 -25.67
H22 EDO FA . -7.45 -12.51 -24.39
HO2 EDO FA . -7.77 -13.32 -26.64
C1 EDO GA . 42.33 0.39 19.64
C1 EDO GA . 42.87 0.37 18.85
O1 EDO GA . 43.39 -0.54 19.77
O1 EDO GA . 43.79 -0.18 19.77
C2 EDO GA . 40.97 -0.27 19.63
C2 EDO GA . 41.55 0.30 19.58
O2 EDO GA . 40.02 0.79 19.46
O2 EDO GA . 41.06 -0.99 19.25
H11 EDO GA . 42.45 0.96 18.71
H11 EDO GA . 42.85 -0.21 17.92
H12 EDO GA . 42.37 1.10 20.47
H12 EDO GA . 43.12 1.40 18.60
HO1 EDO GA . 44.23 -0.08 19.71
HO1 EDO GA . 44.47 -0.67 19.29
H21 EDO GA . 40.79 -0.81 20.56
H21 EDO GA . 40.86 1.07 19.25
H22 EDO GA . 40.90 -1.00 18.82
H22 EDO GA . 41.68 0.41 20.66
HO2 EDO GA . 39.13 0.46 19.65
HO2 EDO GA . 40.20 -1.13 19.67
C1 EDO HA . 6.10 -33.82 -14.32
O1 EDO HA . 7.38 -34.29 -13.88
C2 EDO HA . 5.67 -32.69 -13.40
O2 EDO HA . 5.32 -33.25 -12.15
H11 EDO HA . 5.37 -34.64 -14.28
H12 EDO HA . 6.16 -33.48 -15.35
HO1 EDO HA . 7.78 -34.83 -14.57
H21 EDO HA . 4.83 -32.15 -13.84
H22 EDO HA . 6.49 -31.98 -13.28
HO2 EDO HA . 5.68 -32.70 -11.44
C1 EDO IA . 25.17 -19.17 -0.81
C1 EDO IA . 24.82 -19.45 -0.95
O1 EDO IA . 24.22 -19.97 -1.50
O1 EDO IA . 24.89 -18.61 -2.10
C2 EDO IA . 24.56 -18.71 0.50
C2 EDO IA . 24.57 -18.54 0.23
O2 EDO IA . 23.29 -18.10 0.23
O2 EDO IA . 24.38 -19.30 1.41
H11 EDO IA . 25.45 -18.31 -1.42
H11 EDO IA . 25.75 -20.01 -0.83
H12 EDO IA . 26.08 -19.74 -0.62
H12 EDO IA . 24.00 -20.17 -1.06
HO1 EDO IA . 24.20 -19.72 -2.43
HO1 EDO IA . 25.80 -18.50 -2.36
H21 EDO IA . 25.22 -17.99 0.99
H21 EDO IA . 23.69 -17.91 0.04
H22 EDO IA . 24.41 -19.56 1.16
H22 EDO IA . 25.43 -17.87 0.36
HO2 EDO IA . 22.88 -17.82 1.06
HO2 EDO IA . 23.80 -18.82 2.01
NA NA JA . -15.04 -21.22 -18.46
#